data_3OTP
#
_entry.id   3OTP
#
_cell.length_a   215.427
_cell.length_b   122.758
_cell.length_c   138.739
_cell.angle_alpha   90.000
_cell.angle_beta   117.980
_cell.angle_gamma   90.000
#
_symmetry.space_group_name_H-M   'C 1 2 1'
#
loop_
_entity.id
_entity.type
_entity.pdbx_description
1 polymer 'Protease do'
2 polymer 'Lysozyme C'
#
loop_
_entity_poly.entity_id
_entity_poly.type
_entity_poly.pdbx_seq_one_letter_code
_entity_poly.pdbx_strand_id
1 'polypeptide(L)'
;AETSSATTAQQMPSLAPMLEKVMPSVVSINVEGSTTVNTPRMPRNFQQFFGDDSPFCQEGSPFQSSPFCQGGQGGNGGGQ
QQKFMALGSGVIIDADKGYVVTNNHVVDNATVIKVQLSDGRKFDAKMVGKDPRSDIALIQIQNPKNLTAIKMADSDALRV
GDYTVAIGNPFGLGETVTSGIVSALGRSGLNAENYENFIQTDAAINRGNAGGALVNLNGELIGINTAILAPDGGNIGIGF
AIPSNMVKNLTSQMVEYGQVKRGELGIMGTELNSELAKAMKVDAQRGAFVSQVLPNSSAAKAGIKAGDVITSLNGKPISS
FAALRAQVGTMPVGSKLTLGLLRDGKQVNVNLELQQSSQNQVDSSSIFNGIEGAEMSNKGKDQGVVVNNVKTGTPAAQIG
LKKGDVIIGANQQAVKNIAELRKVLDSKPSVLALNIQRGDSTIYLLMQAAALEHHHHHH
;
A,B,C,D,E,F
2 'polypeptide(L)' GTGDNYRGYSLGNWVSAAKFESNFNTQATNRNTDGSTDYGILQI G,H,I,J,K,L
#
# COMPACT_ATOMS: atom_id res chain seq x y z
N ALA A 9 3.04 -30.14 54.31
CA ALA A 9 2.52 -31.29 53.56
C ALA A 9 1.00 -31.21 53.42
N GLN A 10 0.52 -31.42 52.19
CA GLN A 10 -0.91 -31.46 51.91
C GLN A 10 -1.18 -31.92 50.48
N GLN A 11 -2.42 -31.73 50.02
CA GLN A 11 -2.83 -32.21 48.70
C GLN A 11 -3.74 -31.20 47.99
N MET A 12 -3.29 -30.71 46.84
CA MET A 12 -4.02 -29.67 46.11
C MET A 12 -4.75 -30.21 44.87
N PRO A 13 -5.92 -29.63 44.55
CA PRO A 13 -6.66 -29.90 43.32
C PRO A 13 -5.90 -29.37 42.10
N SER A 14 -5.88 -30.14 41.01
CA SER A 14 -5.14 -29.75 39.82
C SER A 14 -5.68 -30.37 38.53
N LEU A 15 -5.50 -29.65 37.42
CA LEU A 15 -5.89 -30.16 36.12
C LEU A 15 -4.73 -30.94 35.49
N ALA A 16 -3.54 -30.76 36.04
CA ALA A 16 -2.33 -31.40 35.52
C ALA A 16 -2.50 -32.89 35.22
N PRO A 17 -3.03 -33.67 36.18
CA PRO A 17 -3.20 -35.11 35.96
C PRO A 17 -3.96 -35.38 34.66
N MET A 18 -5.07 -34.67 34.47
CA MET A 18 -5.90 -34.85 33.29
C MET A 18 -5.21 -34.33 32.04
N LEU A 19 -4.50 -33.23 32.16
CA LEU A 19 -3.89 -32.59 31.00
C LEU A 19 -2.72 -33.37 30.41
N GLU A 20 -1.94 -34.02 31.25
CA GLU A 20 -0.76 -34.73 30.77
C GLU A 20 -1.14 -35.87 29.83
N LYS A 21 -2.38 -36.34 29.95
CA LYS A 21 -2.89 -37.41 29.09
C LYS A 21 -3.49 -36.85 27.81
N VAL A 22 -4.10 -35.68 27.90
CA VAL A 22 -4.84 -35.12 26.78
C VAL A 22 -3.99 -34.25 25.86
N MET A 23 -3.25 -33.32 26.44
CA MET A 23 -2.32 -32.47 25.68
C MET A 23 -1.56 -33.07 24.46
N PRO A 24 -1.01 -34.29 24.59
CA PRO A 24 -0.42 -34.80 23.35
C PRO A 24 -1.42 -34.87 22.18
N SER A 25 -2.70 -34.90 22.51
CA SER A 25 -3.76 -35.02 21.51
C SER A 25 -3.99 -33.73 20.72
N VAL A 26 -3.51 -32.61 21.27
CA VAL A 26 -3.68 -31.33 20.61
C VAL A 26 -2.38 -30.91 19.92
N VAL A 27 -2.48 -30.63 18.63
CA VAL A 27 -1.32 -30.20 17.87
C VAL A 27 -1.50 -28.76 17.41
N SER A 28 -0.42 -28.18 16.88
CA SER A 28 -0.47 -26.84 16.35
C SER A 28 -0.14 -26.87 14.86
N ILE A 29 -0.89 -26.12 14.08
CA ILE A 29 -0.77 -26.17 12.62
C ILE A 29 -0.12 -24.91 12.05
N ASN A 30 0.88 -25.10 11.20
CA ASN A 30 1.50 -24.02 10.46
C ASN A 30 1.19 -24.11 8.97
N VAL A 31 0.80 -22.99 8.38
CA VAL A 31 0.31 -22.99 7.00
C VAL A 31 0.93 -21.91 6.12
N GLU A 32 1.24 -22.27 4.88
CA GLU A 32 1.72 -21.31 3.88
C GLU A 32 0.78 -21.28 2.69
N GLN A 82 0.81 -13.27 -4.27
CA GLN A 82 0.33 -12.86 -2.96
C GLN A 82 0.39 -14.00 -1.96
N LYS A 83 1.57 -14.22 -1.39
CA LYS A 83 1.77 -15.29 -0.42
C LYS A 83 1.41 -14.84 1.00
N PHE A 84 0.89 -15.76 1.80
CA PHE A 84 0.54 -15.47 3.18
C PHE A 84 0.96 -16.61 4.11
N MET A 85 1.09 -16.30 5.40
CA MET A 85 1.43 -17.30 6.40
C MET A 85 0.48 -17.24 7.58
N ALA A 86 -0.03 -18.40 8.00
CA ALA A 86 -0.99 -18.47 9.09
C ALA A 86 -0.66 -19.63 10.03
N LEU A 87 -1.21 -19.57 11.24
CA LEU A 87 -1.03 -20.65 12.20
C LEU A 87 -2.24 -20.78 13.12
N GLY A 88 -2.48 -22.02 13.58
CA GLY A 88 -3.61 -22.30 14.45
C GLY A 88 -3.38 -23.60 15.19
N SER A 89 -4.47 -24.28 15.53
CA SER A 89 -4.38 -25.54 16.27
C SER A 89 -5.23 -26.62 15.63
N GLY A 90 -5.01 -27.86 16.06
CA GLY A 90 -5.78 -28.99 15.57
C GLY A 90 -5.86 -30.07 16.63
N VAL A 91 -6.79 -31.00 16.43
CA VAL A 91 -6.96 -32.11 17.35
C VAL A 91 -6.87 -33.45 16.63
N ILE A 92 -6.10 -34.37 17.20
CA ILE A 92 -5.95 -35.71 16.64
C ILE A 92 -7.18 -36.58 16.90
N ILE A 93 -7.94 -36.86 15.84
CA ILE A 93 -9.16 -37.65 15.95
C ILE A 93 -8.87 -39.15 15.85
N ASP A 94 -7.95 -39.50 14.95
CA ASP A 94 -7.56 -40.89 14.76
C ASP A 94 -6.04 -41.02 14.82
N ALA A 95 -5.55 -41.52 15.95
CA ALA A 95 -4.11 -41.64 16.17
C ALA A 95 -3.47 -42.44 15.05
N ASP A 96 -4.15 -43.49 14.63
CA ASP A 96 -3.61 -44.43 13.66
C ASP A 96 -3.53 -43.85 12.26
N LYS A 97 -4.66 -43.31 11.77
CA LYS A 97 -4.75 -42.76 10.43
C LYS A 97 -4.11 -41.37 10.34
N GLY A 98 -3.87 -40.76 11.49
CA GLY A 98 -3.30 -39.43 11.55
C GLY A 98 -4.27 -38.35 11.12
N TYR A 99 -5.55 -38.57 11.42
CA TYR A 99 -6.59 -37.59 11.11
C TYR A 99 -6.59 -36.45 12.12
N VAL A 100 -6.59 -35.22 11.62
CA VAL A 100 -6.63 -34.04 12.48
C VAL A 100 -7.73 -33.08 12.04
N VAL A 101 -8.62 -32.74 12.96
CA VAL A 101 -9.66 -31.76 12.69
C VAL A 101 -9.17 -30.37 13.03
N THR A 102 -9.72 -29.36 12.36
CA THR A 102 -9.35 -27.98 12.62
C THR A 102 -10.38 -27.05 11.97
N ASN A 103 -10.18 -25.75 12.11
CA ASN A 103 -11.07 -24.79 11.48
C ASN A 103 -10.76 -24.64 10.00
N ASN A 104 -11.80 -24.63 9.18
CA ASN A 104 -11.64 -24.47 7.74
C ASN A 104 -10.95 -23.17 7.38
N HIS A 105 -11.10 -22.15 8.24
CA HIS A 105 -10.50 -20.85 7.97
C HIS A 105 -9.03 -20.81 8.37
N VAL A 106 -8.53 -21.90 8.95
CA VAL A 106 -7.13 -22.00 9.33
C VAL A 106 -6.30 -22.60 8.22
N VAL A 107 -6.93 -23.48 7.44
CA VAL A 107 -6.21 -24.24 6.42
C VAL A 107 -6.75 -23.92 5.03
N ASP A 108 -7.59 -22.89 4.94
CA ASP A 108 -8.15 -22.49 3.66
C ASP A 108 -7.08 -21.91 2.74
N ASN A 109 -7.15 -22.26 1.46
CA ASN A 109 -6.17 -21.79 0.49
C ASN A 109 -4.75 -22.08 0.93
N ALA A 110 -4.49 -23.33 1.33
CA ALA A 110 -3.19 -23.72 1.85
C ALA A 110 -2.40 -24.54 0.84
N THR A 111 -1.18 -24.10 0.55
CA THR A 111 -0.29 -24.82 -0.34
C THR A 111 0.56 -25.82 0.45
N VAL A 112 0.99 -25.40 1.63
CA VAL A 112 1.80 -26.25 2.51
C VAL A 112 1.19 -26.32 3.91
N ILE A 113 1.09 -27.53 4.45
CA ILE A 113 0.53 -27.74 5.78
C ILE A 113 1.45 -28.61 6.63
N LYS A 114 1.97 -28.04 7.71
CA LYS A 114 2.85 -28.78 8.61
C LYS A 114 2.29 -28.80 10.03
N VAL A 115 2.31 -29.98 10.64
CA VAL A 115 1.77 -30.16 11.99
C VAL A 115 2.89 -30.40 13.01
N GLN A 116 2.83 -29.69 14.13
CA GLN A 116 3.83 -29.85 15.18
C GLN A 116 3.22 -30.35 16.49
N LEU A 117 3.66 -31.52 16.92
CA LEU A 117 3.11 -32.15 18.13
C LEU A 117 3.55 -31.46 19.40
N SER A 118 3.01 -31.92 20.52
CA SER A 118 3.34 -31.35 21.82
C SER A 118 4.78 -31.64 22.22
N ASP A 119 5.33 -32.74 21.71
CA ASP A 119 6.69 -33.13 22.03
C ASP A 119 7.71 -32.48 21.11
N GLY A 120 7.22 -31.72 20.12
CA GLY A 120 8.10 -30.97 19.24
C GLY A 120 8.25 -31.57 17.85
N ARG A 121 7.77 -32.80 17.67
CA ARG A 121 7.89 -33.49 16.39
C ARG A 121 7.09 -32.80 15.28
N LYS A 122 7.70 -32.68 14.11
CA LYS A 122 7.02 -32.08 12.96
C LYS A 122 6.63 -33.13 11.92
N PHE A 123 5.49 -32.91 11.27
CA PHE A 123 5.02 -33.77 10.21
C PHE A 123 4.47 -32.91 9.09
N ASP A 124 4.26 -33.51 7.92
CA ASP A 124 3.56 -32.82 6.85
C ASP A 124 2.16 -33.38 6.72
N ALA A 125 1.19 -32.50 6.48
CA ALA A 125 -0.19 -32.93 6.40
C ALA A 125 -0.82 -32.56 5.06
N LYS A 126 -1.75 -33.39 4.62
CA LYS A 126 -2.48 -33.13 3.39
C LYS A 126 -3.96 -32.97 3.69
N MET A 127 -4.62 -32.09 2.93
CA MET A 127 -6.05 -31.86 3.12
C MET A 127 -6.85 -33.13 2.84
N VAL A 128 -7.88 -33.36 3.64
CA VAL A 128 -8.75 -34.52 3.46
C VAL A 128 -10.16 -34.06 3.11
N GLY A 129 -10.63 -33.06 3.84
CA GLY A 129 -11.97 -32.51 3.62
C GLY A 129 -12.09 -31.12 4.22
N LYS A 130 -13.06 -30.36 3.75
CA LYS A 130 -13.28 -29.02 4.24
C LYS A 130 -14.74 -28.62 4.03
N ASP A 131 -15.28 -27.86 4.96
CA ASP A 131 -16.66 -27.41 4.87
C ASP A 131 -16.81 -25.99 5.42
N PRO A 132 -16.69 -24.99 4.53
CA PRO A 132 -16.75 -23.58 4.88
C PRO A 132 -18.03 -23.19 5.62
N ARG A 133 -19.14 -23.81 5.25
CA ARG A 133 -20.43 -23.50 5.88
C ARG A 133 -20.39 -23.75 7.39
N SER A 134 -19.62 -24.74 7.82
CA SER A 134 -19.52 -25.08 9.24
C SER A 134 -18.13 -24.78 9.79
N ASP A 135 -17.25 -24.28 8.92
CA ASP A 135 -15.91 -23.89 9.32
C ASP A 135 -15.14 -25.05 9.95
N ILE A 136 -15.45 -26.27 9.51
CA ILE A 136 -14.73 -27.44 9.96
C ILE A 136 -13.93 -28.03 8.81
N ALA A 137 -12.67 -28.31 9.05
CA ALA A 137 -11.84 -28.96 8.04
C ALA A 137 -11.09 -30.15 8.64
N LEU A 138 -10.76 -31.11 7.80
CA LEU A 138 -10.05 -32.30 8.25
C LEU A 138 -8.78 -32.50 7.43
N ILE A 139 -7.67 -32.70 8.11
CA ILE A 139 -6.41 -32.97 7.44
C ILE A 139 -5.87 -34.32 7.90
N GLN A 140 -4.83 -34.80 7.23
CA GLN A 140 -4.24 -36.08 7.60
C GLN A 140 -2.72 -35.97 7.68
N ILE A 141 -2.16 -36.43 8.79
CA ILE A 141 -0.72 -36.44 8.99
C ILE A 141 -0.09 -37.49 8.10
N GLN A 142 0.93 -37.09 7.34
CA GLN A 142 1.66 -38.03 6.50
C GLN A 142 2.67 -38.79 7.36
N ASN A 143 2.72 -40.11 7.17
CA ASN A 143 3.60 -40.96 7.97
C ASN A 143 3.35 -40.87 9.47
N PRO A 144 2.13 -41.19 9.90
CA PRO A 144 1.71 -41.12 11.30
C PRO A 144 2.47 -42.12 12.16
N LYS A 145 3.21 -41.62 13.15
CA LYS A 145 3.99 -42.49 14.02
C LYS A 145 3.80 -42.16 15.50
N ASN A 146 3.24 -43.10 16.24
CA ASN A 146 3.10 -42.96 17.68
C ASN A 146 2.33 -41.70 18.11
N LEU A 147 1.09 -41.58 17.63
CA LEU A 147 0.26 -40.43 17.95
C LEU A 147 -0.70 -40.74 19.09
N THR A 148 -1.32 -39.69 19.62
CA THR A 148 -2.36 -39.84 20.63
C THR A 148 -3.64 -39.13 20.22
N ALA A 149 -4.74 -39.88 20.15
CA ALA A 149 -6.02 -39.30 19.77
C ALA A 149 -6.81 -38.93 21.01
N ILE A 150 -7.81 -38.08 20.84
CA ILE A 150 -8.66 -37.64 21.96
C ILE A 150 -10.02 -38.32 21.91
N LYS A 151 -10.58 -38.58 23.08
CA LYS A 151 -11.91 -39.17 23.15
C LYS A 151 -12.95 -38.05 23.14
N MET A 152 -13.99 -38.22 22.34
CA MET A 152 -15.04 -37.20 22.24
C MET A 152 -16.17 -37.49 23.21
N ALA A 153 -16.74 -36.43 23.78
CA ALA A 153 -17.87 -36.56 24.69
C ALA A 153 -19.15 -36.10 23.98
N ASP A 154 -20.29 -36.52 24.50
CA ASP A 154 -21.56 -36.14 23.89
C ASP A 154 -21.92 -34.72 24.25
N SER A 155 -21.73 -33.80 23.30
CA SER A 155 -21.95 -32.38 23.56
C SER A 155 -23.39 -32.08 23.95
N ASP A 156 -24.28 -33.04 23.73
CA ASP A 156 -25.68 -32.86 24.07
C ASP A 156 -25.94 -33.02 25.56
N ALA A 157 -24.89 -33.35 26.30
CA ALA A 157 -25.00 -33.50 27.75
C ALA A 157 -24.55 -32.23 28.46
N LEU A 158 -23.87 -31.35 27.72
CA LEU A 158 -23.35 -30.12 28.28
C LEU A 158 -24.45 -29.25 28.88
N ARG A 159 -24.11 -28.57 29.98
CA ARG A 159 -25.03 -27.66 30.65
C ARG A 159 -24.29 -26.40 31.04
N VAL A 160 -24.92 -25.25 30.86
CA VAL A 160 -24.31 -24.00 31.27
C VAL A 160 -23.90 -24.11 32.73
N GLY A 161 -22.61 -23.96 32.99
CA GLY A 161 -22.09 -24.09 34.34
C GLY A 161 -20.99 -25.14 34.41
N ASP A 162 -20.98 -26.04 33.43
CA ASP A 162 -19.95 -27.07 33.35
C ASP A 162 -18.59 -26.43 33.14
N TYR A 163 -17.56 -26.99 33.77
CA TYR A 163 -16.22 -26.43 33.67
C TYR A 163 -15.57 -26.82 32.35
N THR A 164 -14.89 -25.86 31.72
CA THR A 164 -14.24 -26.10 30.43
C THR A 164 -12.75 -25.77 30.43
N VAL A 165 -12.00 -26.48 29.60
CA VAL A 165 -10.57 -26.23 29.45
C VAL A 165 -10.20 -26.12 27.97
N ALA A 166 -9.57 -25.00 27.60
CA ALA A 166 -9.19 -24.76 26.22
C ALA A 166 -7.71 -25.02 26.01
N ILE A 167 -7.38 -25.64 24.87
CA ILE A 167 -6.00 -25.95 24.53
C ILE A 167 -5.72 -25.56 23.09
N GLY A 168 -4.65 -24.81 22.87
CA GLY A 168 -4.32 -24.35 21.54
C GLY A 168 -2.95 -23.71 21.45
N ASN A 169 -2.77 -22.88 20.43
CA ASN A 169 -1.49 -22.21 20.20
C ASN A 169 -1.66 -20.72 19.93
N PRO A 170 -1.94 -19.94 20.99
CA PRO A 170 -2.14 -18.50 20.88
C PRO A 170 -0.87 -17.77 20.47
N PHE A 171 -0.93 -17.01 19.38
CA PHE A 171 0.20 -16.21 18.93
C PHE A 171 1.45 -17.06 18.68
N GLY A 172 1.24 -18.35 18.42
CA GLY A 172 2.35 -19.25 18.15
C GLY A 172 3.27 -19.47 19.33
N LEU A 173 2.82 -19.08 20.52
CA LEU A 173 3.62 -19.26 21.73
C LEU A 173 3.93 -20.73 21.99
N GLY A 174 2.99 -21.59 21.63
CA GLY A 174 3.11 -23.01 21.90
C GLY A 174 1.83 -23.50 22.54
N GLU A 175 1.78 -24.80 22.84
CA GLU A 175 0.59 -25.37 23.45
C GLU A 175 0.30 -24.65 24.76
N THR A 176 -0.85 -23.97 24.82
CA THR A 176 -1.22 -23.19 25.99
C THR A 176 -2.58 -23.66 26.50
N VAL A 177 -2.69 -23.83 27.81
CA VAL A 177 -3.95 -24.28 28.40
C VAL A 177 -4.60 -23.20 29.23
N THR A 178 -5.89 -22.95 28.96
CA THR A 178 -6.67 -22.01 29.75
C THR A 178 -7.97 -22.68 30.17
N SER A 179 -8.60 -22.15 31.22
CA SER A 179 -9.82 -22.78 31.74
C SER A 179 -10.97 -21.80 31.78
N GLY A 180 -12.14 -22.31 32.16
CA GLY A 180 -13.34 -21.49 32.25
C GLY A 180 -14.59 -22.33 32.47
N ILE A 181 -15.73 -21.80 32.04
CA ILE A 181 -16.99 -22.52 32.15
C ILE A 181 -17.85 -22.30 30.91
N VAL A 182 -18.85 -23.15 30.75
CA VAL A 182 -19.81 -22.99 29.66
C VAL A 182 -20.68 -21.77 29.94
N SER A 183 -20.44 -20.68 29.24
CA SER A 183 -21.20 -19.45 29.44
C SER A 183 -22.63 -19.60 28.93
N ALA A 184 -22.77 -20.20 27.75
CA ALA A 184 -24.07 -20.40 27.15
C ALA A 184 -23.99 -21.45 26.05
N LEU A 185 -25.15 -21.89 25.57
CA LEU A 185 -25.20 -22.91 24.55
C LEU A 185 -26.11 -22.53 23.39
N GLY A 186 -25.80 -23.05 22.21
CA GLY A 186 -26.63 -22.82 21.04
C GLY A 186 -26.61 -21.38 20.57
N ARG A 187 -25.49 -20.71 20.80
CA ARG A 187 -25.31 -19.35 20.32
C ARG A 187 -25.07 -19.32 18.82
N SER A 188 -25.70 -18.37 18.14
CA SER A 188 -25.56 -18.25 16.69
C SER A 188 -25.88 -16.82 16.24
N GLY A 189 -25.46 -16.47 15.03
CA GLY A 189 -25.74 -15.16 14.48
C GLY A 189 -24.50 -14.42 14.03
N LEU A 190 -23.32 -15.01 14.24
CA LEU A 190 -22.07 -14.40 13.83
C LEU A 190 -21.98 -14.34 12.30
N ASN A 191 -22.57 -15.34 11.65
CA ASN A 191 -22.71 -15.36 10.20
C ASN A 191 -23.93 -16.17 9.80
N ALA A 192 -25.01 -15.47 9.45
CA ALA A 192 -26.31 -16.10 9.22
C ALA A 192 -26.31 -17.22 8.20
N GLU A 193 -25.34 -17.22 7.29
CA GLU A 193 -25.28 -18.23 6.24
C GLU A 193 -24.60 -19.52 6.69
N ASN A 194 -23.86 -19.43 7.79
CA ASN A 194 -23.13 -20.58 8.32
C ASN A 194 -23.99 -21.43 9.24
N TYR A 195 -23.61 -22.71 9.37
CA TYR A 195 -24.25 -23.60 10.33
C TYR A 195 -23.53 -23.45 11.67
N GLU A 196 -24.14 -22.72 12.59
CA GLU A 196 -23.51 -22.45 13.88
C GLU A 196 -24.42 -22.77 15.05
N ASN A 197 -23.92 -23.58 15.97
CA ASN A 197 -24.66 -23.94 17.17
C ASN A 197 -23.73 -23.80 18.36
N PHE A 198 -22.96 -22.73 18.35
CA PHE A 198 -21.81 -22.56 19.24
C PHE A 198 -22.04 -22.87 20.72
N ILE A 199 -20.97 -23.33 21.35
CA ILE A 199 -20.87 -23.35 22.80
C ILE A 199 -20.13 -22.08 23.16
N GLN A 200 -20.58 -21.39 24.20
CA GLN A 200 -19.88 -20.18 24.63
C GLN A 200 -19.12 -20.45 25.92
N THR A 201 -17.92 -19.89 26.02
CA THR A 201 -17.07 -20.09 27.19
C THR A 201 -16.21 -18.88 27.50
N ASP A 202 -15.96 -18.65 28.78
CA ASP A 202 -15.13 -17.53 29.21
C ASP A 202 -13.67 -17.94 29.29
N ALA A 203 -13.37 -19.15 28.85
CA ALA A 203 -11.99 -19.63 28.81
C ALA A 203 -11.17 -18.84 27.81
N ALA A 204 -9.96 -18.45 28.23
CA ALA A 204 -9.09 -17.62 27.41
C ALA A 204 -8.81 -18.19 26.02
N ILE A 205 -9.32 -17.51 25.00
CA ILE A 205 -9.09 -17.91 23.61
C ILE A 205 -8.65 -16.71 22.77
N ASN A 206 -7.51 -16.83 22.10
CA ASN A 206 -7.02 -15.77 21.23
C ASN A 206 -6.60 -16.30 19.86
N ARG A 207 -6.08 -15.41 19.02
CA ARG A 207 -5.56 -15.79 17.71
C ARG A 207 -4.57 -16.95 17.83
N GLY A 208 -4.91 -18.07 17.20
CA GLY A 208 -4.08 -19.25 17.28
C GLY A 208 -4.84 -20.42 17.88
N ASN A 209 -5.76 -20.10 18.80
CA ASN A 209 -6.56 -21.12 19.47
C ASN A 209 -7.49 -21.86 18.52
N ALA A 210 -7.75 -21.25 17.36
CA ALA A 210 -8.68 -21.83 16.38
C ALA A 210 -8.29 -23.25 16.00
N GLY A 211 -9.29 -24.12 15.91
CA GLY A 211 -9.05 -25.53 15.64
C GLY A 211 -8.64 -26.27 16.90
N GLY A 212 -8.36 -25.50 17.95
CA GLY A 212 -7.95 -26.04 19.23
C GLY A 212 -9.04 -26.86 19.88
N ALA A 213 -8.73 -27.47 21.02
CA ALA A 213 -9.67 -28.34 21.70
C ALA A 213 -10.33 -27.69 22.92
N LEU A 214 -11.64 -27.91 23.06
CA LEU A 214 -12.34 -27.54 24.27
C LEU A 214 -12.83 -28.81 24.96
N VAL A 215 -12.28 -29.10 26.13
CA VAL A 215 -12.57 -30.36 26.82
C VAL A 215 -13.17 -30.13 28.19
N ASN A 216 -13.86 -31.15 28.70
CA ASN A 216 -14.37 -31.13 30.07
C ASN A 216 -13.30 -31.65 31.01
N LEU A 217 -13.60 -31.63 32.30
CA LEU A 217 -12.61 -32.01 33.31
C LEU A 217 -12.05 -33.40 33.10
N ASN A 218 -12.79 -34.24 32.37
CA ASN A 218 -12.34 -35.60 32.11
C ASN A 218 -11.46 -35.71 30.88
N GLY A 219 -11.15 -34.58 30.27
CA GLY A 219 -10.28 -34.56 29.11
C GLY A 219 -10.96 -35.03 27.85
N GLU A 220 -12.29 -35.01 27.86
CA GLU A 220 -13.05 -35.39 26.68
C GLU A 220 -13.40 -34.16 25.85
N LEU A 221 -13.21 -34.26 24.54
CA LEU A 221 -13.50 -33.15 23.64
C LEU A 221 -14.99 -32.83 23.58
N ILE A 222 -15.34 -31.59 23.91
CA ILE A 222 -16.73 -31.17 23.87
C ILE A 222 -17.00 -30.20 22.72
N GLY A 223 -15.94 -29.57 22.22
CA GLY A 223 -16.05 -28.61 21.14
C GLY A 223 -14.74 -28.20 20.52
N ILE A 224 -14.83 -27.51 19.39
CA ILE A 224 -13.65 -26.99 18.70
C ILE A 224 -13.68 -25.46 18.68
N ASN A 225 -12.79 -24.85 19.44
CA ASN A 225 -12.71 -23.39 19.51
C ASN A 225 -12.59 -22.78 18.12
N THR A 226 -13.54 -21.91 17.77
CA THR A 226 -13.60 -21.35 16.42
C THR A 226 -13.45 -19.83 16.35
N ALA A 227 -14.21 -19.10 17.15
CA ALA A 227 -14.13 -17.64 17.09
C ALA A 227 -14.32 -16.96 18.44
N ILE A 228 -14.02 -15.67 18.49
CA ILE A 228 -14.20 -14.87 19.69
C ILE A 228 -14.83 -13.53 19.36
N LEU A 229 -15.47 -12.93 20.36
CA LEU A 229 -16.06 -11.62 20.21
C LEU A 229 -15.14 -10.61 20.88
N ALA A 230 -14.33 -9.92 20.08
CA ALA A 230 -13.33 -8.99 20.61
C ALA A 230 -13.22 -7.74 19.78
N PRO A 231 -13.47 -6.57 20.39
CA PRO A 231 -13.40 -5.28 19.71
C PRO A 231 -11.95 -4.83 19.45
N ASP A 232 -11.00 -5.51 20.08
CA ASP A 232 -9.61 -5.08 20.00
C ASP A 232 -8.70 -6.20 19.52
N GLY A 233 -9.28 -7.32 19.14
CA GLY A 233 -8.51 -8.47 18.70
C GLY A 233 -7.88 -9.22 19.87
N GLY A 234 -8.33 -8.89 21.07
CA GLY A 234 -7.86 -9.55 22.27
C GLY A 234 -9.02 -10.10 23.08
N ASN A 235 -8.89 -11.33 23.54
CA ASN A 235 -9.97 -12.02 24.27
C ASN A 235 -10.56 -11.16 25.38
N ILE A 236 -11.89 -11.18 25.49
CA ILE A 236 -12.57 -10.43 26.54
C ILE A 236 -13.54 -11.30 27.33
N GLY A 237 -13.35 -12.62 27.25
CA GLY A 237 -14.16 -13.54 28.02
C GLY A 237 -15.31 -14.14 27.24
N ILE A 238 -15.33 -13.93 25.94
CA ILE A 238 -16.39 -14.47 25.11
C ILE A 238 -15.80 -15.23 23.93
N GLY A 239 -15.73 -16.56 24.06
CA GLY A 239 -15.24 -17.41 23.00
C GLY A 239 -16.31 -18.39 22.55
N PHE A 240 -16.20 -18.83 21.30
CA PHE A 240 -17.17 -19.78 20.75
C PHE A 240 -16.50 -21.03 20.21
N ALA A 241 -17.10 -22.18 20.47
CA ALA A 241 -16.57 -23.44 19.99
C ALA A 241 -17.69 -24.30 19.39
N ILE A 242 -17.37 -25.01 18.32
CA ILE A 242 -18.33 -25.90 17.67
C ILE A 242 -18.48 -27.19 18.48
N PRO A 243 -19.73 -27.56 18.80
CA PRO A 243 -20.04 -28.75 19.59
C PRO A 243 -19.40 -30.01 19.01
N SER A 244 -18.91 -30.88 19.89
CA SER A 244 -18.22 -32.10 19.48
C SER A 244 -19.07 -32.95 18.54
N ASN A 245 -20.35 -33.08 18.87
CA ASN A 245 -21.26 -33.87 18.04
C ASN A 245 -21.23 -33.43 16.58
N MET A 246 -21.33 -32.13 16.35
CA MET A 246 -21.28 -31.59 15.00
C MET A 246 -19.97 -31.93 14.31
N VAL A 247 -18.89 -31.94 15.09
CA VAL A 247 -17.59 -32.33 14.55
C VAL A 247 -17.60 -33.82 14.22
N LYS A 248 -18.13 -34.61 15.14
CA LYS A 248 -18.28 -36.05 14.95
C LYS A 248 -18.92 -36.33 13.59
N ASN A 249 -20.05 -35.68 13.34
CA ASN A 249 -20.81 -35.89 12.10
C ASN A 249 -20.11 -35.40 10.84
N LEU A 250 -19.48 -34.24 10.93
CA LEU A 250 -18.86 -33.63 9.76
C LEU A 250 -17.59 -34.34 9.33
N THR A 251 -16.75 -34.71 10.30
CA THR A 251 -15.50 -35.39 9.99
C THR A 251 -15.75 -36.79 9.41
N SER A 252 -16.59 -37.56 10.07
CA SER A 252 -16.88 -38.93 9.63
C SER A 252 -17.27 -38.97 8.16
N GLN A 253 -17.90 -37.91 7.68
CA GLN A 253 -18.23 -37.82 6.26
C GLN A 253 -16.99 -37.55 5.43
N MET A 254 -16.22 -36.54 5.86
CA MET A 254 -15.01 -36.15 5.15
C MET A 254 -14.04 -37.33 4.99
N VAL A 255 -14.07 -38.23 5.96
CA VAL A 255 -13.21 -39.41 5.93
C VAL A 255 -13.63 -40.38 4.83
N GLU A 256 -14.93 -40.47 4.60
CA GLU A 256 -15.47 -41.38 3.61
C GLU A 256 -15.67 -40.73 2.25
N TYR A 257 -16.18 -39.52 2.21
CA TYR A 257 -16.52 -38.93 0.92
C TYR A 257 -15.55 -37.84 0.45
N GLY A 258 -14.84 -37.23 1.40
CA GLY A 258 -13.95 -36.14 1.08
C GLY A 258 -14.69 -34.82 1.13
N GLN A 259 -16.01 -34.91 1.28
CA GLN A 259 -16.86 -33.74 1.44
C GLN A 259 -18.06 -34.13 2.29
N VAL A 260 -18.99 -33.20 2.45
CA VAL A 260 -20.21 -33.49 3.19
C VAL A 260 -21.41 -33.47 2.25
N LYS A 261 -22.10 -34.60 2.14
CA LYS A 261 -23.32 -34.65 1.36
C LYS A 261 -24.42 -34.06 2.22
N ARG A 262 -24.83 -32.83 1.89
CA ARG A 262 -25.75 -32.09 2.73
C ARG A 262 -27.20 -32.35 2.38
N GLY A 263 -27.98 -32.72 3.39
CA GLY A 263 -29.38 -33.04 3.19
C GLY A 263 -30.29 -32.01 3.81
N GLU A 264 -31.51 -31.92 3.29
CA GLU A 264 -32.48 -30.97 3.80
C GLU A 264 -33.85 -31.60 4.01
N LEU A 265 -34.61 -31.07 4.96
CA LEU A 265 -35.97 -31.52 5.22
C LEU A 265 -36.92 -30.85 4.25
N GLY A 266 -36.47 -29.72 3.69
CA GLY A 266 -37.29 -28.96 2.75
C GLY A 266 -38.41 -28.23 3.44
N ILE A 267 -38.07 -27.43 4.44
CA ILE A 267 -39.07 -26.63 5.15
C ILE A 267 -38.59 -25.20 5.35
N MET A 268 -39.51 -24.25 5.22
CA MET A 268 -39.21 -22.85 5.49
C MET A 268 -39.67 -22.53 6.91
N GLY A 269 -38.97 -21.64 7.59
CA GLY A 269 -39.34 -21.29 8.95
C GLY A 269 -38.58 -20.12 9.55
N THR A 270 -38.89 -19.83 10.81
CA THR A 270 -38.22 -18.76 11.53
C THR A 270 -38.27 -19.00 13.03
N GLU A 271 -37.49 -18.20 13.77
CA GLU A 271 -37.38 -18.36 15.21
C GLU A 271 -38.72 -18.17 15.90
N LEU A 272 -39.04 -19.07 16.83
CA LEU A 272 -40.27 -18.96 17.60
C LEU A 272 -40.05 -18.13 18.87
N ASN A 273 -40.43 -16.86 18.82
CA ASN A 273 -40.31 -15.99 19.98
C ASN A 273 -41.62 -15.92 20.78
N SER A 274 -41.61 -15.21 21.90
CA SER A 274 -42.77 -15.12 22.77
C SER A 274 -43.96 -14.48 22.06
N GLU A 275 -43.70 -13.42 21.29
CA GLU A 275 -44.73 -12.74 20.53
C GLU A 275 -45.47 -13.71 19.60
N LEU A 276 -44.71 -14.38 18.73
CA LEU A 276 -45.26 -15.30 17.75
C LEU A 276 -46.03 -16.45 18.42
N ALA A 277 -45.56 -16.85 19.60
CA ALA A 277 -46.22 -17.90 20.36
C ALA A 277 -47.62 -17.47 20.77
N LYS A 278 -47.76 -16.20 21.14
CA LYS A 278 -49.05 -15.64 21.52
C LYS A 278 -50.05 -15.72 20.38
N ALA A 279 -49.61 -15.29 19.20
CA ALA A 279 -50.46 -15.30 18.02
C ALA A 279 -50.90 -16.71 17.64
N MET A 280 -49.96 -17.66 17.65
CA MET A 280 -50.25 -19.03 17.23
C MET A 280 -50.77 -19.90 18.36
N LYS A 281 -51.11 -19.26 19.48
CA LYS A 281 -51.64 -19.97 20.64
C LYS A 281 -50.75 -21.15 21.01
N VAL A 282 -49.44 -20.91 21.05
CA VAL A 282 -48.48 -21.95 21.36
C VAL A 282 -47.85 -21.74 22.73
N ASP A 283 -47.62 -22.85 23.44
CA ASP A 283 -47.00 -22.82 24.76
C ASP A 283 -45.54 -22.44 24.71
N ALA A 284 -44.75 -23.23 23.99
CA ALA A 284 -43.30 -23.05 23.96
C ALA A 284 -42.90 -21.68 23.46
N GLN A 285 -41.98 -21.05 24.18
CA GLN A 285 -41.47 -19.73 23.81
C GLN A 285 -40.21 -19.81 22.97
N ARG A 286 -39.86 -21.01 22.53
CA ARG A 286 -38.66 -21.21 21.75
C ARG A 286 -38.74 -22.47 20.90
N GLY A 287 -38.11 -22.43 19.72
CA GLY A 287 -38.12 -23.56 18.82
C GLY A 287 -38.17 -23.11 17.37
N ALA A 288 -38.38 -24.08 16.46
CA ALA A 288 -38.44 -23.79 15.04
C ALA A 288 -39.88 -23.75 14.53
N PHE A 289 -40.30 -22.60 14.02
CA PHE A 289 -41.65 -22.45 13.50
C PHE A 289 -41.68 -22.71 12.01
N VAL A 290 -42.51 -23.66 11.60
CA VAL A 290 -42.61 -24.05 10.20
C VAL A 290 -43.49 -23.08 9.42
N SER A 291 -42.86 -22.25 8.60
CA SER A 291 -43.58 -21.32 7.73
C SER A 291 -44.32 -22.07 6.65
N GLN A 292 -43.65 -23.06 6.06
CA GLN A 292 -44.23 -23.85 4.98
C GLN A 292 -43.35 -25.05 4.65
N VAL A 293 -43.95 -26.10 4.10
CA VAL A 293 -43.19 -27.28 3.68
C VAL A 293 -43.22 -27.38 2.16
N LEU A 294 -42.04 -27.59 1.56
CA LEU A 294 -41.94 -27.72 0.12
C LEU A 294 -42.56 -29.03 -0.33
N PRO A 295 -43.25 -29.02 -1.48
CA PRO A 295 -43.84 -30.23 -2.04
C PRO A 295 -42.76 -31.22 -2.47
N ASN A 296 -43.01 -32.52 -2.29
CA ASN A 296 -42.06 -33.56 -2.66
C ASN A 296 -40.80 -33.55 -1.80
N SER A 297 -40.89 -33.00 -0.60
CA SER A 297 -39.77 -32.98 0.31
C SER A 297 -39.98 -34.02 1.40
N SER A 298 -38.88 -34.49 1.98
CA SER A 298 -38.96 -35.50 3.03
C SER A 298 -39.98 -35.11 4.10
N ALA A 299 -39.92 -33.85 4.53
CA ALA A 299 -40.83 -33.35 5.55
C ALA A 299 -42.28 -33.56 5.13
N ALA A 300 -42.61 -33.15 3.91
CA ALA A 300 -43.96 -33.31 3.38
C ALA A 300 -44.38 -34.77 3.44
N LYS A 301 -43.52 -35.65 2.94
CA LYS A 301 -43.80 -37.08 2.94
C LYS A 301 -43.99 -37.58 4.35
N ALA A 302 -43.35 -36.90 5.30
CA ALA A 302 -43.40 -37.31 6.70
C ALA A 302 -44.72 -36.92 7.36
N GLY A 303 -45.35 -35.87 6.86
CA GLY A 303 -46.61 -35.42 7.41
C GLY A 303 -46.48 -34.13 8.19
N ILE A 304 -45.41 -33.39 7.93
CA ILE A 304 -45.22 -32.09 8.57
C ILE A 304 -46.03 -31.03 7.86
N LYS A 305 -46.84 -30.31 8.62
CA LYS A 305 -47.65 -29.23 8.06
C LYS A 305 -47.19 -27.88 8.60
N ALA A 306 -47.45 -26.82 7.85
CA ALA A 306 -47.08 -25.47 8.26
C ALA A 306 -47.80 -25.10 9.55
N GLY A 307 -47.25 -24.13 10.27
CA GLY A 307 -47.82 -23.73 11.54
C GLY A 307 -47.39 -24.66 12.67
N ASP A 308 -46.56 -25.65 12.32
CA ASP A 308 -46.05 -26.57 13.31
C ASP A 308 -44.82 -26.01 14.00
N VAL A 309 -44.62 -26.40 15.24
CA VAL A 309 -43.45 -25.97 16.01
C VAL A 309 -42.60 -27.18 16.38
N ILE A 310 -41.38 -27.21 15.87
CA ILE A 310 -40.46 -28.30 16.20
C ILE A 310 -39.79 -28.01 17.55
N THR A 311 -39.80 -29.00 18.43
CA THR A 311 -39.30 -28.84 19.79
C THR A 311 -38.11 -29.74 20.11
N SER A 312 -37.99 -30.85 19.39
CA SER A 312 -36.90 -31.79 19.65
C SER A 312 -36.37 -32.45 18.38
N LEU A 313 -35.11 -32.90 18.45
CA LEU A 313 -34.48 -33.60 17.35
C LEU A 313 -33.78 -34.86 17.87
N ASN A 314 -34.31 -36.02 17.51
CA ASN A 314 -33.78 -37.29 18.00
C ASN A 314 -33.81 -37.35 19.52
N GLY A 315 -34.83 -36.75 20.12
CA GLY A 315 -34.97 -36.73 21.56
C GLY A 315 -34.44 -35.45 22.17
N LYS A 316 -33.31 -34.97 21.66
CA LYS A 316 -32.67 -33.77 22.18
C LYS A 316 -33.49 -32.51 21.88
N PRO A 317 -33.87 -31.78 22.92
CA PRO A 317 -34.63 -30.53 22.78
C PRO A 317 -33.93 -29.53 21.85
N ILE A 318 -34.70 -28.64 21.25
CA ILE A 318 -34.16 -27.67 20.30
C ILE A 318 -34.09 -26.27 20.89
N SER A 319 -32.91 -25.65 20.83
CA SER A 319 -32.73 -24.30 21.37
C SER A 319 -33.37 -23.26 20.45
N SER A 320 -33.20 -23.45 19.15
CA SER A 320 -33.71 -22.49 18.17
C SER A 320 -33.75 -23.08 16.76
N PHE A 321 -34.42 -22.36 15.87
CA PHE A 321 -34.47 -22.74 14.45
C PHE A 321 -33.06 -22.75 13.88
N ALA A 322 -32.26 -21.76 14.27
CA ALA A 322 -30.90 -21.62 13.78
C ALA A 322 -30.04 -22.81 14.20
N ALA A 323 -30.32 -23.34 15.39
CA ALA A 323 -29.62 -24.51 15.89
C ALA A 323 -30.00 -25.75 15.07
N LEU A 324 -31.30 -25.99 14.96
CA LEU A 324 -31.82 -27.11 14.18
C LEU A 324 -31.22 -27.10 12.77
N ARG A 325 -31.19 -25.92 12.15
CA ARG A 325 -30.63 -25.77 10.82
C ARG A 325 -29.20 -26.27 10.80
N ALA A 326 -28.46 -25.91 11.84
CA ALA A 326 -27.05 -26.30 11.96
C ALA A 326 -26.90 -27.80 12.23
N GLN A 327 -27.82 -28.36 13.01
CA GLN A 327 -27.82 -29.78 13.32
C GLN A 327 -27.88 -30.61 12.04
N VAL A 328 -29.03 -30.58 11.38
CA VAL A 328 -29.26 -31.37 10.17
C VAL A 328 -28.35 -30.95 9.03
N GLY A 329 -27.87 -29.72 9.08
CA GLY A 329 -26.98 -29.22 8.05
C GLY A 329 -25.67 -29.97 8.01
N THR A 330 -25.36 -30.68 9.08
CA THR A 330 -24.10 -31.39 9.18
C THR A 330 -24.29 -32.89 9.01
N MET A 331 -25.55 -33.33 8.93
CA MET A 331 -25.85 -34.74 8.76
C MET A 331 -25.85 -35.14 7.29
N PRO A 332 -25.39 -36.36 6.98
CA PRO A 332 -25.26 -36.84 5.61
C PRO A 332 -26.63 -37.09 4.97
N VAL A 333 -26.68 -37.05 3.64
CA VAL A 333 -27.92 -37.32 2.93
C VAL A 333 -28.41 -38.72 3.28
N GLY A 334 -29.72 -38.86 3.43
CA GLY A 334 -30.30 -40.17 3.72
C GLY A 334 -30.32 -40.51 5.19
N SER A 335 -29.78 -39.62 6.02
CA SER A 335 -29.81 -39.84 7.46
C SER A 335 -31.25 -39.90 7.93
N LYS A 336 -31.57 -40.94 8.70
CA LYS A 336 -32.88 -41.12 9.25
C LYS A 336 -32.87 -40.54 10.66
N LEU A 337 -33.77 -39.60 10.89
CA LEU A 337 -33.85 -38.92 12.17
C LEU A 337 -35.32 -38.82 12.56
N THR A 338 -35.57 -38.35 13.77
CA THR A 338 -36.94 -38.21 14.26
C THR A 338 -37.12 -36.85 14.90
N LEU A 339 -38.25 -36.21 14.61
CA LEU A 339 -38.51 -34.87 15.11
C LEU A 339 -39.67 -34.84 16.09
N GLY A 340 -39.63 -33.89 17.02
CA GLY A 340 -40.73 -33.67 17.95
C GLY A 340 -41.45 -32.40 17.58
N LEU A 341 -42.69 -32.52 17.12
CA LEU A 341 -43.45 -31.36 16.68
C LEU A 341 -44.53 -30.96 17.67
N LEU A 342 -45.06 -29.76 17.50
CA LEU A 342 -46.12 -29.25 18.35
C LEU A 342 -47.17 -28.55 17.51
N ARG A 343 -48.27 -29.22 17.24
CA ARG A 343 -49.37 -28.64 16.48
C ARG A 343 -50.68 -28.69 17.26
N ASP A 344 -51.28 -27.52 17.46
CA ASP A 344 -52.53 -27.42 18.22
C ASP A 344 -52.36 -27.96 19.64
N GLY A 345 -51.25 -27.60 20.28
CA GLY A 345 -50.97 -28.02 21.64
C GLY A 345 -50.88 -29.52 21.81
N LYS A 346 -50.64 -30.23 20.71
CA LYS A 346 -50.53 -31.68 20.75
C LYS A 346 -49.14 -32.16 20.33
N GLN A 347 -48.54 -33.00 21.15
CA GLN A 347 -47.22 -33.54 20.87
C GLN A 347 -47.26 -34.56 19.74
N VAL A 348 -46.39 -34.38 18.76
CA VAL A 348 -46.30 -35.26 17.60
C VAL A 348 -44.87 -35.74 17.37
N ASN A 349 -44.73 -36.99 16.93
CA ASN A 349 -43.41 -37.50 16.55
C ASN A 349 -43.42 -37.97 15.11
N VAL A 350 -42.31 -37.75 14.42
CA VAL A 350 -42.22 -38.10 13.00
C VAL A 350 -40.86 -38.68 12.63
N ASN A 351 -40.86 -39.63 11.70
CA ASN A 351 -39.62 -40.22 11.22
C ASN A 351 -39.27 -39.67 9.85
N LEU A 352 -38.07 -39.11 9.74
CA LEU A 352 -37.65 -38.42 8.52
C LEU A 352 -36.38 -38.99 7.92
N GLU A 353 -36.12 -38.61 6.67
CA GLU A 353 -34.92 -39.02 5.97
C GLU A 353 -34.45 -37.90 5.04
N LEU A 354 -33.31 -37.29 5.36
CA LEU A 354 -32.77 -36.20 4.56
C LEU A 354 -32.66 -36.60 3.10
N GLN A 355 -32.77 -35.62 2.21
CA GLN A 355 -32.70 -35.89 0.78
C GLN A 355 -31.67 -34.97 0.15
N GLN A 356 -31.36 -35.22 -1.12
CA GLN A 356 -30.52 -34.31 -1.89
C GLN A 356 -31.40 -33.23 -2.49
N SER A 357 -30.79 -32.15 -2.98
CA SER A 357 -31.54 -31.02 -3.52
C SER A 357 -32.52 -31.46 -4.62
N PHE A 368 -25.62 -41.87 -16.97
CA PHE A 368 -25.51 -40.43 -17.16
C PHE A 368 -24.15 -39.90 -16.71
N ASN A 369 -23.88 -38.63 -17.00
CA ASN A 369 -22.61 -38.01 -16.65
C ASN A 369 -22.65 -36.48 -16.69
N GLY A 370 -22.02 -35.85 -15.71
CA GLY A 370 -21.98 -34.40 -15.64
C GLY A 370 -20.57 -33.87 -15.72
N ILE A 371 -20.36 -32.86 -16.57
CA ILE A 371 -19.04 -32.27 -16.75
C ILE A 371 -19.03 -30.75 -16.58
N GLU A 372 -18.18 -30.27 -15.67
CA GLU A 372 -17.98 -28.85 -15.47
C GLU A 372 -19.26 -28.09 -15.12
N GLY A 373 -20.03 -28.63 -14.19
CA GLY A 373 -21.27 -28.00 -13.77
C GLY A 373 -22.41 -28.14 -14.75
N ALA A 374 -22.24 -29.02 -15.73
CA ALA A 374 -23.28 -29.29 -16.72
C ALA A 374 -23.63 -30.76 -16.75
N GLU A 375 -24.91 -31.07 -16.59
CA GLU A 375 -25.35 -32.46 -16.53
C GLU A 375 -25.93 -32.91 -17.87
N MET A 376 -25.36 -33.98 -18.42
CA MET A 376 -25.78 -34.49 -19.71
C MET A 376 -26.02 -36.00 -19.67
N SER A 377 -26.41 -36.56 -20.81
CA SER A 377 -26.65 -37.99 -20.94
C SER A 377 -26.51 -38.42 -22.39
N ASN A 378 -26.87 -39.66 -22.69
CA ASN A 378 -26.85 -40.15 -24.05
C ASN A 378 -28.19 -39.93 -24.74
N LYS A 379 -28.18 -39.93 -26.07
CA LYS A 379 -29.39 -39.74 -26.85
C LYS A 379 -29.66 -40.96 -27.72
N GLY A 380 -30.83 -41.56 -27.54
CA GLY A 380 -31.21 -42.73 -28.30
C GLY A 380 -30.12 -43.78 -28.33
N LYS A 381 -29.64 -44.09 -29.53
CA LYS A 381 -28.56 -45.06 -29.69
C LYS A 381 -27.39 -44.46 -30.45
N ASP A 382 -26.37 -44.03 -29.71
CA ASP A 382 -25.19 -43.43 -30.32
C ASP A 382 -25.56 -42.23 -31.19
N GLN A 383 -26.45 -41.38 -30.68
CA GLN A 383 -26.89 -40.19 -31.40
C GLN A 383 -26.34 -38.92 -30.77
N GLY A 384 -25.22 -39.05 -30.06
CA GLY A 384 -24.57 -37.91 -29.43
C GLY A 384 -24.92 -37.75 -27.96
N VAL A 385 -24.36 -36.72 -27.33
CA VAL A 385 -24.61 -36.47 -25.92
C VAL A 385 -25.55 -35.28 -25.76
N VAL A 386 -26.83 -35.56 -25.55
CA VAL A 386 -27.83 -34.51 -25.39
C VAL A 386 -27.77 -33.89 -23.99
N VAL A 387 -28.00 -32.58 -23.93
CA VAL A 387 -28.02 -31.87 -22.66
C VAL A 387 -29.43 -31.83 -22.09
N ASN A 388 -29.58 -32.34 -20.87
CA ASN A 388 -30.90 -32.42 -20.25
C ASN A 388 -31.34 -31.11 -19.62
N ASN A 389 -30.51 -30.59 -18.72
CA ASN A 389 -30.82 -29.34 -18.03
C ASN A 389 -29.54 -28.62 -17.58
N VAL A 390 -29.53 -27.30 -17.71
CA VAL A 390 -28.36 -26.50 -17.35
C VAL A 390 -28.62 -25.59 -16.14
N LYS A 391 -27.53 -25.18 -15.50
CA LYS A 391 -27.60 -24.21 -14.41
C LYS A 391 -27.07 -22.86 -14.90
N THR A 392 -27.74 -21.78 -14.51
CA THR A 392 -27.38 -20.44 -14.99
C THR A 392 -26.10 -19.90 -14.37
N GLY A 393 -25.98 -19.94 -13.05
CA GLY A 393 -24.80 -19.42 -12.39
C GLY A 393 -23.52 -20.20 -12.69
N THR A 394 -23.68 -21.39 -13.25
CA THR A 394 -22.54 -22.27 -13.53
C THR A 394 -21.75 -21.85 -14.76
N PRO A 395 -20.49 -22.27 -14.86
CA PRO A 395 -19.64 -21.95 -16.02
C PRO A 395 -20.14 -22.61 -17.31
N ALA A 396 -21.06 -23.56 -17.16
CA ALA A 396 -21.63 -24.25 -18.31
C ALA A 396 -22.36 -23.26 -19.22
N ALA A 397 -23.32 -22.54 -18.64
CA ALA A 397 -24.11 -21.58 -19.40
C ALA A 397 -23.29 -20.32 -19.69
N GLN A 398 -22.12 -20.22 -19.08
CA GLN A 398 -21.24 -19.07 -19.29
C GLN A 398 -20.48 -19.21 -20.60
N ILE A 399 -20.50 -20.41 -21.18
CA ILE A 399 -19.85 -20.64 -22.46
C ILE A 399 -20.90 -20.85 -23.55
N GLY A 400 -22.17 -20.75 -23.17
CA GLY A 400 -23.26 -20.80 -24.13
C GLY A 400 -24.21 -21.96 -23.95
N LEU A 401 -23.70 -23.08 -23.44
CA LEU A 401 -24.50 -24.30 -23.28
C LEU A 401 -25.89 -24.05 -22.68
N LYS A 402 -26.92 -24.48 -23.41
CA LYS A 402 -28.29 -24.43 -22.90
C LYS A 402 -28.95 -25.78 -23.16
N LYS A 403 -30.10 -26.00 -22.52
CA LYS A 403 -30.79 -27.28 -22.57
C LYS A 403 -31.30 -27.67 -23.97
N GLY A 404 -31.14 -28.94 -24.32
CA GLY A 404 -31.65 -29.45 -25.59
C GLY A 404 -30.56 -29.67 -26.63
N ASP A 405 -29.39 -29.08 -26.39
CA ASP A 405 -28.26 -29.19 -27.31
C ASP A 405 -27.81 -30.65 -27.45
N VAL A 406 -27.30 -31.00 -28.63
CA VAL A 406 -26.86 -32.37 -28.88
C VAL A 406 -25.45 -32.41 -29.49
N ILE A 407 -24.47 -32.75 -28.65
CA ILE A 407 -23.08 -32.79 -29.10
C ILE A 407 -22.85 -33.87 -30.13
N ILE A 408 -22.57 -33.46 -31.37
CA ILE A 408 -22.29 -34.39 -32.44
C ILE A 408 -20.84 -34.85 -32.42
N GLY A 409 -19.95 -33.93 -32.04
CA GLY A 409 -18.53 -34.24 -31.97
C GLY A 409 -17.74 -33.13 -31.31
N ALA A 410 -16.44 -33.38 -31.11
CA ALA A 410 -15.58 -32.38 -30.49
C ALA A 410 -14.15 -32.51 -31.01
N ASN A 411 -13.57 -31.38 -31.42
CA ASN A 411 -12.21 -31.36 -31.93
C ASN A 411 -12.01 -32.26 -33.14
N GLN A 412 -12.97 -32.24 -34.05
CA GLN A 412 -12.90 -33.05 -35.26
C GLN A 412 -12.94 -34.55 -34.96
N GLN A 413 -13.54 -34.90 -33.83
CA GLN A 413 -13.73 -36.30 -33.47
C GLN A 413 -15.19 -36.58 -33.20
N ALA A 414 -15.73 -37.64 -33.82
CA ALA A 414 -17.14 -37.96 -33.71
C ALA A 414 -17.50 -38.38 -32.28
N VAL A 415 -18.62 -37.84 -31.79
CA VAL A 415 -19.11 -38.16 -30.45
C VAL A 415 -20.48 -38.85 -30.51
N LYS A 416 -20.49 -40.16 -30.28
CA LYS A 416 -21.73 -40.93 -30.30
C LYS A 416 -22.31 -41.05 -28.90
N ASN A 417 -21.44 -41.01 -27.90
CA ASN A 417 -21.85 -41.19 -26.51
C ASN A 417 -20.87 -40.54 -25.55
N ILE A 418 -21.22 -40.55 -24.26
CA ILE A 418 -20.39 -39.95 -23.23
C ILE A 418 -19.02 -40.63 -23.15
N ALA A 419 -18.95 -41.86 -23.65
CA ALA A 419 -17.70 -42.62 -23.63
C ALA A 419 -16.69 -42.05 -24.62
N GLU A 420 -17.19 -41.65 -25.79
CA GLU A 420 -16.32 -41.10 -26.83
C GLU A 420 -15.98 -39.64 -26.55
N LEU A 421 -16.91 -38.94 -25.92
CA LEU A 421 -16.70 -37.56 -25.51
C LEU A 421 -15.56 -37.48 -24.48
N ARG A 422 -15.63 -38.35 -23.50
CA ARG A 422 -14.65 -38.40 -22.42
C ARG A 422 -13.29 -38.84 -22.93
N LYS A 423 -13.29 -39.60 -24.02
CA LYS A 423 -12.06 -40.09 -24.61
C LYS A 423 -11.31 -38.94 -25.29
N VAL A 424 -12.05 -37.88 -25.61
CA VAL A 424 -11.46 -36.68 -26.17
C VAL A 424 -10.88 -35.82 -25.05
N LEU A 425 -11.60 -35.75 -23.94
CA LEU A 425 -11.15 -34.98 -22.78
C LEU A 425 -9.91 -35.62 -22.16
N ASP A 426 -9.77 -36.94 -22.30
CA ASP A 426 -8.60 -37.63 -21.78
C ASP A 426 -7.35 -37.15 -22.49
N SER A 427 -7.52 -36.65 -23.71
CA SER A 427 -6.42 -36.10 -24.48
C SER A 427 -5.97 -34.76 -23.91
N LYS A 428 -6.83 -34.16 -23.09
CA LYS A 428 -6.57 -32.87 -22.47
C LYS A 428 -6.02 -31.84 -23.45
N PRO A 429 -6.89 -31.35 -24.36
CA PRO A 429 -6.51 -30.31 -25.31
C PRO A 429 -6.54 -28.94 -24.65
N SER A 430 -5.68 -28.04 -25.10
CA SER A 430 -5.62 -26.69 -24.55
C SER A 430 -6.95 -25.99 -24.72
N VAL A 431 -7.64 -26.28 -25.81
CA VAL A 431 -8.94 -25.68 -26.09
C VAL A 431 -9.91 -26.76 -26.58
N LEU A 432 -11.16 -26.68 -26.12
CA LEU A 432 -12.16 -27.68 -26.47
C LEU A 432 -13.21 -27.08 -27.39
N ALA A 433 -13.38 -27.67 -28.57
CA ALA A 433 -14.34 -27.19 -29.55
C ALA A 433 -15.48 -28.18 -29.73
N LEU A 434 -16.66 -27.84 -29.20
CA LEU A 434 -17.80 -28.74 -29.24
C LEU A 434 -18.69 -28.48 -30.46
N ASN A 435 -18.94 -29.53 -31.23
CA ASN A 435 -19.79 -29.44 -32.40
C ASN A 435 -21.23 -29.85 -32.07
N ILE A 436 -21.94 -28.97 -31.35
CA ILE A 436 -23.29 -29.28 -30.92
C ILE A 436 -24.30 -28.85 -31.99
N GLN A 437 -25.57 -29.15 -31.76
CA GLN A 437 -26.62 -28.79 -32.71
C GLN A 437 -27.93 -28.37 -32.04
N ARG A 438 -28.32 -27.12 -32.26
CA ARG A 438 -29.59 -26.58 -31.77
C ARG A 438 -30.59 -26.50 -32.90
N GLY A 439 -31.79 -27.04 -32.67
CA GLY A 439 -32.79 -27.07 -33.72
C GLY A 439 -32.16 -27.67 -34.96
N ASP A 440 -32.44 -27.11 -36.12
CA ASP A 440 -31.87 -27.62 -37.35
C ASP A 440 -30.56 -26.92 -37.71
N SER A 441 -29.98 -26.22 -36.74
CA SER A 441 -28.72 -25.52 -36.93
C SER A 441 -27.57 -26.30 -36.31
N THR A 442 -26.37 -26.09 -36.84
CA THR A 442 -25.16 -26.67 -36.26
C THR A 442 -24.20 -25.57 -35.83
N ILE A 443 -23.87 -25.55 -34.55
CA ILE A 443 -23.01 -24.51 -34.00
C ILE A 443 -21.81 -25.09 -33.27
N TYR A 444 -20.89 -24.22 -32.86
CA TYR A 444 -19.75 -24.64 -32.07
C TYR A 444 -19.66 -23.86 -30.76
N LEU A 445 -19.08 -24.48 -29.75
CA LEU A 445 -18.79 -23.80 -28.50
C LEU A 445 -17.34 -24.06 -28.14
N LEU A 446 -16.66 -23.04 -27.62
CA LEU A 446 -15.25 -23.15 -27.33
C LEU A 446 -14.97 -23.09 -25.82
N MET A 447 -13.88 -23.72 -25.39
CA MET A 447 -13.51 -23.73 -23.98
C MET A 447 -12.01 -23.56 -23.76
N GLN A 448 -11.66 -22.81 -22.72
CA GLN A 448 -10.26 -22.46 -22.43
C GLN A 448 -9.72 -21.45 -23.43
N GLN B 11 -21.88 -24.94 53.05
CA GLN B 11 -20.44 -24.71 53.14
C GLN B 11 -19.82 -24.60 51.75
N MET B 12 -19.29 -23.42 51.43
CA MET B 12 -18.73 -23.16 50.10
C MET B 12 -17.21 -23.14 50.10
N PRO B 13 -16.59 -23.68 49.04
CA PRO B 13 -15.16 -23.60 48.81
C PRO B 13 -14.72 -22.15 48.60
N SER B 14 -13.53 -21.80 49.04
CA SER B 14 -13.07 -20.42 48.88
C SER B 14 -11.57 -20.27 49.07
N LEU B 15 -11.01 -19.25 48.45
CA LEU B 15 -9.59 -18.95 48.58
C LEU B 15 -9.36 -18.05 49.78
N ALA B 16 -10.43 -17.44 50.28
CA ALA B 16 -10.35 -16.50 51.38
C ALA B 16 -9.46 -16.99 52.53
N PRO B 17 -9.71 -18.22 53.04
CA PRO B 17 -8.90 -18.74 54.14
C PRO B 17 -7.40 -18.63 53.86
N MET B 18 -6.98 -19.11 52.71
CA MET B 18 -5.57 -19.08 52.33
C MET B 18 -5.08 -17.64 52.12
N LEU B 19 -5.94 -16.80 51.58
CA LEU B 19 -5.54 -15.44 51.20
C LEU B 19 -5.31 -14.51 52.39
N GLU B 20 -6.11 -14.66 53.44
CA GLU B 20 -5.98 -13.78 54.59
C GLU B 20 -4.62 -13.95 55.26
N LYS B 21 -4.01 -15.11 55.08
CA LYS B 21 -2.69 -15.37 55.63
C LYS B 21 -1.59 -14.83 54.72
N VAL B 22 -1.82 -14.89 53.41
CA VAL B 22 -0.79 -14.58 52.42
C VAL B 22 -0.76 -13.10 52.04
N MET B 23 -1.91 -12.54 51.69
CA MET B 23 -2.01 -11.11 51.39
C MET B 23 -1.12 -10.11 52.16
N PRO B 24 -1.03 -10.21 53.51
CA PRO B 24 -0.10 -9.25 54.13
C PRO B 24 1.32 -9.31 53.56
N SER B 25 1.68 -10.45 52.97
CA SER B 25 3.02 -10.66 52.46
C SER B 25 3.26 -9.90 51.15
N VAL B 26 2.18 -9.52 50.49
CA VAL B 26 2.28 -8.78 49.24
C VAL B 26 2.12 -7.27 49.47
N VAL B 27 3.11 -6.50 49.02
CA VAL B 27 3.08 -5.06 49.17
C VAL B 27 2.99 -4.40 47.82
N SER B 28 2.69 -3.11 47.80
CA SER B 28 2.66 -2.34 46.57
C SER B 28 3.71 -1.23 46.61
N ILE B 29 4.43 -1.06 45.51
CA ILE B 29 5.58 -0.15 45.49
C ILE B 29 5.31 1.13 44.70
N ASN B 30 5.59 2.27 45.33
CA ASN B 30 5.52 3.56 44.65
C ASN B 30 6.91 4.14 44.42
N VAL B 31 7.15 4.64 43.20
CA VAL B 31 8.49 5.07 42.82
C VAL B 31 8.52 6.43 42.13
N GLU B 32 9.50 7.25 42.49
CA GLU B 32 9.77 8.51 41.82
C GLU B 32 11.19 8.49 41.30
N GLY B 33 11.39 8.97 40.08
CA GLY B 33 12.72 8.94 39.48
C GLY B 33 12.95 10.00 38.41
N SER B 34 14.05 9.84 37.68
CA SER B 34 14.41 10.77 36.62
C SER B 34 15.37 10.10 35.63
N THR B 35 15.31 10.51 34.38
CA THR B 35 16.18 9.94 33.35
C THR B 35 16.50 10.94 32.25
N GLN B 82 13.84 15.51 33.70
CA GLN B 82 12.81 14.60 33.24
C GLN B 82 12.38 13.65 34.36
N LYS B 83 11.47 14.10 35.20
CA LYS B 83 10.98 13.31 36.32
C LYS B 83 9.82 12.40 35.88
N PHE B 84 9.77 11.20 36.46
CA PHE B 84 8.71 10.25 36.15
C PHE B 84 8.18 9.59 37.42
N MET B 85 6.98 9.05 37.34
CA MET B 85 6.38 8.32 38.45
C MET B 85 5.86 6.97 37.99
N ALA B 86 6.17 5.93 38.76
CA ALA B 86 5.72 4.58 38.44
C ALA B 86 5.23 3.85 39.68
N LEU B 87 4.50 2.77 39.47
CA LEU B 87 4.04 1.94 40.58
C LEU B 87 3.93 0.47 40.17
N GLY B 88 4.12 -0.42 41.14
CA GLY B 88 4.05 -1.84 40.90
C GLY B 88 3.75 -2.60 42.18
N SER B 89 4.27 -3.81 42.28
CA SER B 89 4.06 -4.63 43.45
C SER B 89 5.34 -5.35 43.87
N GLY B 90 5.34 -5.90 45.07
CA GLY B 90 6.48 -6.63 45.57
C GLY B 90 6.08 -7.67 46.59
N VAL B 91 7.01 -8.54 46.94
CA VAL B 91 6.73 -9.61 47.89
C VAL B 91 7.77 -9.62 49.00
N ILE B 92 7.30 -9.65 50.23
CA ILE B 92 8.19 -9.70 51.38
C ILE B 92 8.83 -11.08 51.51
N ILE B 93 10.15 -11.13 51.34
CA ILE B 93 10.89 -12.38 51.40
C ILE B 93 11.39 -12.66 52.82
N ASP B 94 11.85 -11.61 53.49
CA ASP B 94 12.33 -11.73 54.86
C ASP B 94 11.64 -10.71 55.75
N ALA B 95 10.71 -11.19 56.57
CA ALA B 95 9.93 -10.33 57.44
C ALA B 95 10.81 -9.51 58.39
N ASP B 96 11.93 -10.10 58.77
CA ASP B 96 12.85 -9.46 59.71
C ASP B 96 13.70 -8.36 59.09
N LYS B 97 14.44 -8.72 58.05
CA LYS B 97 15.34 -7.79 57.42
C LYS B 97 14.57 -6.78 56.59
N GLY B 98 13.32 -7.10 56.29
CA GLY B 98 12.47 -6.23 55.49
C GLY B 98 12.84 -6.30 54.02
N TYR B 99 13.31 -7.46 53.58
CA TYR B 99 13.66 -7.67 52.19
C TYR B 99 12.43 -7.86 51.33
N VAL B 100 12.37 -7.14 50.21
CA VAL B 100 11.24 -7.23 49.31
C VAL B 100 11.71 -7.38 47.87
N VAL B 101 11.26 -8.45 47.21
CA VAL B 101 11.63 -8.69 45.83
C VAL B 101 10.64 -8.01 44.90
N THR B 102 11.08 -7.71 43.69
CA THR B 102 10.24 -7.04 42.70
C THR B 102 10.94 -7.03 41.35
N ASN B 103 10.23 -6.56 40.33
CA ASN B 103 10.81 -6.47 38.99
C ASN B 103 11.79 -5.32 38.90
N ASN B 104 12.92 -5.58 38.25
CA ASN B 104 13.93 -4.55 38.07
C ASN B 104 13.40 -3.35 37.29
N HIS B 105 12.44 -3.59 36.41
CA HIS B 105 11.90 -2.54 35.56
C HIS B 105 10.89 -1.66 36.31
N VAL B 106 10.61 -2.02 37.56
CA VAL B 106 9.67 -1.27 38.39
C VAL B 106 10.43 -0.24 39.23
N VAL B 107 11.65 -0.60 39.62
CA VAL B 107 12.43 0.21 40.54
C VAL B 107 13.68 0.74 39.86
N ASP B 108 13.76 0.60 38.53
CA ASP B 108 14.91 1.06 37.77
C ASP B 108 14.96 2.59 37.71
N ASN B 109 16.15 3.15 37.87
CA ASN B 109 16.34 4.60 37.87
C ASN B 109 15.44 5.29 38.87
N ALA B 110 15.44 4.79 40.10
CA ALA B 110 14.55 5.30 41.14
C ALA B 110 15.28 6.13 42.17
N THR B 111 14.80 7.35 42.40
CA THR B 111 15.36 8.23 43.41
C THR B 111 14.68 7.98 44.75
N VAL B 112 13.37 7.80 44.71
CA VAL B 112 12.57 7.55 45.91
C VAL B 112 11.76 6.26 45.78
N ILE B 113 11.82 5.43 46.82
CA ILE B 113 11.08 4.18 46.84
C ILE B 113 10.31 4.04 48.14
N LYS B 114 8.98 4.01 48.03
CA LYS B 114 8.14 3.83 49.20
C LYS B 114 7.23 2.61 49.05
N VAL B 115 7.14 1.83 50.12
CA VAL B 115 6.37 0.61 50.13
C VAL B 115 5.13 0.74 51.00
N GLN B 116 3.97 0.34 50.47
CA GLN B 116 2.73 0.39 51.23
C GLN B 116 2.17 -1.01 51.48
N LEU B 117 2.03 -1.38 52.74
CA LEU B 117 1.55 -2.71 53.11
C LEU B 117 0.05 -2.89 52.84
N SER B 118 -0.45 -4.08 53.15
CA SER B 118 -1.85 -4.40 52.96
C SER B 118 -2.73 -3.67 53.96
N ASP B 119 -2.20 -3.41 55.15
CA ASP B 119 -2.96 -2.74 56.20
C ASP B 119 -2.92 -1.22 56.06
N GLY B 120 -2.22 -0.73 55.05
CA GLY B 120 -2.17 0.69 54.78
C GLY B 120 -0.89 1.37 55.23
N ARG B 121 -0.09 0.66 56.02
CA ARG B 121 1.17 1.21 56.52
C ARG B 121 2.16 1.54 55.41
N LYS B 122 2.79 2.71 55.49
CA LYS B 122 3.84 3.10 54.54
C LYS B 122 5.22 3.00 55.16
N PHE B 123 6.21 2.71 54.31
CA PHE B 123 7.60 2.67 54.72
C PHE B 123 8.46 3.25 53.61
N ASP B 124 9.72 3.52 53.91
CA ASP B 124 10.67 3.89 52.89
C ASP B 124 11.63 2.74 52.64
N ALA B 125 11.99 2.53 51.38
CA ALA B 125 12.84 1.41 51.03
C ALA B 125 14.07 1.86 50.25
N LYS B 126 15.17 1.15 50.45
CA LYS B 126 16.41 1.42 49.74
C LYS B 126 16.82 0.22 48.90
N MET B 127 17.31 0.48 47.69
CA MET B 127 17.74 -0.58 46.78
C MET B 127 18.81 -1.46 47.43
N VAL B 128 18.78 -2.75 47.13
CA VAL B 128 19.77 -3.67 47.67
C VAL B 128 20.56 -4.33 46.54
N GLY B 129 19.84 -4.75 45.52
CA GLY B 129 20.44 -5.37 44.34
C GLY B 129 19.50 -5.29 43.16
N LYS B 130 20.05 -5.43 41.96
CA LYS B 130 19.23 -5.38 40.75
C LYS B 130 19.91 -6.15 39.61
N ASP B 131 19.12 -6.92 38.87
CA ASP B 131 19.64 -7.70 37.77
C ASP B 131 18.76 -7.56 36.53
N PRO B 132 19.07 -6.58 35.67
CA PRO B 132 18.31 -6.29 34.45
C PRO B 132 18.14 -7.51 33.55
N ARG B 133 19.15 -8.37 33.51
CA ARG B 133 19.12 -9.54 32.65
C ARG B 133 17.98 -10.49 32.99
N SER B 134 17.64 -10.57 34.27
CA SER B 134 16.55 -11.44 34.72
C SER B 134 15.33 -10.66 35.18
N ASP B 135 15.44 -9.33 35.18
CA ASP B 135 14.34 -8.45 35.56
C ASP B 135 13.92 -8.69 37.01
N ILE B 136 14.88 -9.07 37.85
CA ILE B 136 14.65 -9.25 39.27
C ILE B 136 15.45 -8.27 40.10
N ALA B 137 14.77 -7.55 40.98
CA ALA B 137 15.44 -6.61 41.86
C ALA B 137 15.07 -6.88 43.30
N LEU B 138 15.93 -6.44 44.23
CA LEU B 138 15.67 -6.64 45.64
C LEU B 138 15.80 -5.31 46.39
N ILE B 139 14.76 -4.94 47.13
CA ILE B 139 14.83 -3.75 47.96
C ILE B 139 14.70 -4.13 49.43
N GLN B 140 14.96 -3.18 50.31
CA GLN B 140 14.86 -3.43 51.75
C GLN B 140 14.06 -2.34 52.43
N ILE B 141 13.04 -2.74 53.19
CA ILE B 141 12.24 -1.79 53.93
C ILE B 141 13.05 -1.19 55.06
N GLN B 142 13.02 0.12 55.18
CA GLN B 142 13.72 0.80 56.27
C GLN B 142 12.85 0.78 57.51
N ASN B 143 13.46 0.46 58.65
CA ASN B 143 12.73 0.31 59.91
C ASN B 143 11.59 -0.70 59.82
N PRO B 144 11.93 -1.96 59.52
CA PRO B 144 10.93 -3.03 59.38
C PRO B 144 10.27 -3.33 60.71
N LYS B 145 8.95 -3.17 60.77
CA LYS B 145 8.21 -3.44 62.00
C LYS B 145 7.00 -4.33 61.76
N ASN B 146 7.00 -5.52 62.35
CA ASN B 146 5.84 -6.39 62.31
C ASN B 146 5.42 -6.73 60.88
N LEU B 147 6.31 -7.36 60.13
CA LEU B 147 6.04 -7.75 58.75
C LEU B 147 5.64 -9.21 58.64
N THR B 148 5.16 -9.59 57.46
CA THR B 148 4.84 -10.99 57.19
C THR B 148 5.47 -11.45 55.87
N ALA B 149 6.37 -12.41 55.95
CA ALA B 149 7.04 -12.93 54.77
C ALA B 149 6.26 -14.09 54.18
N ILE B 150 6.52 -14.39 52.91
CA ILE B 150 5.83 -15.48 52.24
C ILE B 150 6.75 -16.70 52.13
N LYS B 151 6.16 -17.88 52.16
CA LYS B 151 6.93 -19.11 51.97
C LYS B 151 6.99 -19.46 50.49
N MET B 152 8.20 -19.75 50.00
CA MET B 152 8.38 -20.10 48.60
C MET B 152 8.24 -21.60 48.37
N ALA B 153 7.64 -21.96 47.23
CA ALA B 153 7.52 -23.35 46.85
C ALA B 153 8.51 -23.69 45.74
N ASP B 154 8.78 -24.98 45.55
CA ASP B 154 9.71 -25.41 44.52
C ASP B 154 9.04 -25.34 43.16
N SER B 155 9.41 -24.34 42.37
CA SER B 155 8.77 -24.14 41.06
C SER B 155 8.95 -25.35 40.14
N ASP B 156 9.96 -26.18 40.43
CA ASP B 156 10.24 -27.36 39.62
C ASP B 156 9.18 -28.45 39.78
N ALA B 157 8.24 -28.22 40.67
CA ALA B 157 7.16 -29.17 40.91
C ALA B 157 5.92 -28.75 40.14
N LEU B 158 5.94 -27.54 39.60
CA LEU B 158 4.81 -27.02 38.83
C LEU B 158 4.52 -27.89 37.62
N ARG B 159 3.24 -28.05 37.31
CA ARG B 159 2.81 -28.76 36.13
C ARG B 159 1.67 -27.98 35.48
N VAL B 160 1.68 -27.89 34.16
CA VAL B 160 0.59 -27.23 33.45
C VAL B 160 -0.74 -27.80 33.89
N GLY B 161 -1.62 -26.94 34.40
CA GLY B 161 -2.89 -27.39 34.93
C GLY B 161 -3.06 -27.04 36.40
N ASP B 162 -1.94 -26.85 37.10
CA ASP B 162 -1.98 -26.45 38.49
C ASP B 162 -2.67 -25.09 38.63
N TYR B 163 -3.45 -24.93 39.69
CA TYR B 163 -4.20 -23.69 39.91
C TYR B 163 -3.32 -22.58 40.49
N THR B 164 -3.54 -21.35 40.01
CA THR B 164 -2.71 -20.23 40.41
C THR B 164 -3.54 -19.02 40.86
N VAL B 165 -2.96 -18.24 41.77
CA VAL B 165 -3.58 -17.03 42.27
C VAL B 165 -2.59 -15.87 42.17
N ALA B 166 -3.03 -14.78 41.54
CA ALA B 166 -2.17 -13.62 41.33
C ALA B 166 -2.53 -12.48 42.28
N ILE B 167 -1.53 -11.85 42.86
CA ILE B 167 -1.73 -10.78 43.80
C ILE B 167 -0.84 -9.59 43.45
N GLY B 168 -1.44 -8.43 43.27
CA GLY B 168 -0.70 -7.23 42.91
C GLY B 168 -1.51 -5.96 43.05
N ASN B 169 -1.03 -4.89 42.43
CA ASN B 169 -1.68 -3.59 42.50
C ASN B 169 -1.92 -3.02 41.11
N PRO B 170 -2.95 -3.51 40.43
CA PRO B 170 -3.32 -3.11 39.07
C PRO B 170 -3.83 -1.68 39.02
N PHE B 171 -3.20 -0.84 38.22
CA PHE B 171 -3.63 0.55 38.08
C PHE B 171 -3.74 1.22 39.45
N GLY B 172 -2.90 0.79 40.39
CA GLY B 172 -2.85 1.38 41.71
C GLY B 172 -4.15 1.29 42.48
N LEU B 173 -5.07 0.45 42.02
CA LEU B 173 -6.34 0.28 42.68
C LEU B 173 -6.18 -0.20 44.12
N GLY B 174 -5.09 -0.92 44.37
CA GLY B 174 -4.84 -1.50 45.67
C GLY B 174 -4.62 -2.99 45.52
N GLU B 175 -4.40 -3.69 46.64
CA GLU B 175 -4.14 -5.12 46.58
C GLU B 175 -5.32 -5.83 45.92
N THR B 176 -5.06 -6.43 44.76
CA THR B 176 -6.08 -7.11 44.00
C THR B 176 -5.69 -8.57 43.75
N VAL B 177 -6.62 -9.47 44.03
CA VAL B 177 -6.37 -10.90 43.84
C VAL B 177 -7.16 -11.45 42.67
N THR B 178 -6.49 -12.20 41.81
CA THR B 178 -7.14 -12.87 40.70
C THR B 178 -6.62 -14.29 40.65
N SER B 179 -7.33 -15.17 39.95
CA SER B 179 -6.94 -16.58 39.89
C SER B 179 -6.83 -17.09 38.46
N GLY B 180 -6.37 -18.32 38.31
CA GLY B 180 -6.23 -18.93 37.00
C GLY B 180 -5.50 -20.26 37.10
N ILE B 181 -4.88 -20.69 36.02
CA ILE B 181 -4.10 -21.92 36.00
C ILE B 181 -2.79 -21.74 35.25
N VAL B 182 -1.87 -22.68 35.46
CA VAL B 182 -0.63 -22.71 34.71
C VAL B 182 -0.92 -23.06 33.26
N SER B 183 -0.79 -22.07 32.38
CA SER B 183 -1.05 -22.28 30.95
C SER B 183 0.09 -23.05 30.29
N ALA B 184 1.32 -22.70 30.65
CA ALA B 184 2.49 -23.34 30.09
C ALA B 184 3.71 -23.03 30.94
N LEU B 185 4.81 -23.73 30.68
CA LEU B 185 6.04 -23.53 31.43
C LEU B 185 7.23 -23.35 30.50
N GLY B 186 8.29 -22.73 31.02
CA GLY B 186 9.52 -22.56 30.27
C GLY B 186 9.38 -21.68 29.04
N ARG B 187 8.35 -20.84 29.03
CA ARG B 187 8.16 -19.91 27.92
C ARG B 187 9.27 -18.87 27.91
N SER B 188 9.74 -18.54 26.71
CA SER B 188 10.80 -17.55 26.54
C SER B 188 10.81 -17.02 25.12
N GLY B 189 11.45 -15.88 24.92
CA GLY B 189 11.55 -15.30 23.60
C GLY B 189 11.10 -13.85 23.56
N LEU B 190 10.59 -13.36 24.68
CA LEU B 190 10.13 -11.98 24.78
C LEU B 190 11.31 -11.02 24.60
N ASN B 191 12.47 -11.42 25.12
CA ASN B 191 13.71 -10.69 24.92
C ASN B 191 14.89 -11.66 24.93
N ALA B 192 15.39 -11.99 23.73
CA ALA B 192 16.40 -13.03 23.57
C ALA B 192 17.69 -12.81 24.37
N GLU B 193 17.88 -11.60 24.87
CA GLU B 193 19.09 -11.29 25.64
C GLU B 193 18.86 -11.50 27.15
N ASN B 194 17.60 -11.62 27.55
CA ASN B 194 17.28 -11.82 28.96
C ASN B 194 17.20 -13.29 29.34
N TYR B 195 17.51 -13.58 30.60
CA TYR B 195 17.32 -14.91 31.14
C TYR B 195 15.85 -15.09 31.50
N GLU B 196 15.13 -15.82 30.66
CA GLU B 196 13.70 -15.99 30.86
C GLU B 196 13.25 -17.45 30.78
N ASN B 197 12.66 -17.91 31.87
CA ASN B 197 12.11 -19.26 31.95
C ASN B 197 10.69 -19.18 32.48
N PHE B 198 9.91 -18.27 31.88
CA PHE B 198 8.60 -17.87 32.40
C PHE B 198 7.61 -18.99 32.68
N ILE B 199 6.75 -18.74 33.66
CA ILE B 199 5.55 -19.51 33.87
C ILE B 199 4.43 -18.72 33.21
N GLN B 200 3.56 -19.40 32.47
CA GLN B 200 2.45 -18.71 31.83
C GLN B 200 1.17 -18.99 32.57
N THR B 201 0.33 -17.97 32.71
CA THR B 201 -0.95 -18.13 33.39
C THR B 201 -2.04 -17.24 32.83
N ASP B 202 -3.26 -17.76 32.82
CA ASP B 202 -4.42 -17.01 32.35
C ASP B 202 -5.01 -16.15 33.45
N ALA B 203 -4.34 -16.10 34.60
CA ALA B 203 -4.78 -15.28 35.72
C ALA B 203 -4.62 -13.81 35.39
N ALA B 204 -5.65 -13.03 35.67
CA ALA B 204 -5.70 -11.62 35.29
C ALA B 204 -4.51 -10.81 35.80
N ILE B 205 -3.69 -10.32 34.87
CA ILE B 205 -2.54 -9.50 35.22
C ILE B 205 -2.48 -8.25 34.35
N ASN B 206 -2.45 -7.08 34.98
CA ASN B 206 -2.34 -5.83 34.26
C ASN B 206 -1.22 -4.93 34.79
N ARG B 207 -1.09 -3.76 34.18
CA ARG B 207 -0.13 -2.76 34.64
C ARG B 207 -0.26 -2.53 36.15
N GLY B 208 0.81 -2.80 36.88
CA GLY B 208 0.82 -2.66 38.32
C GLY B 208 1.08 -3.98 38.99
N ASN B 209 0.67 -5.07 38.36
CA ASN B 209 0.87 -6.40 38.92
C ASN B 209 2.34 -6.78 38.98
N ALA B 210 3.17 -6.08 38.22
CA ALA B 210 4.59 -6.40 38.14
C ALA B 210 5.22 -6.47 39.53
N GLY B 211 6.08 -7.46 39.73
CA GLY B 211 6.70 -7.67 41.03
C GLY B 211 5.75 -8.34 41.99
N GLY B 212 4.50 -8.50 41.55
CA GLY B 212 3.48 -9.14 42.37
C GLY B 212 3.77 -10.61 42.58
N ALA B 213 2.95 -11.25 43.41
CA ALA B 213 3.15 -12.66 43.73
C ALA B 213 2.21 -13.55 42.93
N LEU B 214 2.74 -14.70 42.49
CA LEU B 214 1.93 -15.75 41.92
C LEU B 214 2.10 -17.00 42.80
N VAL B 215 1.02 -17.38 43.48
CA VAL B 215 1.09 -18.47 44.46
C VAL B 215 0.15 -19.61 44.11
N ASN B 216 0.39 -20.78 44.69
CA ASN B 216 -0.50 -21.92 44.53
C ASN B 216 -1.57 -21.92 45.61
N LEU B 217 -2.43 -22.93 45.59
CA LEU B 217 -3.57 -22.95 46.51
C LEU B 217 -3.18 -22.98 47.98
N ASN B 218 -1.92 -23.31 48.25
CA ASN B 218 -1.41 -23.34 49.62
C ASN B 218 -0.77 -22.03 50.04
N GLY B 219 -0.85 -21.03 49.16
CA GLY B 219 -0.33 -19.71 49.44
C GLY B 219 1.17 -19.63 49.37
N GLU B 220 1.77 -20.57 48.66
CA GLU B 220 3.22 -20.58 48.48
C GLU B 220 3.62 -19.90 47.17
N LEU B 221 4.63 -19.06 47.22
CA LEU B 221 5.08 -18.35 46.03
C LEU B 221 5.65 -19.32 45.00
N ILE B 222 5.12 -19.28 43.79
CA ILE B 222 5.65 -20.12 42.72
C ILE B 222 6.30 -19.27 41.64
N GLY B 223 6.00 -17.97 41.65
CA GLY B 223 6.56 -17.08 40.65
C GLY B 223 6.30 -15.61 40.91
N ILE B 224 6.99 -14.76 40.16
CA ILE B 224 6.81 -13.31 40.25
C ILE B 224 6.32 -12.77 38.91
N ASN B 225 5.05 -12.40 38.86
CA ASN B 225 4.47 -11.84 37.65
C ASN B 225 5.36 -10.73 37.11
N THR B 226 5.68 -10.79 35.82
CA THR B 226 6.60 -9.83 35.22
C THR B 226 6.02 -9.11 34.01
N ALA B 227 5.52 -9.85 33.04
CA ALA B 227 5.00 -9.23 31.82
C ALA B 227 3.78 -9.95 31.27
N ILE B 228 3.07 -9.28 30.36
CA ILE B 228 1.89 -9.86 29.73
C ILE B 228 1.98 -9.69 28.22
N LEU B 229 1.19 -10.48 27.50
CA LEU B 229 1.09 -10.33 26.05
C LEU B 229 -0.24 -9.68 25.70
N ALA B 230 -0.21 -8.38 25.45
CA ALA B 230 -1.43 -7.62 25.22
C ALA B 230 -1.25 -6.56 24.15
N PRO B 231 -2.02 -6.67 23.06
CA PRO B 231 -1.96 -5.73 21.93
C PRO B 231 -2.60 -4.38 22.26
N ASP B 232 -3.31 -4.31 23.38
CA ASP B 232 -4.04 -3.10 23.74
C ASP B 232 -3.69 -2.60 25.14
N GLY B 233 -2.60 -3.12 25.69
CA GLY B 233 -2.19 -2.75 27.03
C GLY B 233 -3.18 -3.23 28.08
N GLY B 234 -3.97 -4.22 27.72
CA GLY B 234 -4.92 -4.82 28.65
C GLY B 234 -4.87 -6.33 28.58
N ASN B 235 -4.88 -6.98 29.74
CA ASN B 235 -4.76 -8.44 29.82
C ASN B 235 -5.72 -9.17 28.89
N ILE B 236 -5.22 -10.21 28.23
CA ILE B 236 -6.06 -11.03 27.36
C ILE B 236 -5.92 -12.51 27.70
N GLY B 237 -5.42 -12.80 28.89
CA GLY B 237 -5.33 -14.17 29.36
C GLY B 237 -3.94 -14.77 29.26
N ILE B 238 -2.97 -13.94 28.90
CA ILE B 238 -1.60 -14.42 28.77
C ILE B 238 -0.63 -13.58 29.61
N GLY B 239 -0.31 -14.09 30.80
CA GLY B 239 0.65 -13.43 31.67
C GLY B 239 1.85 -14.32 31.95
N PHE B 240 2.98 -13.70 32.25
CA PHE B 240 4.21 -14.45 32.52
C PHE B 240 4.77 -14.09 33.88
N ALA B 241 5.32 -15.09 34.57
CA ALA B 241 5.92 -14.88 35.88
C ALA B 241 7.23 -15.64 35.99
N ILE B 242 8.19 -15.05 36.68
CA ILE B 242 9.48 -15.66 36.87
C ILE B 242 9.41 -16.74 37.95
N PRO B 243 9.84 -17.97 37.63
CA PRO B 243 9.79 -19.09 38.57
C PRO B 243 10.41 -18.74 39.91
N SER B 244 9.80 -19.23 40.98
CA SER B 244 10.26 -18.94 42.34
C SER B 244 11.72 -19.36 42.55
N ASN B 245 12.08 -20.52 42.02
CA ASN B 245 13.45 -21.01 42.15
C ASN B 245 14.48 -20.03 41.63
N MET B 246 14.17 -19.37 40.51
CA MET B 246 15.05 -18.37 39.95
C MET B 246 15.18 -17.18 40.90
N VAL B 247 14.05 -16.77 41.47
CA VAL B 247 14.04 -15.68 42.45
C VAL B 247 14.86 -16.07 43.67
N LYS B 248 14.63 -17.27 44.20
CA LYS B 248 15.38 -17.80 45.33
C LYS B 248 16.88 -17.60 45.09
N ASN B 249 17.36 -18.03 43.94
CA ASN B 249 18.78 -17.95 43.60
C ASN B 249 19.29 -16.52 43.45
N LEU B 250 18.56 -15.71 42.70
CA LEU B 250 19.00 -14.35 42.42
C LEU B 250 19.02 -13.48 43.68
N THR B 251 17.95 -13.52 44.46
CA THR B 251 17.87 -12.67 45.64
C THR B 251 18.93 -13.03 46.68
N SER B 252 19.10 -14.32 46.92
CA SER B 252 20.05 -14.80 47.93
C SER B 252 21.47 -14.26 47.68
N GLN B 253 21.80 -14.05 46.41
CA GLN B 253 23.08 -13.46 46.06
C GLN B 253 23.09 -11.96 46.36
N MET B 254 22.06 -11.26 45.88
CA MET B 254 21.92 -9.83 46.12
C MET B 254 22.04 -9.50 47.61
N VAL B 255 21.51 -10.40 48.44
CA VAL B 255 21.56 -10.23 49.89
C VAL B 255 23.00 -10.18 50.40
N GLU B 256 23.87 -10.99 49.78
CA GLU B 256 25.24 -11.12 50.24
C GLU B 256 26.22 -10.23 49.49
N TYR B 257 26.04 -10.12 48.18
CA TYR B 257 27.03 -9.44 47.35
C TYR B 257 26.54 -8.10 46.80
N GLY B 258 25.23 -7.89 46.80
CA GLY B 258 24.67 -6.68 46.25
C GLY B 258 24.50 -6.78 44.75
N GLN B 259 25.08 -7.83 44.17
CA GLN B 259 24.89 -8.15 42.77
C GLN B 259 24.91 -9.66 42.57
N VAL B 260 24.82 -10.10 41.32
CA VAL B 260 24.86 -11.52 41.03
C VAL B 260 26.18 -11.91 40.39
N LYS B 261 26.88 -12.87 41.00
CA LYS B 261 28.10 -13.42 40.43
C LYS B 261 27.74 -14.41 39.32
N ARG B 262 27.76 -13.92 38.09
CA ARG B 262 27.29 -14.69 36.95
C ARG B 262 28.28 -15.77 36.54
N GLY B 263 27.86 -17.02 36.61
CA GLY B 263 28.68 -18.14 36.18
C GLY B 263 28.20 -18.66 34.84
N GLU B 264 29.03 -19.45 34.18
CA GLU B 264 28.67 -19.96 32.87
C GLU B 264 29.36 -21.29 32.60
N LEU B 265 28.77 -22.06 31.69
CA LEU B 265 29.36 -23.33 31.26
C LEU B 265 30.39 -23.03 30.19
N GLY B 266 30.24 -21.89 29.53
CA GLY B 266 31.13 -21.48 28.47
C GLY B 266 30.87 -22.25 27.19
N ILE B 267 29.61 -22.21 26.74
CA ILE B 267 29.24 -22.88 25.49
C ILE B 267 28.36 -22.00 24.63
N MET B 268 28.58 -22.06 23.32
CA MET B 268 27.74 -21.36 22.37
C MET B 268 26.73 -22.35 21.81
N GLY B 269 25.53 -21.87 21.47
CA GLY B 269 24.51 -22.75 20.95
C GLY B 269 23.25 -22.06 20.47
N THR B 270 22.24 -22.85 20.14
CA THR B 270 20.97 -22.32 19.66
C THR B 270 19.85 -23.35 19.83
N GLU B 271 18.62 -22.90 19.61
CA GLU B 271 17.45 -23.75 19.77
C GLU B 271 17.47 -24.92 18.81
N LEU B 272 17.16 -26.11 19.32
CA LEU B 272 17.11 -27.31 18.50
C LEU B 272 15.69 -27.52 17.96
N ASN B 273 15.48 -27.12 16.71
CA ASN B 273 14.19 -27.31 16.06
C ASN B 273 14.16 -28.61 15.24
N SER B 274 13.01 -28.91 14.65
CA SER B 274 12.85 -30.14 13.89
C SER B 274 13.76 -30.16 12.65
N GLU B 275 13.92 -29.01 12.02
CA GLU B 275 14.79 -28.88 10.84
C GLU B 275 16.24 -29.24 11.17
N LEU B 276 16.78 -28.59 12.20
CA LEU B 276 18.16 -28.81 12.61
C LEU B 276 18.36 -30.27 13.06
N ALA B 277 17.33 -30.85 13.66
CA ALA B 277 17.39 -32.25 14.08
C ALA B 277 17.60 -33.18 12.90
N LYS B 278 16.92 -32.88 11.79
CA LYS B 278 17.06 -33.66 10.56
C LYS B 278 18.50 -33.63 10.06
N ALA B 279 19.06 -32.43 9.99
CA ALA B 279 20.43 -32.26 9.49
C ALA B 279 21.45 -32.98 10.35
N MET B 280 21.27 -32.92 11.65
CA MET B 280 22.23 -33.51 12.58
C MET B 280 21.89 -34.96 12.94
N LYS B 281 20.90 -35.52 12.25
CA LYS B 281 20.47 -36.90 12.50
C LYS B 281 20.15 -37.12 13.98
N VAL B 282 19.41 -36.18 14.57
CA VAL B 282 19.06 -36.25 15.98
C VAL B 282 17.59 -36.59 16.18
N ASP B 283 17.29 -37.35 17.22
CA ASP B 283 15.92 -37.72 17.56
C ASP B 283 15.12 -36.55 18.10
N ALA B 284 15.59 -35.98 19.21
CA ALA B 284 14.86 -34.92 19.90
C ALA B 284 14.61 -33.71 19.00
N GLN B 285 13.38 -33.23 19.02
CA GLN B 285 13.01 -32.04 18.23
C GLN B 285 13.12 -30.77 19.07
N ARG B 286 13.70 -30.89 20.25
CA ARG B 286 13.80 -29.75 21.15
C ARG B 286 14.92 -29.94 22.17
N GLY B 287 15.62 -28.85 22.46
CA GLY B 287 16.73 -28.88 23.39
C GLY B 287 17.78 -27.86 23.03
N ALA B 288 18.90 -27.89 23.74
CA ALA B 288 19.99 -26.95 23.50
C ALA B 288 21.07 -27.58 22.62
N PHE B 289 21.29 -26.99 21.45
CA PHE B 289 22.30 -27.47 20.53
C PHE B 289 23.61 -26.75 20.74
N VAL B 290 24.66 -27.51 21.05
CA VAL B 290 25.98 -26.94 21.30
C VAL B 290 26.69 -26.59 20.01
N SER B 291 26.77 -25.30 19.71
CA SER B 291 27.48 -24.81 18.53
C SER B 291 28.98 -25.00 18.72
N GLN B 292 29.48 -24.69 19.92
CA GLN B 292 30.90 -24.80 20.23
C GLN B 292 31.14 -24.63 21.71
N VAL B 293 32.22 -25.23 22.21
CA VAL B 293 32.62 -25.06 23.60
C VAL B 293 33.89 -24.23 23.69
N LEU B 294 33.89 -23.25 24.60
CA LEU B 294 35.05 -22.39 24.78
C LEU B 294 36.18 -23.14 25.47
N PRO B 295 37.42 -22.89 25.05
CA PRO B 295 38.59 -23.50 25.68
C PRO B 295 38.72 -23.03 27.13
N ASN B 296 39.17 -23.92 28.01
CA ASN B 296 39.35 -23.61 29.43
C ASN B 296 38.05 -23.29 30.14
N SER B 297 36.94 -23.78 29.60
CA SER B 297 35.63 -23.60 30.21
C SER B 297 35.21 -24.88 30.93
N SER B 298 34.42 -24.72 31.99
CA SER B 298 33.95 -25.88 32.75
C SER B 298 33.42 -26.97 31.84
N ALA B 299 32.64 -26.57 30.84
CA ALA B 299 32.08 -27.51 29.88
C ALA B 299 33.16 -28.31 29.17
N ALA B 300 34.18 -27.60 28.69
CA ALA B 300 35.30 -28.25 28.01
C ALA B 300 35.95 -29.29 28.93
N LYS B 301 36.26 -28.88 30.15
CA LYS B 301 36.88 -29.75 31.13
C LYS B 301 35.98 -30.97 31.42
N ALA B 302 34.68 -30.76 31.31
CA ALA B 302 33.70 -31.81 31.61
C ALA B 302 33.63 -32.85 30.50
N GLY B 303 34.01 -32.45 29.28
CA GLY B 303 34.01 -33.36 28.16
C GLY B 303 32.87 -33.12 27.18
N ILE B 304 32.33 -31.90 27.21
CA ILE B 304 31.30 -31.53 26.27
C ILE B 304 31.94 -31.07 24.97
N LYS B 305 31.52 -31.67 23.86
CA LYS B 305 32.01 -31.27 22.55
C LYS B 305 30.87 -30.69 21.72
N ALA B 306 31.22 -29.94 20.70
CA ALA B 306 30.24 -29.33 19.80
C ALA B 306 29.38 -30.39 19.12
N GLY B 307 28.22 -29.98 18.62
CA GLY B 307 27.32 -30.90 17.95
C GLY B 307 26.51 -31.74 18.91
N ASP B 308 26.73 -31.50 20.20
CA ASP B 308 25.97 -32.19 21.24
C ASP B 308 24.63 -31.51 21.49
N VAL B 309 23.64 -32.30 21.92
CA VAL B 309 22.34 -31.77 22.27
C VAL B 309 22.02 -32.03 23.73
N ILE B 310 21.89 -30.96 24.50
CA ILE B 310 21.55 -31.10 25.92
C ILE B 310 20.05 -31.34 26.06
N THR B 311 19.70 -32.34 26.87
CA THR B 311 18.31 -32.75 26.99
C THR B 311 17.77 -32.57 28.41
N SER B 312 18.65 -32.59 29.39
CA SER B 312 18.21 -32.49 30.78
C SER B 312 19.22 -31.76 31.67
N LEU B 313 18.71 -31.19 32.75
CA LEU B 313 19.53 -30.48 33.72
C LEU B 313 19.19 -30.94 35.14
N ASN B 314 20.14 -31.57 35.80
CA ASN B 314 19.92 -32.14 37.12
C ASN B 314 18.72 -33.07 37.15
N GLY B 315 18.53 -33.79 36.05
CA GLY B 315 17.42 -34.72 35.93
C GLY B 315 16.22 -34.11 35.20
N LYS B 316 15.98 -32.82 35.45
CA LYS B 316 14.84 -32.13 34.86
C LYS B 316 15.04 -31.88 33.37
N PRO B 317 14.10 -32.38 32.55
CA PRO B 317 14.16 -32.19 31.09
C PRO B 317 14.27 -30.72 30.71
N ILE B 318 14.82 -30.47 29.53
CA ILE B 318 15.05 -29.13 29.04
C ILE B 318 13.99 -28.77 28.00
N SER B 319 13.34 -27.62 28.17
CA SER B 319 12.35 -27.20 27.20
C SER B 319 13.05 -26.60 25.98
N SER B 320 14.06 -25.79 26.23
CA SER B 320 14.76 -25.08 25.16
C SER B 320 16.12 -24.56 25.62
N PHE B 321 16.91 -24.10 24.66
CA PHE B 321 18.20 -23.50 24.96
C PHE B 321 17.98 -22.27 25.82
N ALA B 322 16.99 -21.46 25.46
CA ALA B 322 16.69 -20.23 26.20
C ALA B 322 16.39 -20.54 27.67
N ALA B 323 15.71 -21.64 27.91
CA ALA B 323 15.36 -22.05 29.26
C ALA B 323 16.61 -22.45 30.05
N LEU B 324 17.43 -23.30 29.44
CA LEU B 324 18.69 -23.71 30.04
C LEU B 324 19.53 -22.50 30.43
N ARG B 325 19.62 -21.55 29.50
CA ARG B 325 20.37 -20.33 29.72
C ARG B 325 19.90 -19.63 30.98
N ALA B 326 18.58 -19.54 31.12
CA ALA B 326 17.96 -18.90 32.27
C ALA B 326 18.18 -19.70 33.55
N GLN B 327 18.13 -21.03 33.43
CA GLN B 327 18.34 -21.91 34.57
C GLN B 327 19.68 -21.61 35.23
N VAL B 328 20.75 -21.90 34.49
CA VAL B 328 22.12 -21.73 34.99
C VAL B 328 22.47 -20.26 35.24
N GLY B 329 21.84 -19.36 34.50
CA GLY B 329 22.09 -17.94 34.64
C GLY B 329 21.75 -17.41 36.02
N THR B 330 20.97 -18.18 36.78
CA THR B 330 20.55 -17.78 38.10
C THR B 330 21.32 -18.51 39.20
N MET B 331 21.99 -19.58 38.82
CA MET B 331 22.75 -20.38 39.78
C MET B 331 24.07 -19.69 40.12
N PRO B 332 24.49 -19.81 41.38
CA PRO B 332 25.71 -19.18 41.91
C PRO B 332 26.97 -19.83 41.34
N VAL B 333 28.06 -19.08 41.27
CA VAL B 333 29.32 -19.62 40.78
C VAL B 333 29.74 -20.81 41.64
N GLY B 334 30.29 -21.83 40.99
CA GLY B 334 30.78 -23.00 41.70
C GLY B 334 29.71 -24.03 41.98
N SER B 335 28.48 -23.72 41.55
CA SER B 335 27.39 -24.68 41.71
C SER B 335 27.69 -25.94 40.93
N LYS B 336 27.68 -27.08 41.61
CA LYS B 336 27.91 -28.35 40.95
C LYS B 336 26.59 -28.91 40.43
N LEU B 337 26.52 -29.15 39.13
CA LEU B 337 25.31 -29.62 38.48
C LEU B 337 25.64 -30.74 37.51
N THR B 338 24.61 -31.37 36.97
CA THR B 338 24.82 -32.45 36.01
C THR B 338 23.92 -32.27 34.80
N LEU B 339 24.47 -32.55 33.61
CA LEU B 339 23.72 -32.37 32.37
C LEU B 339 23.50 -33.69 31.64
N GLY B 340 22.39 -33.78 30.92
CA GLY B 340 22.09 -34.94 30.10
C GLY B 340 22.30 -34.61 28.63
N LEU B 341 23.32 -35.21 28.03
CA LEU B 341 23.67 -34.92 26.64
C LEU B 341 23.21 -35.99 25.67
N LEU B 342 23.20 -35.64 24.40
CA LEU B 342 22.83 -36.57 23.35
C LEU B 342 23.76 -36.40 22.16
N ARG B 343 24.74 -37.28 22.04
CA ARG B 343 25.68 -37.23 20.91
C ARG B 343 25.68 -38.56 20.17
N ASP B 344 25.40 -38.50 18.88
CA ASP B 344 25.35 -39.70 18.06
C ASP B 344 24.30 -40.68 18.57
N GLY B 345 23.12 -40.17 18.88
CA GLY B 345 22.02 -40.99 19.37
C GLY B 345 22.38 -41.74 20.63
N LYS B 346 23.28 -41.16 21.41
CA LYS B 346 23.86 -41.82 22.57
C LYS B 346 23.67 -40.96 23.82
N GLN B 347 23.02 -41.51 24.84
CA GLN B 347 22.78 -40.76 26.08
C GLN B 347 24.05 -40.63 26.93
N VAL B 348 24.38 -39.39 27.29
CA VAL B 348 25.59 -39.12 28.07
C VAL B 348 25.24 -38.31 29.31
N ASN B 349 25.94 -38.58 30.41
CA ASN B 349 25.81 -37.78 31.62
C ASN B 349 27.14 -37.14 32.00
N VAL B 350 27.09 -35.90 32.49
CA VAL B 350 28.31 -35.17 32.82
C VAL B 350 28.17 -34.34 34.09
N ASN B 351 29.23 -34.28 34.88
CA ASN B 351 29.26 -33.45 36.08
C ASN B 351 30.00 -32.14 35.83
N LEU B 352 29.33 -31.03 36.11
CA LEU B 352 29.88 -29.72 35.85
C LEU B 352 29.95 -28.84 37.08
N GLU B 353 30.68 -27.74 36.97
CA GLU B 353 30.80 -26.78 38.05
C GLU B 353 30.95 -25.39 37.44
N LEU B 354 30.01 -24.51 37.76
CA LEU B 354 30.00 -23.15 37.22
C LEU B 354 31.27 -22.40 37.58
N GLN B 355 31.75 -21.56 36.66
CA GLN B 355 33.00 -20.84 36.86
C GLN B 355 32.81 -19.32 36.76
N GLN B 356 33.90 -18.60 36.96
CA GLN B 356 33.90 -17.14 36.87
C GLN B 356 34.05 -16.70 35.42
N SER B 357 32.97 -16.16 34.85
CA SER B 357 32.96 -15.75 33.45
C SER B 357 34.00 -14.66 33.17
N SER B 358 34.95 -14.95 32.28
CA SER B 358 36.01 -14.01 31.95
C SER B 358 35.47 -12.81 31.17
N GLN B 359 34.58 -13.07 30.22
CA GLN B 359 34.05 -12.02 29.35
C GLN B 359 32.56 -11.79 29.59
N ASN B 360 32.08 -10.60 29.26
CA ASN B 360 30.68 -10.23 29.43
C ASN B 360 30.18 -10.53 30.84
N GLN B 361 31.08 -10.42 31.82
CA GLN B 361 30.80 -10.84 33.19
C GLN B 361 29.71 -10.04 33.91
N VAL B 362 29.75 -8.72 33.80
CA VAL B 362 28.79 -7.87 34.55
C VAL B 362 28.36 -6.60 33.79
N ASP B 363 27.06 -6.34 33.76
CA ASP B 363 26.53 -5.12 33.15
C ASP B 363 26.94 -3.89 33.94
N SER B 364 26.80 -2.71 33.33
CA SER B 364 27.24 -1.47 33.95
C SER B 364 26.15 -0.84 34.83
N SER B 365 24.89 -1.13 34.50
CA SER B 365 23.77 -0.61 35.29
C SER B 365 23.78 -1.20 36.69
N SER B 366 24.55 -2.26 36.89
CA SER B 366 24.63 -2.93 38.18
C SER B 366 25.60 -2.21 39.11
N ILE B 367 26.39 -1.30 38.56
CA ILE B 367 27.41 -0.61 39.33
C ILE B 367 27.15 0.89 39.39
N PHE B 368 26.60 1.45 38.33
CA PHE B 368 26.31 2.89 38.28
C PHE B 368 24.85 3.20 38.55
N ASN B 369 24.04 2.15 38.71
CA ASN B 369 22.61 2.32 38.98
C ASN B 369 21.95 3.29 38.03
N GLY B 370 21.90 2.93 36.75
CA GLY B 370 21.23 3.76 35.76
C GLY B 370 21.99 3.91 34.45
N ILE B 371 23.17 3.32 34.36
CA ILE B 371 23.99 3.41 33.15
C ILE B 371 24.09 2.06 32.44
N GLU B 372 23.24 1.88 31.43
CA GLU B 372 23.21 0.61 30.70
C GLU B 372 23.95 0.69 29.37
N GLY B 373 24.13 -0.45 28.74
CA GLY B 373 24.75 -0.51 27.42
C GLY B 373 26.26 -0.68 27.47
N ALA B 374 26.76 -1.35 28.49
CA ALA B 374 28.19 -1.60 28.63
C ALA B 374 28.48 -2.67 29.66
N GLU B 375 29.01 -3.80 29.21
CA GLU B 375 29.39 -4.89 30.10
C GLU B 375 30.87 -4.79 30.45
N MET B 376 31.20 -5.12 31.69
CA MET B 376 32.57 -5.03 32.16
C MET B 376 32.84 -5.99 33.32
N SER B 377 34.11 -6.32 33.51
CA SER B 377 34.50 -7.28 34.54
C SER B 377 35.91 -6.99 35.02
N ASN B 378 36.37 -7.79 35.99
CA ASN B 378 37.75 -7.69 36.45
C ASN B 378 38.72 -8.12 35.37
N LYS B 379 39.94 -7.61 35.45
CA LYS B 379 40.97 -7.95 34.47
C LYS B 379 42.13 -8.66 35.16
N GLY B 380 42.48 -9.83 34.64
CA GLY B 380 43.59 -10.61 35.19
C GLY B 380 43.67 -10.57 36.70
N LYS B 381 44.78 -10.05 37.22
CA LYS B 381 45.04 -10.04 38.66
C LYS B 381 45.08 -8.64 39.25
N ASP B 382 43.94 -8.13 39.69
CA ASP B 382 43.89 -6.79 40.25
C ASP B 382 44.55 -5.83 39.28
N GLN B 383 44.12 -5.89 38.02
CA GLN B 383 44.68 -5.05 36.98
C GLN B 383 43.66 -4.03 36.50
N GLY B 384 42.60 -3.84 37.29
CA GLY B 384 41.57 -2.89 36.96
C GLY B 384 40.30 -3.53 36.44
N VAL B 385 39.33 -2.71 36.07
CA VAL B 385 38.06 -3.19 35.55
C VAL B 385 37.97 -2.95 34.05
N VAL B 386 38.17 -3.99 33.26
CA VAL B 386 38.11 -3.87 31.80
C VAL B 386 36.68 -3.93 31.31
N VAL B 387 36.39 -3.19 30.24
CA VAL B 387 35.08 -3.19 29.63
C VAL B 387 35.02 -4.22 28.51
N ASN B 388 34.12 -5.20 28.65
CA ASN B 388 34.02 -6.28 27.69
C ASN B 388 33.35 -5.88 26.39
N ASN B 389 32.15 -5.34 26.50
CA ASN B 389 31.38 -4.96 25.31
C ASN B 389 30.51 -3.71 25.55
N VAL B 390 30.29 -2.95 24.48
CA VAL B 390 29.49 -1.72 24.57
C VAL B 390 28.42 -1.67 23.48
N LYS B 391 27.19 -1.36 23.88
CA LYS B 391 26.10 -1.23 22.94
C LYS B 391 25.98 0.21 22.45
N THR B 392 25.55 0.39 21.21
CA THR B 392 25.40 1.72 20.65
C THR B 392 24.08 2.37 21.07
N GLY B 393 24.07 3.69 21.19
CA GLY B 393 22.88 4.41 21.57
C GLY B 393 22.45 4.11 23.00
N THR B 394 23.42 4.08 23.90
CA THR B 394 23.16 3.78 25.31
C THR B 394 23.81 4.82 26.22
N PRO B 395 23.25 4.99 27.43
CA PRO B 395 23.74 5.97 28.40
C PRO B 395 25.24 5.88 28.63
N ALA B 396 25.79 4.67 28.55
CA ALA B 396 27.22 4.46 28.78
C ALA B 396 28.06 5.11 27.69
N ALA B 397 27.79 4.74 26.44
CA ALA B 397 28.54 5.27 25.32
C ALA B 397 28.32 6.77 25.15
N GLN B 398 27.29 7.28 25.84
CA GLN B 398 26.98 8.70 25.76
C GLN B 398 28.03 9.55 26.48
N ILE B 399 28.78 8.91 27.38
CA ILE B 399 29.84 9.62 28.10
C ILE B 399 31.20 9.30 27.52
N GLY B 400 31.23 8.43 26.52
CA GLY B 400 32.46 8.11 25.82
C GLY B 400 32.87 6.65 25.88
N LEU B 401 32.51 5.99 26.98
CA LEU B 401 32.91 4.60 27.22
C LEU B 401 32.90 3.72 25.97
N LYS B 402 34.00 3.03 25.74
CA LYS B 402 34.13 2.13 24.60
C LYS B 402 34.77 0.81 25.00
N LYS B 403 34.47 -0.25 24.27
CA LYS B 403 35.01 -1.57 24.55
C LYS B 403 36.54 -1.58 24.49
N GLY B 404 37.16 -2.25 25.45
CA GLY B 404 38.60 -2.36 25.48
C GLY B 404 39.24 -1.48 26.54
N ASP B 405 38.44 -0.60 27.13
CA ASP B 405 38.94 0.31 28.15
C ASP B 405 39.20 -0.43 29.46
N VAL B 406 40.18 0.05 30.21
CA VAL B 406 40.55 -0.56 31.48
C VAL B 406 40.66 0.48 32.58
N ILE B 407 39.69 0.49 33.48
CA ILE B 407 39.66 1.48 34.55
C ILE B 407 40.78 1.27 35.56
N ILE B 408 41.74 2.18 35.60
CA ILE B 408 42.87 2.10 36.52
C ILE B 408 42.51 2.66 37.89
N GLY B 409 41.76 3.76 37.90
CA GLY B 409 41.37 4.41 39.15
C GLY B 409 40.25 5.40 38.95
N ALA B 410 39.73 5.93 40.05
CA ALA B 410 38.63 6.89 40.00
C ALA B 410 38.73 7.88 41.16
N ASN B 411 38.62 9.17 40.84
CA ASN B 411 38.71 10.21 41.84
C ASN B 411 39.99 10.09 42.68
N GLN B 412 41.11 9.90 42.00
CA GLN B 412 42.42 9.84 42.64
C GLN B 412 42.58 8.62 43.55
N GLN B 413 41.65 7.68 43.44
CA GLN B 413 41.75 6.43 44.19
C GLN B 413 41.99 5.27 43.23
N ALA B 414 43.01 4.47 43.54
CA ALA B 414 43.36 3.34 42.69
C ALA B 414 42.21 2.35 42.61
N VAL B 415 42.01 1.77 41.43
CA VAL B 415 41.00 0.74 41.24
C VAL B 415 41.63 -0.54 40.67
N LYS B 416 41.58 -1.61 41.46
CA LYS B 416 42.15 -2.89 41.07
C LYS B 416 41.06 -3.84 40.59
N ASN B 417 39.91 -3.80 41.27
CA ASN B 417 38.79 -4.66 40.91
C ASN B 417 37.45 -3.93 41.11
N ILE B 418 36.36 -4.64 40.85
CA ILE B 418 35.03 -4.05 40.94
C ILE B 418 34.70 -3.62 42.37
N ALA B 419 35.26 -4.32 43.35
CA ALA B 419 35.02 -4.00 44.75
C ALA B 419 35.55 -2.60 45.08
N GLU B 420 36.77 -2.30 44.65
CA GLU B 420 37.37 -1.00 44.90
C GLU B 420 36.57 0.10 44.22
N LEU B 421 36.16 -0.17 42.99
CA LEU B 421 35.39 0.79 42.21
C LEU B 421 34.08 1.12 42.92
N ARG B 422 33.35 0.08 43.32
CA ARG B 422 32.09 0.26 44.02
C ARG B 422 32.31 1.00 45.33
N LYS B 423 33.50 0.83 45.88
CA LYS B 423 33.88 1.45 47.15
C LYS B 423 33.92 2.98 47.00
N VAL B 424 34.30 3.43 45.82
CA VAL B 424 34.37 4.86 45.52
C VAL B 424 32.97 5.40 45.30
N LEU B 425 32.12 4.60 44.68
CA LEU B 425 30.76 5.01 44.40
C LEU B 425 29.93 5.05 45.67
N ASP B 426 30.35 4.31 46.68
CA ASP B 426 29.68 4.32 47.97
C ASP B 426 29.85 5.69 48.63
N SER B 427 30.93 6.36 48.28
CA SER B 427 31.17 7.72 48.77
C SER B 427 30.15 8.68 48.17
N LYS B 428 29.63 8.31 47.00
CA LYS B 428 28.64 9.13 46.29
C LYS B 428 29.14 10.56 46.07
N PRO B 429 30.18 10.72 45.23
CA PRO B 429 30.69 12.05 44.88
C PRO B 429 29.80 12.71 43.83
N SER B 430 29.77 14.03 43.80
CA SER B 430 28.93 14.77 42.86
C SER B 430 29.35 14.51 41.41
N VAL B 431 30.65 14.47 41.18
CA VAL B 431 31.17 14.16 39.85
C VAL B 431 32.16 13.00 39.91
N LEU B 432 32.06 12.09 38.95
CA LEU B 432 32.94 10.93 38.93
C LEU B 432 33.96 11.06 37.81
N ALA B 433 35.23 10.89 38.16
CA ALA B 433 36.30 10.98 37.18
C ALA B 433 37.04 9.66 37.04
N LEU B 434 36.75 8.94 35.97
CA LEU B 434 37.36 7.64 35.73
C LEU B 434 38.70 7.77 35.00
N ASN B 435 39.73 7.15 35.56
CA ASN B 435 41.05 7.15 34.93
C ASN B 435 41.27 5.87 34.13
N ILE B 436 40.64 5.78 32.96
CA ILE B 436 40.74 4.59 32.13
C ILE B 436 41.91 4.69 31.15
N GLN B 437 42.21 3.61 30.46
CA GLN B 437 43.30 3.60 29.50
C GLN B 437 42.94 2.88 28.21
N ARG B 438 42.92 3.63 27.11
CA ARG B 438 42.67 3.08 25.78
C ARG B 438 43.99 2.93 25.03
N GLY B 439 44.31 1.70 24.64
CA GLY B 439 45.59 1.43 24.01
C GLY B 439 46.71 1.81 24.97
N ASP B 440 47.72 2.48 24.45
CA ASP B 440 48.84 2.90 25.29
C ASP B 440 48.64 4.30 25.85
N SER B 441 47.43 4.84 25.67
CA SER B 441 47.09 6.18 26.15
C SER B 441 46.28 6.14 27.45
N THR B 442 46.46 7.17 28.27
CA THR B 442 45.68 7.32 29.49
C THR B 442 44.75 8.51 29.40
N ILE B 443 43.46 8.27 29.65
CA ILE B 443 42.46 9.32 29.55
C ILE B 443 41.58 9.38 30.79
N TYR B 444 40.61 10.28 30.79
CA TYR B 444 39.64 10.38 31.88
C TYR B 444 38.24 10.49 31.31
N LEU B 445 37.27 9.99 32.08
CA LEU B 445 35.87 10.14 31.72
C LEU B 445 35.11 10.74 32.90
N LEU B 446 34.40 11.82 32.64
CA LEU B 446 33.71 12.54 33.69
C LEU B 446 32.22 12.20 33.71
N MET B 447 31.64 12.18 34.90
CA MET B 447 30.22 11.88 35.06
C MET B 447 29.53 12.89 35.98
N GLN B 448 28.34 13.33 35.55
CA GLN B 448 27.54 14.29 36.31
C GLN B 448 28.15 15.70 36.28
N GLN C 11 -17.95 -38.57 38.19
CA GLN C 11 -18.72 -37.48 38.75
C GLN C 11 -17.90 -36.19 38.80
N MET C 12 -18.31 -35.20 38.01
CA MET C 12 -17.59 -33.93 37.91
C MET C 12 -18.29 -32.80 38.65
N PRO C 13 -17.50 -31.87 39.20
CA PRO C 13 -18.00 -30.63 39.82
C PRO C 13 -18.59 -29.71 38.77
N SER C 14 -19.71 -29.06 39.08
CA SER C 14 -20.33 -28.14 38.13
C SER C 14 -21.24 -27.11 38.78
N LEU C 15 -21.31 -25.93 38.17
CA LEU C 15 -22.16 -24.85 38.67
C LEU C 15 -23.57 -25.04 38.14
N ALA C 16 -23.69 -25.89 37.12
CA ALA C 16 -24.98 -26.14 36.48
C ALA C 16 -26.13 -26.34 37.47
N PRO C 17 -25.97 -27.25 38.45
CA PRO C 17 -27.06 -27.49 39.41
C PRO C 17 -27.55 -26.20 40.04
N MET C 18 -26.60 -25.38 40.49
CA MET C 18 -26.94 -24.11 41.13
C MET C 18 -27.54 -23.12 40.14
N LEU C 19 -27.01 -23.11 38.93
CA LEU C 19 -27.42 -22.14 37.92
C LEU C 19 -28.84 -22.33 37.41
N GLU C 20 -29.23 -23.58 37.18
CA GLU C 20 -30.56 -23.85 36.65
C GLU C 20 -31.62 -23.31 37.60
N LYS C 21 -31.26 -23.21 38.88
CA LYS C 21 -32.16 -22.66 39.88
C LYS C 21 -32.22 -21.15 39.79
N VAL C 22 -31.07 -20.53 39.54
CA VAL C 22 -30.90 -19.08 39.65
C VAL C 22 -31.18 -18.29 38.37
N MET C 23 -30.60 -18.75 37.26
CA MET C 23 -30.86 -18.16 35.94
C MET C 23 -32.29 -17.64 35.59
N PRO C 24 -33.36 -18.37 35.94
CA PRO C 24 -34.66 -17.73 35.65
C PRO C 24 -34.82 -16.36 36.30
N SER C 25 -34.12 -16.15 37.40
CA SER C 25 -34.26 -14.93 38.18
C SER C 25 -33.57 -13.74 37.49
N VAL C 26 -32.69 -14.02 36.54
CA VAL C 26 -31.99 -12.96 35.81
C VAL C 26 -32.64 -12.71 34.44
N VAL C 27 -33.04 -11.47 34.21
CA VAL C 27 -33.68 -11.09 32.95
C VAL C 27 -32.79 -10.15 32.16
N SER C 28 -33.15 -9.93 30.91
CA SER C 28 -32.42 -8.96 30.08
C SER C 28 -33.33 -7.80 29.69
N ILE C 29 -32.80 -6.58 29.76
CA ILE C 29 -33.61 -5.38 29.55
C ILE C 29 -33.30 -4.69 28.22
N ASN C 30 -34.34 -4.43 27.44
CA ASN C 30 -34.21 -3.64 26.21
C ASN C 30 -34.90 -2.30 26.37
N VAL C 31 -34.24 -1.23 25.94
CA VAL C 31 -34.72 0.12 26.19
C VAL C 31 -34.72 1.01 24.94
N GLU C 32 -35.76 1.82 24.79
CA GLU C 32 -35.82 2.85 23.76
C GLU C 32 -36.04 4.21 24.42
N GLY C 33 -35.27 5.22 24.01
CA GLY C 33 -35.37 6.53 24.61
C GLY C 33 -35.06 7.68 23.68
N SER C 34 -34.93 8.86 24.26
CA SER C 34 -34.59 10.07 23.52
C SER C 34 -33.97 11.12 24.43
N THR C 35 -33.08 11.94 23.88
CA THR C 35 -32.41 12.97 24.67
C THR C 35 -32.00 14.17 23.83
N GLN C 82 -33.72 13.03 18.82
CA GLN C 82 -32.54 12.22 19.05
C GLN C 82 -32.89 10.92 19.78
N LYS C 83 -33.28 9.90 19.01
CA LYS C 83 -33.66 8.61 19.58
C LYS C 83 -32.44 7.70 19.74
N PHE C 84 -32.44 6.91 20.82
CA PHE C 84 -31.36 5.97 21.07
C PHE C 84 -31.90 4.61 21.50
N MET C 85 -31.06 3.59 21.40
CA MET C 85 -31.42 2.24 21.83
C MET C 85 -30.31 1.64 22.68
N ALA C 86 -30.69 1.06 23.81
CA ALA C 86 -29.72 0.47 24.72
C ALA C 86 -30.21 -0.87 25.25
N LEU C 87 -29.31 -1.62 25.89
CA LEU C 87 -29.66 -2.90 26.48
C LEU C 87 -28.71 -3.29 27.59
N GLY C 88 -29.25 -4.04 28.56
CA GLY C 88 -28.48 -4.49 29.70
C GLY C 88 -29.18 -5.65 30.39
N SER C 89 -29.01 -5.75 31.71
CA SER C 89 -29.60 -6.84 32.47
C SER C 89 -30.33 -6.37 33.72
N GLY C 90 -31.08 -7.27 34.32
CA GLY C 90 -31.83 -6.99 35.55
C GLY C 90 -32.05 -8.25 36.37
N VAL C 91 -32.42 -8.07 37.63
CA VAL C 91 -32.67 -9.21 38.50
C VAL C 91 -34.01 -9.06 39.19
N ILE C 92 -34.78 -10.15 39.19
CA ILE C 92 -36.10 -10.14 39.81
C ILE C 92 -35.96 -10.17 41.33
N ILE C 93 -36.47 -9.14 41.99
CA ILE C 93 -36.39 -9.05 43.43
C ILE C 93 -37.65 -9.59 44.08
N ASP C 94 -38.79 -9.30 43.46
CA ASP C 94 -40.06 -9.81 43.97
C ASP C 94 -40.87 -10.47 42.85
N ALA C 95 -40.86 -11.79 42.83
CA ALA C 95 -41.50 -12.57 41.78
C ALA C 95 -42.97 -12.19 41.59
N ASP C 96 -43.64 -11.87 42.69
CA ASP C 96 -45.07 -11.62 42.66
C ASP C 96 -45.42 -10.23 42.17
N LYS C 97 -44.72 -9.22 42.67
CA LYS C 97 -44.97 -7.85 42.28
C LYS C 97 -44.30 -7.53 40.95
N GLY C 98 -43.34 -8.36 40.55
CA GLY C 98 -42.64 -8.15 39.31
C GLY C 98 -41.59 -7.06 39.40
N TYR C 99 -41.00 -6.89 40.58
CA TYR C 99 -39.97 -5.90 40.79
C TYR C 99 -38.64 -6.37 40.22
N VAL C 100 -38.02 -5.52 39.39
CA VAL C 100 -36.71 -5.83 38.82
C VAL C 100 -35.72 -4.69 39.07
N VAL C 101 -34.62 -5.01 39.73
CA VAL C 101 -33.57 -4.03 39.99
C VAL C 101 -32.60 -4.00 38.82
N THR C 102 -31.98 -2.86 38.60
CA THR C 102 -31.02 -2.70 37.51
C THR C 102 -30.22 -1.40 37.67
N ASN C 103 -29.25 -1.18 36.77
CA ASN C 103 -28.45 0.03 36.83
C ASN C 103 -29.19 1.24 36.28
N ASN C 104 -29.19 2.32 37.05
CA ASN C 104 -29.87 3.54 36.65
C ASN C 104 -29.45 4.01 35.25
N HIS C 105 -28.21 3.69 34.88
CA HIS C 105 -27.67 4.14 33.61
C HIS C 105 -28.11 3.25 32.46
N VAL C 106 -28.87 2.21 32.78
CA VAL C 106 -29.38 1.31 31.76
C VAL C 106 -30.78 1.74 31.34
N VAL C 107 -31.50 2.36 32.27
CA VAL C 107 -32.90 2.67 32.05
C VAL C 107 -33.14 4.18 32.13
N ASP C 108 -32.06 4.95 32.22
CA ASP C 108 -32.15 6.41 32.28
C ASP C 108 -32.70 6.96 30.95
N ASN C 109 -33.54 7.98 31.05
CA ASN C 109 -34.15 8.59 29.87
C ASN C 109 -34.78 7.55 28.94
N ALA C 110 -35.59 6.67 29.51
CA ALA C 110 -36.21 5.59 28.76
C ALA C 110 -37.70 5.83 28.53
N THR C 111 -38.10 5.78 27.26
CA THR C 111 -39.51 5.92 26.92
C THR C 111 -40.21 4.56 26.92
N VAL C 112 -39.50 3.54 26.45
CA VAL C 112 -40.02 2.19 26.40
C VAL C 112 -39.08 1.19 27.05
N ILE C 113 -39.61 0.37 27.96
CA ILE C 113 -38.80 -0.61 28.66
C ILE C 113 -39.44 -1.99 28.53
N LYS C 114 -38.74 -2.89 27.84
CA LYS C 114 -39.21 -4.27 27.69
C LYS C 114 -38.22 -5.25 28.31
N VAL C 115 -38.76 -6.20 29.06
CA VAL C 115 -37.94 -7.21 29.74
C VAL C 115 -38.15 -8.58 29.12
N GLN C 116 -37.05 -9.30 28.90
CA GLN C 116 -37.11 -10.64 28.36
C GLN C 116 -36.55 -11.68 29.35
N LEU C 117 -37.39 -12.63 29.74
CA LEU C 117 -37.01 -13.66 30.70
C LEU C 117 -36.03 -14.66 30.09
N SER C 118 -35.62 -15.64 30.89
CA SER C 118 -34.67 -16.64 30.43
C SER C 118 -35.33 -17.67 29.50
N ASP C 119 -36.65 -17.82 29.63
CA ASP C 119 -37.38 -18.76 28.80
C ASP C 119 -37.83 -18.14 27.48
N GLY C 120 -37.58 -16.84 27.32
CA GLY C 120 -37.89 -16.17 26.07
C GLY C 120 -39.09 -15.25 26.16
N ARG C 121 -39.87 -15.38 27.23
CA ARG C 121 -41.07 -14.58 27.41
C ARG C 121 -40.76 -13.08 27.53
N LYS C 122 -41.54 -12.27 26.84
CA LYS C 122 -41.38 -10.81 26.90
C LYS C 122 -42.45 -10.15 27.75
N PHE C 123 -42.08 -9.05 28.39
CA PHE C 123 -42.99 -8.25 29.19
C PHE C 123 -42.69 -6.78 28.98
N ASP C 124 -43.63 -5.92 29.36
CA ASP C 124 -43.38 -4.49 29.39
C ASP C 124 -43.23 -4.03 30.82
N ALA C 125 -42.24 -3.17 31.07
CA ALA C 125 -41.98 -2.71 32.43
C ALA C 125 -42.11 -1.20 32.55
N LYS C 126 -42.53 -0.74 33.73
CA LYS C 126 -42.66 0.68 34.00
C LYS C 126 -41.70 1.07 35.13
N MET C 127 -41.12 2.26 35.02
CA MET C 127 -40.20 2.75 36.04
C MET C 127 -40.88 2.82 37.41
N VAL C 128 -40.15 2.47 38.45
CA VAL C 128 -40.65 2.60 39.82
C VAL C 128 -39.84 3.62 40.61
N GLY C 129 -38.52 3.53 40.50
CA GLY C 129 -37.64 4.45 41.18
C GLY C 129 -36.27 4.46 40.53
N LYS C 130 -35.50 5.52 40.80
CA LYS C 130 -34.16 5.64 40.25
C LYS C 130 -33.30 6.50 41.14
N ASP C 131 -32.03 6.13 41.28
CA ASP C 131 -31.10 6.86 42.12
C ASP C 131 -29.73 6.97 41.45
N PRO C 132 -29.54 8.04 40.67
CA PRO C 132 -28.31 8.27 39.91
C PRO C 132 -27.06 8.23 40.78
N ARG C 133 -27.15 8.79 41.98
CA ARG C 133 -26.00 8.85 42.89
C ARG C 133 -25.42 7.48 43.20
N SER C 134 -26.26 6.46 43.21
CA SER C 134 -25.83 5.10 43.50
C SER C 134 -25.91 4.20 42.27
N ASP C 135 -26.49 4.73 41.20
CA ASP C 135 -26.61 4.01 39.94
C ASP C 135 -27.50 2.79 40.07
N ILE C 136 -28.49 2.87 40.96
CA ILE C 136 -29.45 1.79 41.14
C ILE C 136 -30.85 2.27 40.78
N ALA C 137 -31.51 1.53 39.90
CA ALA C 137 -32.89 1.83 39.53
C ALA C 137 -33.77 0.61 39.72
N LEU C 138 -35.06 0.83 39.90
CA LEU C 138 -36.01 -0.26 40.09
C LEU C 138 -37.17 -0.15 39.13
N ILE C 139 -37.45 -1.23 38.41
CA ILE C 139 -38.58 -1.24 37.49
C ILE C 139 -39.57 -2.32 37.89
N GLN C 140 -40.76 -2.27 37.29
CA GLN C 140 -41.80 -3.24 37.62
C GLN C 140 -42.40 -3.84 36.36
N ILE C 141 -42.35 -5.16 36.29
CA ILE C 141 -42.92 -5.89 35.18
C ILE C 141 -44.44 -5.73 35.18
N GLN C 142 -45.01 -5.40 34.04
CA GLN C 142 -46.46 -5.26 33.91
C GLN C 142 -47.07 -6.63 33.64
N ASN C 143 -48.13 -6.95 34.39
CA ASN C 143 -48.76 -8.26 34.30
C ASN C 143 -47.80 -9.40 34.60
N PRO C 144 -47.26 -9.43 35.82
CA PRO C 144 -46.30 -10.45 36.25
C PRO C 144 -46.94 -11.82 36.32
N LYS C 145 -46.40 -12.79 35.59
CA LYS C 145 -46.94 -14.13 35.58
C LYS C 145 -45.86 -15.20 35.71
N ASN C 146 -45.92 -15.95 36.80
CA ASN C 146 -45.04 -17.09 36.99
C ASN C 146 -43.56 -16.68 36.92
N LEU C 147 -43.15 -15.80 37.83
CA LEU C 147 -41.77 -15.31 37.86
C LEU C 147 -40.95 -16.03 38.93
N THR C 148 -39.63 -15.86 38.85
CA THR C 148 -38.74 -16.44 39.86
C THR C 148 -37.80 -15.39 40.42
N ALA C 149 -37.91 -15.15 41.72
CA ALA C 149 -37.08 -14.17 42.39
C ALA C 149 -35.78 -14.79 42.88
N ILE C 150 -34.80 -13.95 43.16
CA ILE C 150 -33.53 -14.41 43.67
C ILE C 150 -33.43 -14.13 45.16
N LYS C 151 -32.71 -14.98 45.88
CA LYS C 151 -32.48 -14.75 47.30
C LYS C 151 -31.22 -13.92 47.46
N MET C 152 -31.29 -12.91 48.31
CA MET C 152 -30.14 -12.04 48.53
C MET C 152 -29.34 -12.48 49.75
N ALA C 153 -28.02 -12.42 49.63
CA ALA C 153 -27.14 -12.74 50.75
C ALA C 153 -26.65 -11.45 51.37
N ASP C 154 -26.06 -11.55 52.56
CA ASP C 154 -25.53 -10.38 53.25
C ASP C 154 -24.11 -10.11 52.76
N SER C 155 -23.96 -9.06 51.96
CA SER C 155 -22.69 -8.75 51.33
C SER C 155 -21.59 -8.47 52.34
N ASP C 156 -21.99 -8.21 53.58
CA ASP C 156 -21.02 -7.94 54.64
C ASP C 156 -20.26 -9.18 55.04
N ALA C 157 -20.62 -10.32 54.46
CA ALA C 157 -19.98 -11.60 54.78
C ALA C 157 -18.91 -11.94 53.74
N LEU C 158 -18.96 -11.27 52.61
CA LEU C 158 -18.01 -11.50 51.53
C LEU C 158 -16.58 -11.30 52.01
N ARG C 159 -15.67 -12.08 51.43
CA ARG C 159 -14.25 -12.00 51.76
C ARG C 159 -13.45 -12.18 50.47
N VAL C 160 -12.44 -11.34 50.28
CA VAL C 160 -11.59 -11.48 49.10
C VAL C 160 -11.14 -12.93 49.00
N GLY C 161 -11.47 -13.57 47.88
CA GLY C 161 -11.14 -14.96 47.66
C GLY C 161 -12.36 -15.84 47.45
N ASP C 162 -13.53 -15.35 47.86
CA ASP C 162 -14.78 -16.06 47.65
C ASP C 162 -15.09 -16.14 46.15
N TYR C 163 -15.65 -17.27 45.73
CA TYR C 163 -15.94 -17.50 44.32
C TYR C 163 -17.23 -16.80 43.90
N THR C 164 -17.20 -16.16 42.73
CA THR C 164 -18.35 -15.41 42.22
C THR C 164 -18.77 -15.83 40.82
N VAL C 165 -20.07 -15.71 40.55
CA VAL C 165 -20.62 -16.04 39.24
C VAL C 165 -21.43 -14.87 38.71
N ALA C 166 -21.11 -14.44 37.50
CA ALA C 166 -21.81 -13.31 36.89
C ALA C 166 -22.82 -13.78 35.87
N ILE C 167 -23.97 -13.12 35.83
CA ILE C 167 -25.04 -13.48 34.92
C ILE C 167 -25.60 -12.22 34.28
N GLY C 168 -25.60 -12.17 32.95
CA GLY C 168 -26.09 -11.00 32.25
C GLY C 168 -26.23 -11.19 30.76
N ASN C 169 -26.32 -10.08 30.04
CA ASN C 169 -26.57 -10.11 28.60
C ASN C 169 -25.55 -9.27 27.82
N PRO C 170 -24.29 -9.76 27.76
CA PRO C 170 -23.21 -9.08 27.04
C PRO C 170 -23.54 -8.94 25.57
N PHE C 171 -23.53 -7.70 25.06
CA PHE C 171 -23.72 -7.46 23.64
C PHE C 171 -25.02 -8.06 23.12
N GLY C 172 -25.98 -8.27 24.02
CA GLY C 172 -27.28 -8.77 23.65
C GLY C 172 -27.28 -10.21 23.16
N LEU C 173 -26.17 -10.91 23.40
CA LEU C 173 -26.05 -12.31 23.01
C LEU C 173 -27.15 -13.17 23.65
N GLY C 174 -27.56 -12.77 24.85
CA GLY C 174 -28.50 -13.55 25.63
C GLY C 174 -27.89 -13.88 26.98
N GLU C 175 -28.66 -14.55 27.83
CA GLU C 175 -28.19 -14.83 29.19
C GLU C 175 -26.85 -15.57 29.17
N THR C 176 -25.82 -14.92 29.68
CA THR C 176 -24.47 -15.48 29.64
C THR C 176 -23.86 -15.55 31.04
N VAL C 177 -23.34 -16.71 31.40
CA VAL C 177 -22.77 -16.92 32.73
C VAL C 177 -21.25 -17.02 32.71
N THR C 178 -20.60 -16.22 33.55
CA THR C 178 -19.16 -16.29 33.70
C THR C 178 -18.81 -16.35 35.19
N SER C 179 -17.61 -16.86 35.52
CA SER C 179 -17.24 -17.02 36.91
C SER C 179 -15.92 -16.32 37.21
N GLY C 180 -15.58 -16.23 38.50
CA GLY C 180 -14.38 -15.58 38.95
C GLY C 180 -14.32 -15.56 40.47
N ILE C 181 -13.55 -14.64 41.03
CA ILE C 181 -13.45 -14.51 42.48
C ILE C 181 -13.57 -13.06 42.92
N VAL C 182 -13.75 -12.86 44.22
CA VAL C 182 -13.75 -11.52 44.78
C VAL C 182 -12.33 -10.98 44.82
N SER C 183 -12.00 -10.09 43.89
CA SER C 183 -10.67 -9.52 43.80
C SER C 183 -10.41 -8.60 44.98
N ALA C 184 -11.35 -7.69 45.23
CA ALA C 184 -11.23 -6.74 46.33
C ALA C 184 -12.59 -6.22 46.74
N LEU C 185 -12.64 -5.56 47.89
CA LEU C 185 -13.89 -5.01 48.40
C LEU C 185 -13.77 -3.53 48.75
N GLY C 186 -14.90 -2.84 48.75
CA GLY C 186 -14.94 -1.44 49.15
C GLY C 186 -14.18 -0.53 48.20
N ARG C 187 -14.05 -0.94 46.95
CA ARG C 187 -13.40 -0.13 45.94
C ARG C 187 -14.27 1.07 45.55
N SER C 188 -13.64 2.20 45.30
CA SER C 188 -14.35 3.43 44.96
C SER C 188 -13.40 4.44 44.34
N GLY C 189 -13.96 5.47 43.72
CA GLY C 189 -13.14 6.50 43.12
C GLY C 189 -13.40 6.69 41.64
N LEU C 190 -14.28 5.86 41.09
CA LEU C 190 -14.65 5.94 39.68
C LEU C 190 -15.41 7.24 39.40
N ASN C 191 -16.19 7.67 40.39
CA ASN C 191 -16.89 8.94 40.34
C ASN C 191 -17.09 9.48 41.75
N ALA C 192 -16.24 10.42 42.15
CA ALA C 192 -16.18 10.88 43.53
C ALA C 192 -17.50 11.46 44.08
N GLU C 193 -18.45 11.73 43.19
CA GLU C 193 -19.74 12.27 43.62
C GLU C 193 -20.77 11.18 43.87
N ASN C 194 -20.50 9.97 43.36
CA ASN C 194 -21.40 8.85 43.53
C ASN C 194 -21.13 8.04 44.79
N TYR C 195 -22.18 7.41 45.32
CA TYR C 195 -22.02 6.51 46.46
C TYR C 195 -21.57 5.16 45.95
N GLU C 196 -20.30 4.84 46.14
CA GLU C 196 -19.74 3.61 45.61
C GLU C 196 -18.92 2.83 46.63
N ASN C 197 -19.31 1.58 46.83
CA ASN C 197 -18.63 0.68 47.76
C ASN C 197 -18.41 -0.65 47.05
N PHE C 198 -18.02 -0.56 45.79
CA PHE C 198 -17.97 -1.70 44.88
C PHE C 198 -17.31 -2.98 45.41
N ILE C 199 -17.73 -4.10 44.82
CA ILE C 199 -17.03 -5.36 44.94
C ILE C 199 -16.25 -5.53 43.66
N GLN C 200 -14.99 -5.91 43.76
CA GLN C 200 -14.21 -6.14 42.55
C GLN C 200 -14.10 -7.63 42.26
N THR C 201 -14.26 -8.00 40.99
CA THR C 201 -14.18 -9.39 40.58
C THR C 201 -13.54 -9.54 39.19
N ASP C 202 -12.83 -10.64 38.99
CA ASP C 202 -12.17 -10.93 37.72
C ASP C 202 -13.09 -11.71 36.79
N ALA C 203 -14.35 -11.85 37.20
CA ALA C 203 -15.37 -12.52 36.40
C ALA C 203 -15.70 -11.72 35.15
N ALA C 204 -15.79 -12.41 34.02
CA ALA C 204 -15.99 -11.75 32.72
C ALA C 204 -17.24 -10.88 32.68
N ILE C 205 -17.02 -9.57 32.55
CA ILE C 205 -18.12 -8.63 32.46
C ILE C 205 -17.88 -7.63 31.32
N ASN C 206 -18.86 -7.48 30.45
CA ASN C 206 -18.76 -6.52 29.35
C ASN C 206 -20.05 -5.71 29.22
N ARG C 207 -20.08 -4.79 28.26
CA ARG C 207 -21.28 -3.99 28.05
C ARG C 207 -22.46 -4.92 27.86
N GLY C 208 -23.50 -4.72 28.66
CA GLY C 208 -24.67 -5.59 28.63
C GLY C 208 -24.87 -6.25 29.98
N ASN C 209 -23.75 -6.61 30.63
CA ASN C 209 -23.80 -7.20 31.95
C ASN C 209 -24.40 -6.29 33.02
N ALA C 210 -24.43 -4.99 32.74
CA ALA C 210 -24.91 -4.00 33.71
C ALA C 210 -26.31 -4.32 34.20
N GLY C 211 -26.51 -4.18 35.51
CA GLY C 211 -27.79 -4.51 36.11
C GLY C 211 -27.93 -6.01 36.34
N GLY C 212 -26.94 -6.75 35.85
CA GLY C 212 -26.93 -8.20 35.99
C GLY C 212 -26.61 -8.65 37.40
N ALA C 213 -26.68 -9.96 37.62
CA ALA C 213 -26.49 -10.50 38.96
C ALA C 213 -25.08 -11.03 39.17
N LEU C 214 -24.53 -10.77 40.35
CA LEU C 214 -23.30 -11.41 40.79
C LEU C 214 -23.66 -12.23 42.02
N VAL C 215 -23.46 -13.54 41.93
CA VAL C 215 -23.91 -14.43 42.98
C VAL C 215 -22.78 -15.29 43.50
N ASN C 216 -22.94 -15.83 44.71
CA ASN C 216 -22.00 -16.79 45.27
C ASN C 216 -22.38 -18.19 44.85
N LEU C 217 -21.60 -19.18 45.30
CA LEU C 217 -21.82 -20.55 44.86
C LEU C 217 -23.18 -21.12 45.28
N ASN C 218 -23.86 -20.42 46.17
CA ASN C 218 -25.18 -20.85 46.63
C ASN C 218 -26.32 -20.21 45.83
N GLY C 219 -25.96 -19.41 44.83
CA GLY C 219 -26.94 -18.77 43.99
C GLY C 219 -27.58 -17.57 44.65
N GLU C 220 -26.95 -17.06 45.70
CA GLU C 220 -27.46 -15.89 46.41
C GLU C 220 -26.82 -14.61 45.89
N LEU C 221 -27.65 -13.61 45.63
CA LEU C 221 -27.17 -12.35 45.07
C LEU C 221 -26.28 -11.62 46.05
N ILE C 222 -25.04 -11.36 45.64
CA ILE C 222 -24.12 -10.63 46.50
C ILE C 222 -23.92 -9.20 45.99
N GLY C 223 -24.15 -8.99 44.70
CA GLY C 223 -23.97 -7.67 44.12
C GLY C 223 -24.57 -7.51 42.74
N ILE C 224 -24.64 -6.25 42.28
CA ILE C 224 -25.17 -5.95 40.95
C ILE C 224 -24.09 -5.36 40.06
N ASN C 225 -23.66 -6.14 39.07
CA ASN C 225 -22.61 -5.71 38.15
C ASN C 225 -22.93 -4.35 37.54
N THR C 226 -21.99 -3.41 37.70
CA THR C 226 -22.23 -2.03 37.30
C THR C 226 -21.22 -1.50 36.29
N ALA C 227 -19.93 -1.59 36.60
CA ALA C 227 -18.92 -1.04 35.70
C ALA C 227 -17.63 -1.84 35.65
N ILE C 228 -16.85 -1.59 34.59
CA ILE C 228 -15.57 -2.27 34.40
C ILE C 228 -14.48 -1.24 34.10
N LEU C 229 -13.23 -1.63 34.33
CA LEU C 229 -12.09 -0.79 33.99
C LEU C 229 -11.45 -1.33 32.73
N ALA C 230 -11.76 -0.72 31.60
CA ALA C 230 -11.30 -1.25 30.32
C ALA C 230 -10.87 -0.14 29.36
N PRO C 231 -9.59 -0.14 28.97
CA PRO C 231 -9.02 0.84 28.05
C PRO C 231 -9.52 0.65 26.61
N ASP C 232 -10.11 -0.50 26.32
CA ASP C 232 -10.49 -0.82 24.95
C ASP C 232 -11.98 -1.12 24.81
N GLY C 233 -12.73 -0.94 25.89
CA GLY C 233 -14.14 -1.27 25.87
C GLY C 233 -14.40 -2.75 26.00
N GLY C 234 -13.35 -3.50 26.33
CA GLY C 234 -13.46 -4.94 26.53
C GLY C 234 -12.90 -5.36 27.86
N ASN C 235 -13.60 -6.25 28.56
CA ASN C 235 -13.17 -6.70 29.87
C ASN C 235 -11.71 -7.08 29.92
N ILE C 236 -11.04 -6.72 31.02
CA ILE C 236 -9.66 -7.13 31.22
C ILE C 236 -9.46 -7.69 32.62
N GLY C 237 -10.54 -8.22 33.19
CA GLY C 237 -10.46 -8.90 34.46
C GLY C 237 -10.69 -7.98 35.64
N ILE C 238 -11.22 -6.80 35.37
CA ILE C 238 -11.55 -5.87 36.44
C ILE C 238 -12.97 -5.37 36.30
N GLY C 239 -13.87 -5.95 37.09
CA GLY C 239 -15.27 -5.57 37.12
C GLY C 239 -15.74 -5.13 38.49
N PHE C 240 -16.76 -4.29 38.52
CA PHE C 240 -17.27 -3.76 39.77
C PHE C 240 -18.77 -4.00 39.90
N ALA C 241 -19.20 -4.36 41.10
CA ALA C 241 -20.62 -4.61 41.36
C ALA C 241 -21.05 -3.98 42.69
N ILE C 242 -22.23 -3.38 42.69
CA ILE C 242 -22.77 -2.78 43.90
C ILE C 242 -23.21 -3.86 44.88
N PRO C 243 -22.67 -3.82 46.11
CA PRO C 243 -22.98 -4.81 47.15
C PRO C 243 -24.49 -5.02 47.31
N SER C 244 -24.87 -6.25 47.62
CA SER C 244 -26.28 -6.60 47.73
C SER C 244 -26.98 -5.75 48.79
N ASN C 245 -26.35 -5.63 49.96
CA ASN C 245 -26.93 -4.87 51.06
C ASN C 245 -27.38 -3.48 50.62
N MET C 246 -26.55 -2.81 49.83
CA MET C 246 -26.87 -1.47 49.34
C MET C 246 -28.07 -1.50 48.41
N VAL C 247 -28.21 -2.59 47.67
CA VAL C 247 -29.36 -2.77 46.79
C VAL C 247 -30.62 -3.05 47.61
N LYS C 248 -30.46 -3.87 48.64
CA LYS C 248 -31.54 -4.16 49.56
C LYS C 248 -32.10 -2.85 50.11
N ASN C 249 -31.21 -1.97 50.59
CA ASN C 249 -31.62 -0.70 51.20
C ASN C 249 -32.25 0.26 50.21
N LEU C 250 -31.63 0.41 49.05
CA LEU C 250 -32.09 1.39 48.06
C LEU C 250 -33.42 1.02 47.43
N THR C 251 -33.57 -0.25 47.06
CA THR C 251 -34.78 -0.70 46.41
C THR C 251 -35.98 -0.61 47.36
N SER C 252 -35.82 -1.17 48.56
CA SER C 252 -36.90 -1.19 49.53
C SER C 252 -37.53 0.20 49.72
N GLN C 253 -36.71 1.24 49.55
CA GLN C 253 -37.21 2.61 49.64
C GLN C 253 -38.04 2.94 48.41
N MET C 254 -37.47 2.73 47.24
CA MET C 254 -38.15 3.03 46.00
C MET C 254 -39.50 2.34 45.92
N VAL C 255 -39.61 1.17 46.53
CA VAL C 255 -40.84 0.43 46.54
C VAL C 255 -41.88 1.23 47.31
N GLU C 256 -41.42 1.77 48.43
CA GLU C 256 -42.26 2.50 49.37
C GLU C 256 -42.53 3.97 49.05
N TYR C 257 -41.51 4.66 48.57
CA TYR C 257 -41.61 6.11 48.38
C TYR C 257 -41.55 6.55 46.91
N GLY C 258 -40.98 5.71 46.07
CA GLY C 258 -40.78 6.07 44.69
C GLY C 258 -39.44 6.76 44.52
N GLN C 259 -38.77 7.01 45.65
CA GLN C 259 -37.43 7.58 45.66
C GLN C 259 -36.72 7.19 46.95
N VAL C 260 -35.53 7.74 47.14
CA VAL C 260 -34.76 7.48 48.35
C VAL C 260 -34.70 8.71 49.25
N LYS C 261 -35.19 8.56 50.48
CA LYS C 261 -35.06 9.61 51.47
C LYS C 261 -33.64 9.58 52.02
N ARG C 262 -32.83 10.54 51.56
CA ARG C 262 -31.40 10.56 51.87
C ARG C 262 -31.09 11.27 53.18
N GLY C 263 -30.43 10.56 54.09
CA GLY C 263 -29.99 11.15 55.34
C GLY C 263 -28.49 11.33 55.35
N GLU C 264 -28.02 12.46 55.86
CA GLU C 264 -26.59 12.72 55.95
C GLU C 264 -26.17 12.95 57.40
N LEU C 265 -24.89 12.73 57.69
CA LEU C 265 -24.36 12.98 59.03
C LEU C 265 -24.02 14.45 59.19
N GLY C 266 -23.78 15.11 58.05
CA GLY C 266 -23.41 16.50 58.03
C GLY C 266 -21.98 16.70 58.51
N ILE C 267 -21.05 15.97 57.91
CA ILE C 267 -19.65 16.10 58.26
C ILE C 267 -18.79 16.20 57.01
N MET C 268 -17.74 17.01 57.08
CA MET C 268 -16.78 17.09 56.00
C MET C 268 -15.58 16.24 56.39
N GLY C 269 -14.86 15.72 55.41
CA GLY C 269 -13.71 14.89 55.70
C GLY C 269 -12.96 14.39 54.47
N THR C 270 -12.03 13.48 54.70
CA THR C 270 -11.26 12.90 53.62
C THR C 270 -10.58 11.60 54.03
N GLU C 271 -9.95 10.95 53.07
CA GLU C 271 -9.31 9.66 53.30
C GLU C 271 -8.15 9.78 54.29
N LEU C 272 -8.12 8.87 55.25
CA LEU C 272 -7.03 8.82 56.22
C LEU C 272 -5.89 7.94 55.73
N ASN C 273 -4.85 8.58 55.17
CA ASN C 273 -3.67 7.88 54.72
C ASN C 273 -2.58 7.86 55.79
N SER C 274 -1.50 7.13 55.55
CA SER C 274 -0.44 7.01 56.54
C SER C 274 0.19 8.35 56.87
N GLU C 275 0.37 9.18 55.84
CA GLU C 275 0.91 10.51 56.03
C GLU C 275 0.10 11.30 57.04
N LEU C 276 -1.20 11.44 56.77
CA LEU C 276 -2.08 12.22 57.63
C LEU C 276 -2.17 11.62 59.03
N ALA C 277 -1.92 10.32 59.13
CA ALA C 277 -1.92 9.65 60.43
C ALA C 277 -0.75 10.12 61.26
N LYS C 278 0.39 10.27 60.61
CA LYS C 278 1.60 10.75 61.29
C LYS C 278 1.40 12.14 61.88
N ALA C 279 0.80 13.03 61.11
CA ALA C 279 0.57 14.41 61.54
C ALA C 279 -0.41 14.51 62.70
N MET C 280 -1.49 13.73 62.63
CA MET C 280 -2.53 13.78 63.67
C MET C 280 -2.25 12.84 64.82
N LYS C 281 -1.04 12.26 64.83
CA LYS C 281 -0.66 11.32 65.89
C LYS C 281 -1.69 10.21 66.04
N VAL C 282 -2.13 9.65 64.92
CA VAL C 282 -3.14 8.60 64.92
C VAL C 282 -2.56 7.24 64.55
N ASP C 283 -3.14 6.18 65.12
CA ASP C 283 -2.68 4.81 64.89
C ASP C 283 -3.12 4.24 63.55
N ALA C 284 -4.43 4.22 63.33
CA ALA C 284 -4.99 3.62 62.12
C ALA C 284 -4.49 4.31 60.85
N GLN C 285 -4.05 3.51 59.90
CA GLN C 285 -3.57 4.04 58.63
C GLN C 285 -4.70 4.18 57.62
N ARG C 286 -5.92 3.96 58.06
CA ARG C 286 -7.06 4.00 57.16
C ARG C 286 -8.35 4.31 57.91
N GLY C 287 -9.25 5.03 57.25
CA GLY C 287 -10.52 5.39 57.85
C GLY C 287 -11.01 6.73 57.37
N ALA C 288 -12.05 7.24 58.01
CA ALA C 288 -12.63 8.53 57.63
C ALA C 288 -12.16 9.63 58.58
N PHE C 289 -11.46 10.61 58.05
CA PHE C 289 -10.99 11.73 58.85
C PHE C 289 -11.98 12.90 58.80
N VAL C 290 -12.44 13.34 59.95
CA VAL C 290 -13.42 14.41 60.03
C VAL C 290 -12.77 15.77 59.95
N SER C 291 -12.95 16.45 58.82
CA SER C 291 -12.40 17.79 58.64
C SER C 291 -13.15 18.81 59.49
N GLN C 292 -14.46 18.63 59.57
CA GLN C 292 -15.31 19.53 60.32
C GLN C 292 -16.72 18.99 60.38
N VAL C 293 -17.47 19.37 61.41
CA VAL C 293 -18.87 18.99 61.52
C VAL C 293 -19.74 20.21 61.31
N LEU C 294 -20.83 20.05 60.57
CA LEU C 294 -21.74 21.16 60.32
C LEU C 294 -22.60 21.41 61.55
N PRO C 295 -22.88 22.69 61.84
CA PRO C 295 -23.74 23.06 62.97
C PRO C 295 -25.17 22.60 62.72
N ASN C 296 -25.85 22.14 63.78
CA ASN C 296 -27.22 21.66 63.68
C ASN C 296 -27.35 20.36 62.91
N SER C 297 -26.25 19.61 62.81
CA SER C 297 -26.27 18.33 62.12
C SER C 297 -26.33 17.20 63.14
N SER C 298 -26.88 16.07 62.73
CA SER C 298 -26.99 14.91 63.61
C SER C 298 -25.65 14.62 64.29
N ALA C 299 -24.58 14.60 63.49
CA ALA C 299 -23.25 14.34 64.01
C ALA C 299 -22.88 15.31 65.13
N ALA C 300 -23.12 16.60 64.88
CA ALA C 300 -22.87 17.62 65.89
C ALA C 300 -23.64 17.29 67.18
N LYS C 301 -24.92 17.00 67.02
CA LYS C 301 -25.77 16.67 68.16
C LYS C 301 -25.27 15.41 68.86
N ALA C 302 -24.59 14.56 68.12
CA ALA C 302 -24.12 13.28 68.64
C ALA C 302 -22.86 13.43 69.48
N GLY C 303 -22.09 14.47 69.21
CA GLY C 303 -20.87 14.71 69.94
C GLY C 303 -19.62 14.43 69.14
N ILE C 304 -19.76 14.48 67.82
CA ILE C 304 -18.62 14.27 66.93
C ILE C 304 -17.87 15.58 66.72
N LYS C 305 -16.58 15.57 67.04
CA LYS C 305 -15.75 16.75 66.87
C LYS C 305 -14.75 16.56 65.75
N ALA C 306 -14.35 17.67 65.12
CA ALA C 306 -13.37 17.61 64.05
C ALA C 306 -12.09 16.93 64.52
N GLY C 307 -11.26 16.50 63.58
CA GLY C 307 -10.01 15.83 63.91
C GLY C 307 -10.24 14.40 64.37
N ASP C 308 -11.50 14.00 64.42
CA ASP C 308 -11.84 12.63 64.80
C ASP C 308 -11.64 11.69 63.61
N VAL C 309 -11.35 10.44 63.91
CA VAL C 309 -11.20 9.42 62.88
C VAL C 309 -12.22 8.31 63.09
N ILE C 310 -13.11 8.15 62.13
CA ILE C 310 -14.12 7.11 62.20
C ILE C 310 -13.53 5.77 61.73
N THR C 311 -13.71 4.73 62.54
CA THR C 311 -13.10 3.44 62.28
C THR C 311 -14.12 2.32 62.02
N SER C 312 -15.35 2.50 62.49
CA SER C 312 -16.37 1.47 62.30
C SER C 312 -17.77 2.06 62.10
N LEU C 313 -18.66 1.26 61.54
CA LEU C 313 -20.05 1.65 61.35
C LEU C 313 -20.97 0.49 61.69
N ASN C 314 -21.71 0.63 62.79
CA ASN C 314 -22.59 -0.43 63.27
C ASN C 314 -21.81 -1.70 63.59
N GLY C 315 -20.54 -1.53 63.98
CA GLY C 315 -19.70 -2.65 64.32
C GLY C 315 -18.73 -2.98 63.21
N LYS C 316 -19.20 -2.95 61.98
CA LYS C 316 -18.38 -3.27 60.82
C LYS C 316 -17.29 -2.23 60.58
N PRO C 317 -16.03 -2.67 60.50
CA PRO C 317 -14.90 -1.78 60.24
C PRO C 317 -15.11 -0.97 58.97
N ILE C 318 -14.41 0.16 58.89
CA ILE C 318 -14.50 1.06 57.75
C ILE C 318 -13.28 0.93 56.87
N SER C 319 -13.49 0.74 55.57
CA SER C 319 -12.38 0.59 54.65
C SER C 319 -11.82 1.97 54.33
N SER C 320 -12.73 2.90 54.05
CA SER C 320 -12.33 4.25 53.67
C SER C 320 -13.45 5.26 53.89
N PHE C 321 -13.13 6.53 53.71
CA PHE C 321 -14.11 7.59 53.81
C PHE C 321 -15.11 7.45 52.67
N ALA C 322 -14.59 7.12 51.49
CA ALA C 322 -15.45 6.91 50.32
C ALA C 322 -16.46 5.79 50.56
N ALA C 323 -16.01 4.73 51.23
CA ALA C 323 -16.89 3.62 51.56
C ALA C 323 -17.98 4.08 52.53
N LEU C 324 -17.57 4.73 53.62
CA LEU C 324 -18.51 5.23 54.61
C LEU C 324 -19.54 6.15 53.98
N ARG C 325 -19.10 6.94 53.01
CA ARG C 325 -20.00 7.85 52.31
C ARG C 325 -21.07 7.06 51.58
N ALA C 326 -20.64 5.98 50.94
CA ALA C 326 -21.55 5.13 50.18
C ALA C 326 -22.51 4.36 51.09
N GLN C 327 -22.00 3.89 52.22
CA GLN C 327 -22.81 3.16 53.19
C GLN C 327 -24.05 3.96 53.56
N VAL C 328 -23.85 5.02 54.32
CA VAL C 328 -24.95 5.85 54.82
C VAL C 328 -25.73 6.53 53.71
N GLY C 329 -25.09 6.72 52.56
CA GLY C 329 -25.73 7.36 51.43
C GLY C 329 -26.89 6.55 50.89
N THR C 330 -26.94 5.27 51.28
CA THR C 330 -28.00 4.38 50.82
C THR C 330 -29.04 4.13 51.92
N MET C 331 -28.70 4.50 53.14
CA MET C 331 -29.61 4.35 54.27
C MET C 331 -30.68 5.43 54.25
N PRO C 332 -31.91 5.07 54.65
CA PRO C 332 -33.06 5.98 54.65
C PRO C 332 -32.97 7.02 55.76
N VAL C 333 -33.59 8.18 55.55
CA VAL C 333 -33.61 9.21 56.58
C VAL C 333 -34.15 8.63 57.88
N GLY C 334 -33.56 9.04 59.00
CA GLY C 334 -34.06 8.62 60.29
C GLY C 334 -33.48 7.31 60.76
N SER C 335 -32.70 6.66 59.90
CA SER C 335 -32.01 5.43 60.27
C SER C 335 -31.08 5.71 61.44
N LYS C 336 -31.30 5.03 62.56
CA LYS C 336 -30.40 5.17 63.69
C LYS C 336 -29.26 4.18 63.56
N LEU C 337 -28.03 4.70 63.66
CA LEU C 337 -26.83 3.89 63.48
C LEU C 337 -25.83 4.25 64.56
N THR C 338 -24.74 3.48 64.65
CA THR C 338 -23.71 3.76 65.64
C THR C 338 -22.33 3.78 64.98
N LEU C 339 -21.50 4.75 65.36
CA LEU C 339 -20.18 4.87 64.77
C LEU C 339 -19.09 4.59 65.79
N GLY C 340 -17.94 4.15 65.31
CA GLY C 340 -16.77 3.97 66.15
C GLY C 340 -15.72 5.02 65.81
N LEU C 341 -15.47 5.93 66.75
CA LEU C 341 -14.54 7.02 66.51
C LEU C 341 -13.20 6.83 67.20
N LEU C 342 -12.24 7.65 66.82
CA LEU C 342 -10.92 7.62 67.43
C LEU C 342 -10.42 9.05 67.58
N ARG C 343 -10.43 9.57 68.80
CA ARG C 343 -9.91 10.89 69.10
C ARG C 343 -8.90 10.83 70.24
N ASP C 344 -7.69 11.31 69.97
CA ASP C 344 -6.62 11.28 70.97
C ASP C 344 -6.31 9.86 71.42
N GLY C 345 -6.23 8.94 70.47
CA GLY C 345 -5.91 7.56 70.76
C GLY C 345 -6.89 6.90 71.71
N LYS C 346 -8.11 7.42 71.74
CA LYS C 346 -9.16 6.85 72.59
C LYS C 346 -10.37 6.41 71.78
N GLN C 347 -10.83 5.19 72.04
CA GLN C 347 -11.98 4.63 71.35
C GLN C 347 -13.28 5.24 71.87
N VAL C 348 -14.12 5.72 70.94
CA VAL C 348 -15.38 6.35 71.28
C VAL C 348 -16.53 5.72 70.50
N ASN C 349 -17.70 5.61 71.13
CA ASN C 349 -18.89 5.13 70.44
C ASN C 349 -20.00 6.15 70.50
N VAL C 350 -20.70 6.33 69.40
CA VAL C 350 -21.76 7.34 69.33
C VAL C 350 -23.01 6.81 68.63
N ASN C 351 -24.18 7.24 69.11
CA ASN C 351 -25.44 6.91 68.45
C ASN C 351 -25.91 8.07 67.59
N LEU C 352 -26.20 7.77 66.33
CA LEU C 352 -26.60 8.81 65.39
C LEU C 352 -27.96 8.55 64.78
N GLU C 353 -28.50 9.57 64.11
CA GLU C 353 -29.75 9.44 63.38
C GLU C 353 -29.71 10.36 62.17
N LEU C 354 -29.79 9.77 60.98
CA LEU C 354 -29.72 10.55 59.75
C LEU C 354 -30.71 11.71 59.76
N GLN C 355 -30.39 12.76 59.00
CA GLN C 355 -31.15 13.99 59.04
C GLN C 355 -31.39 14.47 57.60
N GLN C 356 -32.41 15.30 57.43
CA GLN C 356 -32.67 15.91 56.12
C GLN C 356 -31.57 16.91 55.81
N SER C 357 -31.45 17.28 54.54
CA SER C 357 -30.39 18.20 54.10
C SER C 357 -30.25 19.40 55.02
N PHE C 368 -47.33 23.16 63.49
CA PHE C 368 -46.62 24.06 62.59
C PHE C 368 -46.61 23.51 61.17
N ASN C 369 -46.25 24.37 60.22
CA ASN C 369 -46.18 23.98 58.81
C ASN C 369 -45.27 24.90 57.99
N GLY C 370 -44.52 24.30 57.07
CA GLY C 370 -43.61 25.05 56.22
C GLY C 370 -43.95 24.90 54.74
N ILE C 371 -44.02 26.03 54.04
CA ILE C 371 -44.37 26.03 52.62
C ILE C 371 -43.34 26.78 51.77
N GLU C 372 -42.85 26.10 50.72
CA GLU C 372 -41.94 26.71 49.75
C GLU C 372 -40.65 27.24 50.38
N GLY C 373 -40.09 26.49 51.31
CA GLY C 373 -38.87 26.90 51.99
C GLY C 373 -39.10 27.98 53.03
N ALA C 374 -40.37 28.17 53.40
CA ALA C 374 -40.75 29.15 54.41
C ALA C 374 -41.46 28.48 55.57
N GLU C 375 -40.97 28.72 56.79
CA GLU C 375 -41.52 28.11 57.98
C GLU C 375 -42.47 29.05 58.73
N MET C 376 -43.70 28.59 58.92
CA MET C 376 -44.72 29.39 59.59
C MET C 376 -45.47 28.58 60.65
N SER C 377 -46.44 29.21 61.29
CA SER C 377 -47.25 28.57 62.32
C SER C 377 -48.56 29.33 62.48
N ASN C 378 -49.35 28.95 63.49
CA ASN C 378 -50.58 29.67 63.79
C ASN C 378 -50.34 30.80 64.79
N LYS C 379 -51.26 31.76 64.81
CA LYS C 379 -51.15 32.90 65.72
C LYS C 379 -52.33 32.95 66.67
N GLY C 380 -52.05 32.90 67.96
CA GLY C 380 -53.09 32.92 68.97
C GLY C 380 -54.21 31.93 68.65
N LYS C 381 -55.42 32.44 68.49
CA LYS C 381 -56.57 31.60 68.16
C LYS C 381 -57.24 32.07 66.88
N ASP C 382 -56.96 31.39 65.78
CA ASP C 382 -57.53 31.74 64.48
C ASP C 382 -57.26 33.20 64.12
N GLN C 383 -56.03 33.65 64.36
CA GLN C 383 -55.63 35.01 64.06
C GLN C 383 -54.70 35.06 62.85
N GLY C 384 -54.77 34.03 62.01
CA GLY C 384 -53.98 33.98 60.80
C GLY C 384 -52.72 33.15 60.96
N VAL C 385 -51.92 33.09 59.90
CA VAL C 385 -50.67 32.33 59.90
C VAL C 385 -49.48 33.28 59.99
N VAL C 386 -48.90 33.39 61.19
CA VAL C 386 -47.77 34.28 61.40
C VAL C 386 -46.46 33.63 60.96
N VAL C 387 -45.56 34.44 60.39
CA VAL C 387 -44.26 33.95 59.96
C VAL C 387 -43.22 34.09 61.07
N ASN C 388 -42.65 32.96 61.46
CA ASN C 388 -41.70 32.92 62.57
C ASN C 388 -40.31 33.38 62.16
N ASN C 389 -39.73 32.71 61.17
CA ASN C 389 -38.40 33.05 60.66
C ASN C 389 -38.24 32.65 59.20
N VAL C 390 -37.51 33.45 58.44
CA VAL C 390 -37.33 33.21 56.99
C VAL C 390 -35.88 32.95 56.59
N LYS C 391 -35.67 32.27 55.47
CA LYS C 391 -34.33 32.10 54.94
C LYS C 391 -34.11 33.05 53.78
N THR C 392 -32.92 33.66 53.72
CA THR C 392 -32.63 34.64 52.69
C THR C 392 -32.46 34.00 51.31
N GLY C 393 -31.62 32.99 51.21
CA GLY C 393 -31.37 32.33 49.94
C GLY C 393 -32.60 31.65 49.35
N THR C 394 -33.61 31.41 50.18
CA THR C 394 -34.80 30.68 49.75
C THR C 394 -35.74 31.55 48.91
N PRO C 395 -36.57 30.90 48.07
CA PRO C 395 -37.54 31.61 47.23
C PRO C 395 -38.57 32.37 48.06
N ALA C 396 -38.66 32.03 49.34
CA ALA C 396 -39.60 32.69 50.25
C ALA C 396 -39.31 34.19 50.33
N ALA C 397 -38.07 34.53 50.66
CA ALA C 397 -37.66 35.93 50.77
C ALA C 397 -37.48 36.56 49.41
N GLN C 398 -37.50 35.72 48.37
CA GLN C 398 -37.37 36.21 47.00
C GLN C 398 -38.68 36.80 46.50
N ILE C 399 -39.77 36.53 47.21
CA ILE C 399 -41.06 37.11 46.87
C ILE C 399 -41.48 38.20 47.85
N GLY C 400 -40.62 38.47 48.83
CA GLY C 400 -40.85 39.55 49.77
C GLY C 400 -41.00 39.14 51.21
N LEU C 401 -41.55 37.94 51.42
CA LEU C 401 -41.84 37.43 52.77
C LEU C 401 -40.75 37.73 53.79
N LYS C 402 -41.14 38.37 54.88
CA LYS C 402 -40.22 38.67 55.98
C LYS C 402 -40.79 38.13 57.30
N LYS C 403 -39.92 37.97 58.29
CA LYS C 403 -40.34 37.45 59.59
C LYS C 403 -41.26 38.42 60.30
N GLY C 404 -42.33 37.90 60.89
CA GLY C 404 -43.27 38.71 61.65
C GLY C 404 -44.57 38.95 60.91
N ASP C 405 -44.59 38.63 59.62
CA ASP C 405 -45.79 38.83 58.81
C ASP C 405 -46.93 37.94 59.28
N VAL C 406 -48.17 38.39 59.08
CA VAL C 406 -49.34 37.63 59.50
C VAL C 406 -50.37 37.54 58.38
N ILE C 407 -50.46 36.36 57.77
CA ILE C 407 -51.38 36.12 56.66
C ILE C 407 -52.83 36.17 57.10
N ILE C 408 -53.52 37.24 56.75
CA ILE C 408 -54.94 37.38 57.07
C ILE C 408 -55.81 36.56 56.12
N GLY C 409 -55.40 36.48 54.86
CA GLY C 409 -56.12 35.74 53.85
C GLY C 409 -55.38 35.62 52.54
N ALA C 410 -55.91 34.82 51.62
CA ALA C 410 -55.31 34.63 50.30
C ALA C 410 -56.38 34.38 49.24
N ASN C 411 -56.23 35.07 48.11
CA ASN C 411 -57.17 34.93 47.01
C ASN C 411 -58.62 35.19 47.43
N GLN C 412 -58.82 36.28 48.16
CA GLN C 412 -60.14 36.68 48.62
C GLN C 412 -60.80 35.64 49.50
N GLN C 413 -59.98 34.82 50.16
CA GLN C 413 -60.47 33.84 51.11
C GLN C 413 -59.82 34.05 52.48
N ALA C 414 -60.62 34.09 53.52
CA ALA C 414 -60.13 34.35 54.87
C ALA C 414 -59.27 33.21 55.42
N VAL C 415 -58.09 33.56 55.93
CA VAL C 415 -57.16 32.58 56.49
C VAL C 415 -57.01 32.74 58.01
N LYS C 416 -57.58 31.79 58.75
CA LYS C 416 -57.51 31.82 60.22
C LYS C 416 -56.35 30.98 60.72
N ASN C 417 -56.04 29.92 59.99
CA ASN C 417 -55.01 28.97 60.38
C ASN C 417 -54.35 28.30 59.17
N ILE C 418 -53.39 27.43 59.44
CA ILE C 418 -52.68 26.72 58.37
C ILE C 418 -53.61 25.76 57.62
N ALA C 419 -54.72 25.40 58.25
CA ALA C 419 -55.70 24.51 57.65
C ALA C 419 -56.48 25.18 56.52
N GLU C 420 -56.90 26.42 56.76
CA GLU C 420 -57.64 27.18 55.76
C GLU C 420 -56.72 27.68 54.64
N LEU C 421 -55.47 27.95 55.00
CA LEU C 421 -54.45 28.35 54.04
C LEU C 421 -54.19 27.22 53.04
N ARG C 422 -53.95 26.03 53.57
CA ARG C 422 -53.70 24.85 52.75
C ARG C 422 -54.90 24.51 51.89
N LYS C 423 -56.10 24.88 52.36
CA LYS C 423 -57.33 24.58 51.64
C LYS C 423 -57.45 25.44 50.38
N VAL C 424 -56.76 26.56 50.38
CA VAL C 424 -56.70 27.43 49.21
C VAL C 424 -55.66 26.90 48.23
N LEU C 425 -54.56 26.39 48.77
CA LEU C 425 -53.48 25.82 47.95
C LEU C 425 -53.91 24.51 47.29
N ASP C 426 -54.91 23.86 47.87
CA ASP C 426 -55.47 22.64 47.29
C ASP C 426 -56.21 22.97 46.00
N SER C 427 -56.71 24.20 45.91
CA SER C 427 -57.39 24.67 44.70
C SER C 427 -56.40 24.82 43.56
N LYS C 428 -55.12 24.93 43.90
CA LYS C 428 -54.04 25.12 42.93
C LYS C 428 -54.32 26.23 41.92
N PRO C 429 -54.26 27.50 42.38
CA PRO C 429 -54.45 28.64 41.50
C PRO C 429 -53.17 28.96 40.73
N SER C 430 -53.32 29.46 39.51
CA SER C 430 -52.17 29.84 38.69
C SER C 430 -51.31 30.86 39.42
N VAL C 431 -51.99 31.74 40.15
CA VAL C 431 -51.30 32.80 40.89
C VAL C 431 -51.82 32.86 42.33
N LEU C 432 -50.91 33.06 43.27
CA LEU C 432 -51.27 33.13 44.68
C LEU C 432 -51.08 34.55 45.24
N ALA C 433 -52.18 35.14 45.70
CA ALA C 433 -52.14 36.49 46.27
C ALA C 433 -52.38 36.45 47.77
N LEU C 434 -51.32 36.70 48.54
CA LEU C 434 -51.39 36.65 50.00
C LEU C 434 -51.71 38.01 50.59
N ASN C 435 -52.70 38.03 51.49
CA ASN C 435 -53.07 39.24 52.20
C ASN C 435 -52.46 39.28 53.60
N ILE C 436 -51.15 39.52 53.66
CA ILE C 436 -50.44 39.58 54.93
C ILE C 436 -50.49 40.98 55.53
N GLN C 437 -49.96 41.13 56.74
CA GLN C 437 -49.92 42.42 57.40
C GLN C 437 -48.63 42.62 58.20
N ARG C 438 -47.80 43.55 57.76
CA ARG C 438 -46.60 43.91 58.49
C ARG C 438 -46.85 45.24 59.22
N GLY C 439 -46.65 45.23 60.54
CA GLY C 439 -46.93 46.40 61.34
C GLY C 439 -48.42 46.72 61.31
N ASP C 440 -48.75 48.01 61.24
CA ASP C 440 -50.14 48.41 61.16
C ASP C 440 -50.56 48.63 59.69
N SER C 441 -49.76 48.06 58.78
CA SER C 441 -50.05 48.15 57.36
C SER C 441 -50.56 46.82 56.82
N THR C 442 -51.32 46.88 55.73
CA THR C 442 -51.80 45.68 55.05
C THR C 442 -51.27 45.64 53.62
N ILE C 443 -50.52 44.60 53.30
CA ILE C 443 -49.92 44.47 51.99
C ILE C 443 -50.34 43.17 51.32
N TYR C 444 -49.87 42.96 50.09
CA TYR C 444 -50.09 41.71 49.38
C TYR C 444 -48.78 41.18 48.82
N LEU C 445 -48.70 39.86 48.70
CA LEU C 445 -47.58 39.23 48.04
C LEU C 445 -48.10 38.28 46.97
N LEU C 446 -47.47 38.32 45.79
CA LEU C 446 -47.93 37.52 44.67
C LEU C 446 -46.94 36.39 44.37
N MET C 447 -47.46 35.30 43.82
CA MET C 447 -46.64 34.14 43.47
C MET C 447 -47.03 33.56 42.13
N GLN C 448 -46.02 33.19 41.34
CA GLN C 448 -46.25 32.51 40.07
C GLN C 448 -46.80 33.45 39.01
N GLN D 11 6.93 4.34 -59.36
CA GLN D 11 7.70 3.37 -58.60
C GLN D 11 8.34 4.00 -57.37
N MET D 12 7.90 3.56 -56.19
CA MET D 12 8.38 4.13 -54.94
C MET D 12 9.39 3.22 -54.23
N PRO D 13 10.33 3.85 -53.50
CA PRO D 13 11.29 3.15 -52.63
C PRO D 13 10.58 2.56 -51.43
N SER D 14 10.92 1.34 -51.04
CA SER D 14 10.28 0.71 -49.90
C SER D 14 11.13 -0.34 -49.21
N LEU D 15 10.90 -0.51 -47.90
CA LEU D 15 11.60 -1.52 -47.13
C LEU D 15 10.86 -2.84 -47.22
N ALA D 16 9.59 -2.77 -47.62
CA ALA D 16 8.72 -3.94 -47.71
C ALA D 16 9.37 -5.18 -48.35
N PRO D 17 10.03 -5.00 -49.51
CA PRO D 17 10.69 -6.13 -50.15
C PRO D 17 11.66 -6.83 -49.21
N MET D 18 12.49 -6.05 -48.53
CA MET D 18 13.48 -6.62 -47.61
C MET D 18 12.84 -7.22 -46.38
N LEU D 19 11.76 -6.60 -45.90
CA LEU D 19 11.13 -7.02 -44.66
C LEU D 19 10.35 -8.32 -44.77
N GLU D 20 9.69 -8.52 -45.90
CA GLU D 20 8.87 -9.73 -46.07
C GLU D 20 9.73 -10.99 -45.96
N LYS D 21 11.02 -10.86 -46.24
CA LYS D 21 11.95 -11.97 -46.13
C LYS D 21 12.51 -12.13 -44.72
N VAL D 22 12.67 -11.02 -44.03
CA VAL D 22 13.34 -11.00 -42.73
C VAL D 22 12.39 -11.21 -41.55
N MET D 23 11.28 -10.48 -41.57
CA MET D 23 10.25 -10.59 -40.52
C MET D 23 9.89 -12.00 -39.97
N PRO D 24 9.69 -13.01 -40.83
CA PRO D 24 9.47 -14.32 -40.19
C PRO D 24 10.56 -14.68 -39.19
N SER D 25 11.77 -14.17 -39.40
CA SER D 25 12.93 -14.51 -38.57
C SER D 25 12.84 -13.92 -37.17
N VAL D 26 12.00 -12.91 -36.99
CA VAL D 26 11.82 -12.30 -35.68
C VAL D 26 10.57 -12.82 -34.99
N VAL D 27 10.75 -13.34 -33.79
CA VAL D 27 9.63 -13.88 -33.01
C VAL D 27 9.40 -13.06 -31.77
N SER D 28 8.24 -13.26 -31.15
CA SER D 28 7.92 -12.59 -29.90
C SER D 28 7.84 -13.60 -28.77
N ILE D 29 8.40 -13.24 -27.61
CA ILE D 29 8.51 -14.17 -26.50
C ILE D 29 7.58 -13.82 -25.33
N ASN D 30 6.79 -14.80 -24.90
CA ASN D 30 5.94 -14.68 -23.72
C ASN D 30 6.45 -15.52 -22.55
N VAL D 31 6.55 -14.92 -21.38
CA VAL D 31 7.19 -15.56 -20.23
C VAL D 31 6.35 -15.52 -18.95
N GLU D 32 6.34 -16.63 -18.23
CA GLU D 32 5.75 -16.70 -16.90
C GLU D 32 6.83 -17.13 -15.90
N GLY D 33 6.93 -16.44 -14.77
CA GLY D 33 7.96 -16.75 -13.80
C GLY D 33 7.56 -16.47 -12.37
N SER D 34 8.54 -16.58 -11.47
CA SER D 34 8.32 -16.34 -10.06
C SER D 34 9.62 -15.92 -9.37
N THR D 35 9.51 -15.08 -8.35
CA THR D 35 10.69 -14.59 -7.65
C THR D 35 10.37 -14.24 -6.19
N GLN D 82 5.12 -15.28 -5.53
CA GLN D 82 5.20 -14.04 -6.30
C GLN D 82 5.38 -14.33 -7.79
N LYS D 83 4.27 -14.55 -8.48
CA LYS D 83 4.29 -14.83 -9.91
C LYS D 83 4.28 -13.54 -10.73
N PHE D 84 4.99 -13.55 -11.86
CA PHE D 84 5.03 -12.40 -12.74
C PHE D 84 4.87 -12.81 -14.20
N MET D 85 4.50 -11.84 -15.04
CA MET D 85 4.37 -12.08 -16.47
C MET D 85 5.12 -11.01 -17.26
N ALA D 86 5.91 -11.45 -18.24
CA ALA D 86 6.70 -10.53 -19.06
C ALA D 86 6.66 -10.91 -20.52
N LEU D 87 7.00 -9.97 -21.39
CA LEU D 87 7.05 -10.24 -22.82
C LEU D 87 8.10 -9.39 -23.53
N GLY D 88 8.66 -9.94 -24.60
CA GLY D 88 9.69 -9.27 -25.38
C GLY D 88 9.80 -9.89 -26.75
N SER D 89 10.99 -9.84 -27.33
CA SER D 89 11.20 -10.36 -28.68
C SER D 89 12.42 -11.27 -28.75
N GLY D 90 12.58 -11.93 -29.88
CA GLY D 90 13.71 -12.81 -30.11
C GLY D 90 14.02 -12.94 -31.58
N VAL D 91 15.18 -13.49 -31.88
CA VAL D 91 15.62 -13.68 -33.26
C VAL D 91 16.07 -15.13 -33.50
N ILE D 92 15.49 -15.76 -34.51
CA ILE D 92 15.86 -17.11 -34.90
C ILE D 92 17.26 -17.16 -35.49
N ILE D 93 18.20 -17.76 -34.77
CA ILE D 93 19.58 -17.85 -35.22
C ILE D 93 19.80 -19.09 -36.07
N ASP D 94 19.22 -20.22 -35.62
CA ASP D 94 19.32 -21.47 -36.35
C ASP D 94 17.93 -22.03 -36.63
N ALA D 95 17.47 -21.90 -37.87
CA ALA D 95 16.14 -22.33 -38.25
C ALA D 95 15.91 -23.81 -37.93
N ASP D 96 16.95 -24.60 -38.14
CA ASP D 96 16.88 -26.04 -37.98
C ASP D 96 16.81 -26.47 -36.52
N LYS D 97 17.76 -25.99 -35.72
CA LYS D 97 17.84 -26.36 -34.31
C LYS D 97 16.81 -25.63 -33.46
N GLY D 98 16.22 -24.58 -34.02
CA GLY D 98 15.24 -23.78 -33.29
C GLY D 98 15.88 -22.90 -32.23
N TYR D 99 17.10 -22.44 -32.49
CA TYR D 99 17.82 -21.56 -31.58
C TYR D 99 17.34 -20.13 -31.71
N VAL D 100 16.95 -19.54 -30.58
CA VAL D 100 16.49 -18.15 -30.56
C VAL D 100 17.20 -17.31 -29.50
N VAL D 101 17.93 -16.30 -29.95
CA VAL D 101 18.63 -15.40 -29.05
C VAL D 101 17.66 -14.35 -28.51
N THR D 102 17.98 -13.79 -27.35
CA THR D 102 17.16 -12.75 -26.74
C THR D 102 17.90 -12.12 -25.57
N ASN D 103 17.30 -11.09 -24.97
CA ASN D 103 17.90 -10.46 -23.80
C ASN D 103 17.74 -11.35 -22.58
N ASN D 104 18.80 -11.43 -21.79
CA ASN D 104 18.77 -12.23 -20.57
C ASN D 104 17.72 -11.71 -19.59
N HIS D 105 17.47 -10.41 -19.62
CA HIS D 105 16.52 -9.79 -18.69
C HIS D 105 15.07 -10.05 -19.10
N VAL D 106 14.89 -10.66 -20.27
CA VAL D 106 13.56 -10.96 -20.77
C VAL D 106 13.12 -12.35 -20.30
N VAL D 107 14.10 -13.25 -20.16
CA VAL D 107 13.81 -14.64 -19.88
C VAL D 107 14.39 -15.08 -18.53
N ASP D 108 14.86 -14.10 -17.76
CA ASP D 108 15.42 -14.39 -16.45
C ASP D 108 14.32 -14.86 -15.48
N ASN D 109 14.65 -15.85 -14.66
CA ASN D 109 13.70 -16.40 -13.69
C ASN D 109 12.39 -16.82 -14.35
N ALA D 110 12.49 -17.56 -15.45
CA ALA D 110 11.32 -17.97 -16.21
C ALA D 110 10.99 -19.44 -16.00
N THR D 111 9.75 -19.71 -15.58
CA THR D 111 9.27 -21.06 -15.42
C THR D 111 8.70 -21.58 -16.74
N VAL D 112 8.00 -20.70 -17.46
CA VAL D 112 7.39 -21.05 -18.73
C VAL D 112 7.79 -20.06 -19.83
N ILE D 113 8.22 -20.60 -20.97
CA ILE D 113 8.63 -19.78 -22.10
C ILE D 113 7.92 -20.23 -23.37
N LYS D 114 7.13 -19.33 -23.95
CA LYS D 114 6.44 -19.63 -25.21
C LYS D 114 6.79 -18.62 -26.30
N VAL D 115 7.08 -19.13 -27.48
CA VAL D 115 7.47 -18.31 -28.62
C VAL D 115 6.39 -18.27 -29.69
N GLN D 116 6.09 -17.07 -30.18
CA GLN D 116 5.09 -16.92 -31.23
C GLN D 116 5.70 -16.33 -32.49
N LEU D 117 5.55 -17.05 -33.61
CA LEU D 117 6.10 -16.64 -34.89
C LEU D 117 5.26 -15.55 -35.54
N SER D 118 5.77 -15.01 -36.64
CA SER D 118 5.11 -13.93 -37.36
C SER D 118 3.78 -14.38 -37.97
N ASP D 119 3.67 -15.67 -38.28
CA ASP D 119 2.46 -16.21 -38.87
C ASP D 119 1.45 -16.64 -37.82
N GLY D 120 1.81 -16.46 -36.54
CA GLY D 120 0.89 -16.73 -35.45
C GLY D 120 1.08 -18.06 -34.75
N ARG D 121 1.93 -18.92 -35.31
CA ARG D 121 2.20 -20.23 -34.71
C ARG D 121 2.85 -20.09 -33.34
N LYS D 122 2.41 -20.91 -32.38
CA LYS D 122 3.03 -20.92 -31.06
C LYS D 122 3.89 -22.15 -30.86
N PHE D 123 4.95 -21.99 -30.06
CA PHE D 123 5.83 -23.10 -29.69
C PHE D 123 6.21 -22.94 -28.23
N ASP D 124 6.74 -24.02 -27.64
CA ASP D 124 7.29 -23.94 -26.29
C ASP D 124 8.80 -23.98 -26.37
N ALA D 125 9.46 -23.15 -25.56
CA ALA D 125 10.90 -23.03 -25.62
C ALA D 125 11.54 -23.35 -24.27
N LYS D 126 12.75 -23.91 -24.33
CA LYS D 126 13.51 -24.22 -23.13
C LYS D 126 14.84 -23.45 -23.12
N MET D 127 15.24 -22.99 -21.95
CA MET D 127 16.50 -22.25 -21.81
C MET D 127 17.69 -23.08 -22.27
N VAL D 128 18.62 -22.45 -22.98
CA VAL D 128 19.83 -23.12 -23.41
C VAL D 128 21.06 -22.50 -22.74
N GLY D 129 21.10 -21.18 -22.70
CA GLY D 129 22.19 -20.46 -22.07
C GLY D 129 21.76 -19.06 -21.67
N LYS D 130 22.48 -18.45 -20.74
CA LYS D 130 22.20 -17.09 -20.32
C LYS D 130 23.46 -16.44 -19.77
N ASP D 131 23.64 -15.15 -20.07
CA ASP D 131 24.80 -14.41 -19.62
C ASP D 131 24.41 -13.00 -19.17
N PRO D 132 24.10 -12.86 -17.88
CA PRO D 132 23.65 -11.60 -17.27
C PRO D 132 24.61 -10.45 -17.50
N ARG D 133 25.91 -10.73 -17.49
CA ARG D 133 26.92 -9.70 -17.67
C ARG D 133 26.78 -8.98 -19.01
N SER D 134 26.38 -9.72 -20.04
CA SER D 134 26.22 -9.16 -21.38
C SER D 134 24.74 -9.04 -21.75
N ASP D 135 23.88 -9.55 -20.88
CA ASP D 135 22.43 -9.47 -21.07
C ASP D 135 21.99 -10.24 -22.31
N ILE D 136 22.75 -11.27 -22.68
CA ILE D 136 22.38 -12.11 -23.81
C ILE D 136 21.99 -13.50 -23.33
N ALA D 137 20.83 -13.97 -23.76
CA ALA D 137 20.38 -15.31 -23.43
C ALA D 137 20.02 -16.07 -24.70
N LEU D 138 20.11 -17.38 -24.64
CA LEU D 138 19.78 -18.22 -25.79
C LEU D 138 18.75 -19.29 -25.40
N ILE D 139 17.68 -19.38 -26.18
CA ILE D 139 16.65 -20.38 -25.94
C ILE D 139 16.48 -21.26 -27.17
N GLN D 140 15.75 -22.37 -27.01
CA GLN D 140 15.55 -23.32 -28.10
C GLN D 140 14.09 -23.75 -28.24
N ILE D 141 13.55 -23.51 -29.42
CA ILE D 141 12.18 -23.88 -29.72
C ILE D 141 12.03 -25.39 -29.70
N GLN D 142 11.04 -25.88 -28.96
CA GLN D 142 10.76 -27.31 -28.92
C GLN D 142 9.95 -27.72 -30.15
N ASN D 143 10.37 -28.82 -30.79
CA ASN D 143 9.75 -29.28 -32.03
C ASN D 143 9.77 -28.22 -33.13
N PRO D 144 10.98 -27.84 -33.58
CA PRO D 144 11.15 -26.81 -34.61
C PRO D 144 10.63 -27.30 -35.95
N LYS D 145 9.66 -26.57 -36.52
CA LYS D 145 9.08 -26.93 -37.81
C LYS D 145 8.98 -25.72 -38.74
N ASN D 146 9.67 -25.81 -39.88
CA ASN D 146 9.55 -24.79 -40.92
C ASN D 146 9.87 -23.38 -40.43
N LEU D 147 11.06 -23.21 -39.86
CA LEU D 147 11.47 -21.92 -39.33
C LEU D 147 12.28 -21.12 -40.35
N THR D 148 12.53 -19.86 -40.05
CA THR D 148 13.37 -19.01 -40.88
C THR D 148 14.40 -18.30 -40.02
N ALA D 149 15.68 -18.52 -40.32
CA ALA D 149 16.77 -17.90 -39.58
C ALA D 149 17.23 -16.61 -40.25
N ILE D 150 17.87 -15.74 -39.50
CA ILE D 150 18.37 -14.48 -40.03
C ILE D 150 19.87 -14.56 -40.29
N LYS D 151 20.33 -13.89 -41.34
CA LYS D 151 21.75 -13.82 -41.61
C LYS D 151 22.38 -12.67 -40.84
N MET D 152 23.50 -12.94 -40.16
CA MET D 152 24.17 -11.91 -39.39
C MET D 152 25.23 -11.18 -40.22
N ALA D 153 25.30 -9.87 -40.03
CA ALA D 153 26.31 -9.06 -40.69
C ALA D 153 27.43 -8.75 -39.72
N ASP D 154 28.58 -8.34 -40.25
CA ASP D 154 29.72 -7.97 -39.42
C ASP D 154 29.54 -6.58 -38.83
N SER D 155 29.22 -6.52 -37.54
CA SER D 155 28.93 -5.24 -36.90
C SER D 155 30.12 -4.30 -36.93
N ASP D 156 31.31 -4.85 -37.15
CA ASP D 156 32.54 -4.05 -37.20
C ASP D 156 32.63 -3.18 -38.46
N ALA D 157 31.68 -3.34 -39.37
CA ALA D 157 31.64 -2.55 -40.59
C ALA D 157 30.65 -1.40 -40.44
N LEU D 158 29.89 -1.41 -39.35
CA LEU D 158 28.92 -0.36 -39.10
C LEU D 158 29.59 1.00 -38.97
N ARG D 159 28.94 2.03 -39.49
CA ARG D 159 29.44 3.39 -39.40
C ARG D 159 28.29 4.30 -39.02
N VAL D 160 28.54 5.28 -38.16
CA VAL D 160 27.51 6.23 -37.82
C VAL D 160 26.98 6.87 -39.11
N GLY D 161 25.67 6.79 -39.31
CA GLY D 161 25.04 7.31 -40.50
C GLY D 161 24.32 6.21 -41.24
N ASP D 162 24.77 4.97 -41.03
CA ASP D 162 24.14 3.82 -41.65
C ASP D 162 22.67 3.74 -41.22
N TYR D 163 21.82 3.35 -42.14
CA TYR D 163 20.39 3.22 -41.85
C TYR D 163 20.07 1.90 -41.14
N THR D 164 19.20 1.97 -40.14
CA THR D 164 18.86 0.79 -39.34
C THR D 164 17.36 0.53 -39.29
N VAL D 165 16.98 -0.74 -39.18
CA VAL D 165 15.58 -1.09 -39.03
C VAL D 165 15.38 -1.98 -37.81
N ALA D 166 14.47 -1.57 -36.93
CA ALA D 166 14.19 -2.31 -35.71
C ALA D 166 12.91 -3.13 -35.84
N ILE D 167 12.95 -4.35 -35.31
CA ILE D 167 11.80 -5.25 -35.36
C ILE D 167 11.59 -5.88 -34.00
N GLY D 168 10.40 -5.72 -33.45
CA GLY D 168 10.09 -6.26 -32.13
C GLY D 168 8.60 -6.36 -31.83
N ASN D 169 8.29 -6.50 -30.55
CA ASN D 169 6.91 -6.60 -30.10
C ASN D 169 6.62 -5.60 -28.97
N PRO D 170 6.46 -4.32 -29.33
CA PRO D 170 6.20 -3.26 -28.36
C PRO D 170 4.83 -3.37 -27.72
N PHE D 171 4.79 -3.42 -26.39
CA PHE D 171 3.54 -3.49 -25.65
C PHE D 171 2.66 -4.65 -26.10
N GLY D 172 3.30 -5.68 -26.63
CA GLY D 172 2.60 -6.87 -27.06
C GLY D 172 1.66 -6.63 -28.22
N LEU D 173 1.86 -5.51 -28.92
CA LEU D 173 1.01 -5.16 -30.05
C LEU D 173 1.14 -6.18 -31.17
N GLY D 174 2.34 -6.76 -31.29
CA GLY D 174 2.64 -7.67 -32.39
C GLY D 174 3.89 -7.21 -33.09
N GLU D 175 4.36 -7.99 -34.06
CA GLU D 175 5.58 -7.65 -34.78
C GLU D 175 5.47 -6.25 -35.36
N THR D 176 6.30 -5.34 -34.85
CA THR D 176 6.25 -3.95 -35.28
C THR D 176 7.60 -3.52 -35.82
N VAL D 177 7.59 -2.89 -37.00
CA VAL D 177 8.85 -2.46 -37.61
C VAL D 177 8.98 -0.94 -37.58
N THR D 178 10.16 -0.47 -37.18
CA THR D 178 10.46 0.95 -37.18
C THR D 178 11.85 1.16 -37.80
N SER D 179 12.15 2.39 -38.19
CA SER D 179 13.42 2.66 -38.86
C SER D 179 14.18 3.80 -38.18
N GLY D 180 15.42 3.99 -38.61
CA GLY D 180 16.27 5.04 -38.07
C GLY D 180 17.68 4.95 -38.63
N ILE D 181 18.64 5.51 -37.91
CA ILE D 181 20.04 5.44 -38.31
C ILE D 181 20.93 5.15 -37.12
N VAL D 182 22.19 4.82 -37.40
CA VAL D 182 23.16 4.60 -36.34
C VAL D 182 23.58 5.93 -35.74
N SER D 183 23.07 6.24 -34.56
CA SER D 183 23.39 7.50 -33.88
C SER D 183 24.86 7.53 -33.46
N ALA D 184 25.32 6.45 -32.84
CA ALA D 184 26.68 6.37 -32.35
C ALA D 184 27.06 4.91 -32.10
N LEU D 185 28.35 4.66 -31.93
CA LEU D 185 28.85 3.31 -31.69
C LEU D 185 29.69 3.24 -30.43
N GLY D 186 29.82 2.05 -29.88
CA GLY D 186 30.67 1.82 -28.72
C GLY D 186 30.20 2.51 -27.46
N ARG D 187 28.90 2.79 -27.39
CA ARG D 187 28.33 3.43 -26.21
C ARG D 187 28.29 2.47 -25.03
N SER D 188 28.56 2.99 -23.84
CA SER D 188 28.57 2.19 -22.63
C SER D 188 28.49 3.09 -21.40
N GLY D 189 28.20 2.50 -20.24
CA GLY D 189 28.12 3.25 -19.01
C GLY D 189 26.79 3.12 -18.30
N LEU D 190 25.86 2.43 -18.95
CA LEU D 190 24.53 2.20 -18.38
C LEU D 190 24.63 1.30 -17.14
N ASN D 191 25.60 0.39 -17.16
CA ASN D 191 25.91 -0.45 -16.01
C ASN D 191 27.38 -0.88 -16.06
N ALA D 192 28.21 -0.20 -15.26
CA ALA D 192 29.66 -0.35 -15.33
C ALA D 192 30.17 -1.78 -15.16
N GLU D 193 29.35 -2.65 -14.58
CA GLU D 193 29.77 -4.02 -14.35
C GLU D 193 29.47 -4.93 -15.56
N ASN D 194 28.60 -4.47 -16.44
CA ASN D 194 28.23 -5.23 -17.63
C ASN D 194 29.19 -5.01 -18.79
N TYR D 195 29.29 -6.02 -19.66
CA TYR D 195 30.03 -5.89 -20.91
C TYR D 195 29.13 -5.23 -21.95
N GLU D 196 29.34 -3.94 -22.18
CA GLU D 196 28.50 -3.18 -23.09
C GLU D 196 29.30 -2.39 -24.14
N ASN D 197 29.00 -2.64 -25.40
CA ASN D 197 29.63 -1.95 -26.52
C ASN D 197 28.54 -1.45 -27.47
N PHE D 198 27.54 -0.80 -26.89
CA PHE D 198 26.27 -0.55 -27.57
C PHE D 198 26.34 0.18 -28.90
N ILE D 199 25.43 -0.19 -29.79
CA ILE D 199 25.12 0.61 -30.96
C ILE D 199 23.94 1.49 -30.56
N GLN D 200 24.00 2.77 -30.90
CA GLN D 200 22.92 3.68 -30.58
C GLN D 200 22.13 4.02 -31.83
N THR D 201 20.80 4.04 -31.71
CA THR D 201 19.95 4.32 -32.85
C THR D 201 18.72 5.13 -32.46
N ASP D 202 18.28 6.00 -33.36
CA ASP D 202 17.08 6.79 -33.14
C ASP D 202 15.84 6.04 -33.58
N ALA D 203 16.02 4.80 -34.02
CA ALA D 203 14.89 3.96 -34.42
C ALA D 203 13.99 3.68 -33.22
N ALA D 204 12.68 3.83 -33.41
CA ALA D 204 11.72 3.68 -32.33
C ALA D 204 11.82 2.33 -31.64
N ILE D 205 12.05 2.35 -30.32
CA ILE D 205 12.14 1.14 -29.52
C ILE D 205 11.48 1.38 -28.18
N ASN D 206 10.57 0.48 -27.80
CA ASN D 206 9.91 0.60 -26.51
C ASN D 206 9.84 -0.73 -25.76
N ARG D 207 9.13 -0.72 -24.64
CA ARG D 207 8.92 -1.93 -23.87
C ARG D 207 8.35 -3.05 -24.74
N GLY D 208 9.14 -4.10 -24.92
CA GLY D 208 8.75 -5.23 -25.76
C GLY D 208 9.76 -5.52 -26.86
N ASN D 209 10.44 -4.48 -27.32
CA ASN D 209 11.43 -4.60 -28.39
C ASN D 209 12.66 -5.40 -27.98
N ALA D 210 12.89 -5.50 -26.67
CA ALA D 210 14.06 -6.17 -26.13
C ALA D 210 14.19 -7.58 -26.71
N GLY D 211 15.41 -7.93 -27.12
CA GLY D 211 15.67 -9.20 -27.75
C GLY D 211 15.35 -9.14 -29.22
N GLY D 212 14.76 -8.01 -29.63
CA GLY D 212 14.39 -7.77 -31.01
C GLY D 212 15.61 -7.65 -31.92
N ALA D 213 15.35 -7.61 -33.22
CA ALA D 213 16.43 -7.54 -34.20
C ALA D 213 16.66 -6.12 -34.69
N LEU D 214 17.94 -5.76 -34.82
CA LEU D 214 18.30 -4.53 -35.48
C LEU D 214 19.07 -4.90 -36.73
N VAL D 215 18.52 -4.58 -37.89
CA VAL D 215 19.10 -5.00 -39.16
C VAL D 215 19.40 -3.81 -40.07
N ASN D 216 20.29 -4.02 -41.03
CA ASN D 216 20.56 -3.02 -42.05
C ASN D 216 19.61 -3.21 -43.24
N LEU D 217 19.77 -2.35 -44.24
CA LEU D 217 18.86 -2.34 -45.38
C LEU D 217 18.85 -3.64 -46.16
N ASN D 218 19.84 -4.49 -45.92
CA ASN D 218 19.88 -5.80 -46.57
C ASN D 218 19.24 -6.88 -45.72
N GLY D 219 18.66 -6.48 -44.59
CA GLY D 219 17.98 -7.40 -43.70
C GLY D 219 18.92 -8.26 -42.88
N GLU D 220 20.18 -7.85 -42.81
CA GLU D 220 21.16 -8.58 -42.02
C GLU D 220 21.23 -8.04 -40.59
N LEU D 221 21.27 -8.96 -39.63
CA LEU D 221 21.30 -8.59 -38.23
C LEU D 221 22.59 -7.86 -37.86
N ILE D 222 22.46 -6.66 -37.35
CA ILE D 222 23.63 -5.89 -36.94
C ILE D 222 23.71 -5.78 -35.42
N GLY D 223 22.59 -6.00 -34.74
CA GLY D 223 22.55 -5.92 -33.29
C GLY D 223 21.24 -6.39 -32.68
N ILE D 224 21.25 -6.54 -31.36
CA ILE D 224 20.04 -6.92 -30.63
C ILE D 224 19.61 -5.81 -29.68
N ASN D 225 18.47 -5.19 -30.00
CA ASN D 225 17.93 -4.09 -29.20
C ASN D 225 17.78 -4.50 -27.73
N THR D 226 18.44 -3.76 -26.84
CA THR D 226 18.48 -4.13 -25.44
C THR D 226 17.81 -3.11 -24.51
N ALA D 227 18.24 -1.85 -24.58
CA ALA D 227 17.72 -0.84 -23.68
C ALA D 227 17.53 0.53 -24.34
N ILE D 228 16.80 1.40 -23.66
CA ILE D 228 16.56 2.76 -24.14
C ILE D 228 16.79 3.77 -23.01
N LEU D 229 17.08 5.02 -23.39
CA LEU D 229 17.21 6.09 -22.42
C LEU D 229 15.94 6.91 -22.43
N ALA D 230 15.06 6.67 -21.46
CA ALA D 230 13.74 7.32 -21.42
C ALA D 230 13.32 7.68 -20.00
N PRO D 231 13.14 8.99 -19.74
CA PRO D 231 12.73 9.51 -18.43
C PRO D 231 11.27 9.21 -18.10
N ASP D 232 10.49 8.81 -19.10
CA ASP D 232 9.07 8.61 -18.91
C ASP D 232 8.61 7.20 -19.30
N GLY D 233 9.57 6.33 -19.59
CA GLY D 233 9.25 4.98 -20.02
C GLY D 233 8.68 4.95 -21.43
N GLY D 234 8.98 5.98 -22.21
CA GLY D 234 8.56 6.06 -23.60
C GLY D 234 9.73 6.50 -24.45
N ASN D 235 9.90 5.87 -25.61
CA ASN D 235 11.04 6.16 -26.47
C ASN D 235 11.16 7.64 -26.80
N ILE D 236 12.38 8.16 -26.74
CA ILE D 236 12.65 9.54 -27.08
C ILE D 236 13.76 9.65 -28.11
N GLY D 237 14.00 8.55 -28.82
CA GLY D 237 14.95 8.55 -29.92
C GLY D 237 16.33 8.04 -29.56
N ILE D 238 16.46 7.52 -28.34
CA ILE D 238 17.73 6.99 -27.90
C ILE D 238 17.61 5.53 -27.48
N GLY D 239 18.02 4.64 -28.38
CA GLY D 239 17.99 3.21 -28.12
C GLY D 239 19.35 2.56 -28.29
N PHE D 240 19.58 1.46 -27.58
CA PHE D 240 20.85 0.77 -27.65
C PHE D 240 20.67 -0.71 -28.01
N ALA D 241 21.59 -1.22 -28.83
CA ALA D 241 21.56 -2.63 -29.24
C ALA D 241 22.94 -3.26 -29.11
N ILE D 242 22.98 -4.53 -28.75
CA ILE D 242 24.23 -5.27 -28.64
C ILE D 242 24.71 -5.71 -30.01
N PRO D 243 25.93 -5.29 -30.39
CA PRO D 243 26.50 -5.59 -31.71
C PRO D 243 26.36 -7.06 -32.09
N SER D 244 26.08 -7.32 -33.37
CA SER D 244 25.86 -8.69 -33.84
C SER D 244 27.06 -9.58 -33.54
N ASN D 245 28.26 -9.03 -33.68
CA ASN D 245 29.49 -9.79 -33.44
C ASN D 245 29.56 -10.37 -32.02
N MET D 246 29.22 -9.54 -31.03
CA MET D 246 29.21 -9.99 -29.65
C MET D 246 28.19 -11.11 -29.44
N VAL D 247 27.06 -11.01 -30.13
CA VAL D 247 26.04 -12.04 -30.07
C VAL D 247 26.56 -13.33 -30.72
N LYS D 248 27.16 -13.18 -31.89
CA LYS D 248 27.77 -14.29 -32.61
C LYS D 248 28.64 -15.10 -31.65
N ASN D 249 29.53 -14.39 -30.95
CA ASN D 249 30.47 -15.02 -30.03
C ASN D 249 29.81 -15.65 -28.81
N LEU D 250 28.85 -14.94 -28.21
CA LEU D 250 28.22 -15.38 -26.98
C LEU D 250 27.31 -16.59 -27.18
N THR D 251 26.53 -16.58 -28.27
CA THR D 251 25.60 -17.68 -28.53
C THR D 251 26.34 -18.96 -28.89
N SER D 252 27.34 -18.84 -29.77
CA SER D 252 28.10 -19.99 -30.22
C SER D 252 28.65 -20.82 -29.05
N GLN D 253 28.99 -20.13 -27.95
CA GLN D 253 29.45 -20.82 -26.75
C GLN D 253 28.29 -21.50 -26.02
N MET D 254 27.20 -20.77 -25.82
CA MET D 254 26.04 -21.32 -25.13
C MET D 254 25.52 -22.57 -25.82
N VAL D 255 25.65 -22.60 -27.14
CA VAL D 255 25.24 -23.76 -27.92
C VAL D 255 26.04 -24.99 -27.53
N GLU D 256 27.33 -24.79 -27.27
CA GLU D 256 28.23 -25.90 -27.00
C GLU D 256 28.39 -26.23 -25.51
N TYR D 257 28.55 -25.19 -24.69
CA TYR D 257 28.87 -25.39 -23.28
C TYR D 257 27.69 -25.12 -22.35
N GLY D 258 26.67 -24.43 -22.85
CA GLY D 258 25.54 -24.06 -22.03
C GLY D 258 25.85 -22.83 -21.22
N GLN D 259 27.10 -22.38 -21.30
CA GLN D 259 27.51 -21.13 -20.67
C GLN D 259 28.69 -20.54 -21.44
N VAL D 260 29.25 -19.45 -20.92
CA VAL D 260 30.36 -18.78 -21.57
C VAL D 260 31.67 -18.95 -20.78
N LYS D 261 32.69 -19.48 -21.46
CA LYS D 261 34.02 -19.60 -20.87
C LYS D 261 34.71 -18.25 -20.93
N ARG D 262 34.64 -17.51 -19.83
CA ARG D 262 35.16 -16.14 -19.77
C ARG D 262 36.67 -16.12 -19.61
N GLY D 263 37.36 -15.49 -20.56
CA GLY D 263 38.81 -15.37 -20.51
C GLY D 263 39.25 -13.93 -20.33
N GLU D 264 40.54 -13.75 -20.05
CA GLU D 264 41.07 -12.41 -19.84
C GLU D 264 42.52 -12.25 -20.29
N LEU D 265 42.92 -11.01 -20.56
CA LEU D 265 44.30 -10.69 -20.92
C LEU D 265 45.13 -10.52 -19.65
N GLY D 266 44.46 -10.15 -18.56
CA GLY D 266 45.12 -9.93 -17.30
C GLY D 266 45.84 -8.59 -17.26
N ILE D 267 45.12 -7.53 -17.60
CA ILE D 267 45.68 -6.18 -17.55
C ILE D 267 44.73 -5.21 -16.85
N MET D 268 45.31 -4.27 -16.11
CA MET D 268 44.55 -3.20 -15.49
C MET D 268 44.70 -1.96 -16.36
N GLY D 269 43.66 -1.13 -16.40
CA GLY D 269 43.69 0.08 -17.19
C GLY D 269 42.50 0.98 -17.04
N THR D 270 42.49 2.07 -17.81
CA THR D 270 41.40 3.03 -17.78
C THR D 270 41.27 3.75 -19.12
N GLU D 271 40.22 4.57 -19.26
CA GLU D 271 39.96 5.29 -20.50
C GLU D 271 41.03 6.33 -20.79
N LEU D 272 41.52 6.32 -22.03
CA LEU D 272 42.52 7.31 -22.44
C LEU D 272 41.85 8.59 -22.94
N ASN D 273 41.81 9.60 -22.08
CA ASN D 273 41.27 10.90 -22.47
C ASN D 273 42.37 11.84 -22.94
N SER D 274 41.99 13.05 -23.36
CA SER D 274 42.97 14.02 -23.86
C SER D 274 43.95 14.46 -22.79
N GLU D 275 43.45 14.63 -21.57
CA GLU D 275 44.29 15.03 -20.44
C GLU D 275 45.42 14.02 -20.21
N LEU D 276 45.05 12.75 -20.04
CA LEU D 276 46.01 11.68 -19.78
C LEU D 276 46.99 11.51 -20.94
N ALA D 277 46.54 11.79 -22.16
CA ALA D 277 47.39 11.73 -23.33
C ALA D 277 48.50 12.77 -23.24
N LYS D 278 48.15 13.98 -22.78
CA LYS D 278 49.12 15.05 -22.59
C LYS D 278 50.23 14.63 -21.63
N ALA D 279 49.84 14.10 -20.48
CA ALA D 279 50.78 13.65 -19.47
C ALA D 279 51.71 12.56 -19.99
N MET D 280 51.13 11.58 -20.69
CA MET D 280 51.89 10.44 -21.18
C MET D 280 52.52 10.70 -22.54
N LYS D 281 52.51 11.95 -22.96
CA LYS D 281 53.08 12.34 -24.25
C LYS D 281 52.58 11.41 -25.37
N VAL D 282 51.29 11.08 -25.32
CA VAL D 282 50.67 10.20 -26.30
C VAL D 282 49.85 10.98 -27.32
N ASP D 283 49.85 10.48 -28.54
CA ASP D 283 49.21 11.13 -29.68
C ASP D 283 47.71 10.91 -29.67
N ALA D 284 47.30 9.66 -29.52
CA ALA D 284 45.90 9.28 -29.56
C ALA D 284 45.11 9.82 -28.35
N GLN D 285 43.94 10.41 -28.63
CA GLN D 285 43.11 10.96 -27.57
C GLN D 285 42.08 9.95 -27.07
N ARG D 286 42.18 8.71 -27.53
CA ARG D 286 41.22 7.69 -27.15
C ARG D 286 41.81 6.30 -27.28
N GLY D 287 41.41 5.40 -26.39
CA GLY D 287 41.93 4.04 -26.39
C GLY D 287 42.05 3.46 -25.00
N ALA D 288 42.67 2.29 -24.91
CA ALA D 288 42.86 1.60 -23.63
C ALA D 288 44.25 1.86 -23.07
N PHE D 289 44.31 2.50 -21.91
CA PHE D 289 45.59 2.78 -21.26
C PHE D 289 45.93 1.71 -20.23
N VAL D 290 47.07 1.06 -20.42
CA VAL D 290 47.48 -0.04 -19.54
C VAL D 290 48.08 0.48 -18.25
N SER D 291 47.31 0.39 -17.17
CA SER D 291 47.79 0.76 -15.84
C SER D 291 48.90 -0.19 -15.42
N GLN D 292 48.66 -1.49 -15.61
CA GLN D 292 49.62 -2.51 -15.21
C GLN D 292 49.24 -3.87 -15.78
N VAL D 293 50.23 -4.74 -15.94
CA VAL D 293 49.99 -6.10 -16.40
C VAL D 293 50.21 -7.10 -15.27
N LEU D 294 49.27 -8.01 -15.08
CA LEU D 294 49.40 -9.02 -14.04
C LEU D 294 50.47 -10.02 -14.43
N PRO D 295 51.26 -10.48 -13.45
CA PRO D 295 52.28 -11.51 -13.67
C PRO D 295 51.66 -12.86 -14.05
N ASN D 296 52.30 -13.59 -14.94
CA ASN D 296 51.80 -14.88 -15.40
C ASN D 296 50.51 -14.77 -16.19
N SER D 297 50.27 -13.60 -16.79
CA SER D 297 49.09 -13.40 -17.62
C SER D 297 49.48 -13.44 -19.09
N SER D 298 48.53 -13.83 -19.93
CA SER D 298 48.77 -13.90 -21.37
C SER D 298 49.44 -12.62 -21.88
N ALA D 299 48.93 -11.48 -21.44
CA ALA D 299 49.47 -10.18 -21.84
C ALA D 299 50.95 -10.06 -21.47
N ALA D 300 51.27 -10.40 -20.23
CA ALA D 300 52.65 -10.37 -19.76
C ALA D 300 53.53 -11.23 -20.67
N LYS D 301 53.11 -12.47 -20.91
CA LYS D 301 53.84 -13.39 -21.76
C LYS D 301 54.00 -12.83 -23.18
N ALA D 302 53.04 -12.00 -23.58
CA ALA D 302 53.03 -11.44 -24.94
C ALA D 302 54.03 -10.29 -25.09
N GLY D 303 54.36 -9.66 -23.98
CA GLY D 303 55.31 -8.55 -24.00
C GLY D 303 54.65 -7.20 -23.85
N ILE D 304 53.45 -7.19 -23.26
CA ILE D 304 52.73 -5.94 -22.99
C ILE D 304 53.21 -5.31 -21.69
N LYS D 305 53.64 -4.06 -21.76
CA LYS D 305 54.12 -3.36 -20.58
C LYS D 305 53.15 -2.25 -20.19
N ALA D 306 53.16 -1.87 -18.91
CA ALA D 306 52.35 -0.76 -18.43
C ALA D 306 52.71 0.53 -19.15
N GLY D 307 51.79 1.48 -19.17
CA GLY D 307 52.01 2.74 -19.85
C GLY D 307 51.76 2.63 -21.34
N ASP D 308 51.38 1.43 -21.78
CA ASP D 308 51.06 1.18 -23.18
C ASP D 308 49.62 1.59 -23.48
N VAL D 309 49.39 1.99 -24.72
CA VAL D 309 48.05 2.34 -25.16
C VAL D 309 47.60 1.42 -26.28
N ILE D 310 46.53 0.69 -26.04
CA ILE D 310 45.98 -0.19 -27.06
C ILE D 310 45.08 0.59 -28.01
N THR D 311 45.32 0.45 -29.31
CA THR D 311 44.62 1.23 -30.31
C THR D 311 43.73 0.38 -31.21
N SER D 312 44.08 -0.91 -31.34
CA SER D 312 43.32 -1.79 -32.23
C SER D 312 43.22 -3.22 -31.70
N LEU D 313 42.21 -3.93 -32.19
CA LEU D 313 42.01 -5.33 -31.84
C LEU D 313 41.67 -6.13 -33.09
N ASN D 314 42.57 -7.02 -33.48
CA ASN D 314 42.40 -7.80 -34.70
C ASN D 314 42.26 -6.92 -35.93
N GLY D 315 42.91 -5.77 -35.90
CA GLY D 315 42.85 -4.82 -36.99
C GLY D 315 41.83 -3.72 -36.76
N LYS D 316 40.71 -4.08 -36.16
CA LYS D 316 39.65 -3.10 -35.90
C LYS D 316 40.04 -2.12 -34.81
N PRO D 317 39.98 -0.82 -35.13
CA PRO D 317 40.29 0.25 -34.16
C PRO D 317 39.44 0.14 -32.91
N ILE D 318 39.94 0.69 -31.82
CA ILE D 318 39.28 0.60 -30.53
C ILE D 318 38.67 1.93 -30.13
N SER D 319 37.39 1.92 -29.79
CA SER D 319 36.70 3.14 -29.40
C SER D 319 37.10 3.57 -28.00
N SER D 320 37.20 2.61 -27.10
CA SER D 320 37.51 2.89 -25.71
C SER D 320 37.93 1.63 -24.96
N PHE D 321 38.45 1.81 -23.74
CA PHE D 321 38.81 0.70 -22.88
C PHE D 321 37.57 -0.14 -22.59
N ALA D 322 36.46 0.53 -22.31
CA ALA D 322 35.21 -0.15 -21.98
C ALA D 322 34.75 -1.03 -23.14
N ALA D 323 35.01 -0.57 -24.35
CA ALA D 323 34.66 -1.34 -25.55
C ALA D 323 35.52 -2.58 -25.64
N LEU D 324 36.84 -2.39 -25.55
CA LEU D 324 37.80 -3.49 -25.59
C LEU D 324 37.45 -4.53 -24.53
N ARG D 325 37.10 -4.06 -23.35
CA ARG D 325 36.72 -4.96 -22.26
C ARG D 325 35.56 -5.83 -22.71
N ALA D 326 34.59 -5.22 -23.38
CA ALA D 326 33.39 -5.91 -23.85
C ALA D 326 33.71 -6.88 -24.99
N GLN D 327 34.63 -6.48 -25.86
CA GLN D 327 35.05 -7.31 -26.98
C GLN D 327 35.57 -8.65 -26.49
N VAL D 328 36.69 -8.62 -25.79
CA VAL D 328 37.34 -9.82 -25.30
C VAL D 328 36.49 -10.53 -24.26
N GLY D 329 35.63 -9.77 -23.59
CA GLY D 329 34.76 -10.33 -22.57
C GLY D 329 33.77 -11.35 -23.11
N THR D 330 33.61 -11.37 -24.43
CA THR D 330 32.66 -12.29 -25.07
C THR D 330 33.38 -13.43 -25.76
N MET D 331 34.67 -13.27 -26.01
CA MET D 331 35.46 -14.30 -26.69
C MET D 331 35.75 -15.47 -25.78
N PRO D 332 35.74 -16.70 -26.33
CA PRO D 332 35.99 -17.94 -25.58
C PRO D 332 37.45 -18.06 -25.16
N VAL D 333 37.70 -18.80 -24.08
CA VAL D 333 39.07 -19.01 -23.60
C VAL D 333 39.92 -19.63 -24.70
N GLY D 334 41.18 -19.22 -24.78
CA GLY D 334 42.10 -19.77 -25.75
C GLY D 334 42.00 -19.14 -27.12
N SER D 335 41.09 -18.18 -27.28
CA SER D 335 40.96 -17.46 -28.54
C SER D 335 42.25 -16.71 -28.87
N LYS D 336 42.79 -16.98 -30.05
CA LYS D 336 44.00 -16.30 -30.50
C LYS D 336 43.63 -14.97 -31.16
N LEU D 337 44.17 -13.89 -30.62
CA LEU D 337 43.87 -12.55 -31.13
C LEU D 337 45.15 -11.72 -31.23
N THR D 338 45.04 -10.55 -31.86
CA THR D 338 46.19 -9.66 -32.01
C THR D 338 45.83 -8.23 -31.62
N LEU D 339 46.74 -7.56 -30.93
CA LEU D 339 46.50 -6.20 -30.45
C LEU D 339 47.45 -5.18 -31.07
N GLY D 340 46.94 -3.98 -31.29
CA GLY D 340 47.76 -2.87 -31.76
C GLY D 340 48.06 -1.93 -30.61
N LEU D 341 49.33 -1.85 -30.25
CA LEU D 341 49.74 -1.04 -29.11
C LEU D 341 50.48 0.22 -29.53
N LEU D 342 50.62 1.15 -28.59
CA LEU D 342 51.35 2.38 -28.82
C LEU D 342 52.17 2.73 -27.59
N ARG D 343 53.48 2.49 -27.68
CA ARG D 343 54.40 2.82 -26.59
C ARG D 343 55.52 3.71 -27.10
N ASP D 344 55.68 4.88 -26.48
CA ASP D 344 56.70 5.83 -26.89
C ASP D 344 56.55 6.25 -28.35
N GLY D 345 55.30 6.51 -28.75
CA GLY D 345 55.02 6.96 -30.10
C GLY D 345 55.40 5.96 -31.17
N LYS D 346 55.51 4.69 -30.79
CA LYS D 346 55.86 3.64 -31.73
C LYS D 346 54.77 2.57 -31.81
N GLN D 347 54.39 2.23 -33.05
CA GLN D 347 53.37 1.23 -33.27
C GLN D 347 53.88 -0.18 -33.03
N VAL D 348 53.15 -0.95 -32.23
CA VAL D 348 53.54 -2.31 -31.89
C VAL D 348 52.39 -3.28 -32.19
N ASN D 349 52.74 -4.50 -32.56
CA ASN D 349 51.76 -5.54 -32.77
C ASN D 349 52.11 -6.78 -31.94
N VAL D 350 51.10 -7.39 -31.35
CA VAL D 350 51.33 -8.54 -30.47
C VAL D 350 50.30 -9.65 -30.67
N ASN D 351 50.74 -10.89 -30.52
CA ASN D 351 49.84 -12.04 -30.60
C ASN D 351 49.51 -12.56 -29.21
N LEU D 352 48.21 -12.69 -28.94
CA LEU D 352 47.75 -13.09 -27.62
C LEU D 352 46.83 -14.31 -27.66
N GLU D 353 46.58 -14.88 -26.49
CA GLU D 353 45.69 -16.03 -26.36
C GLU D 353 45.02 -15.98 -24.98
N LEU D 354 43.69 -15.92 -24.97
CA LEU D 354 42.93 -15.78 -23.73
C LEU D 354 43.21 -16.93 -22.76
N GLN D 355 43.23 -16.60 -21.47
CA GLN D 355 43.51 -17.59 -20.43
C GLN D 355 42.41 -17.63 -19.39
N GLN D 356 42.48 -18.61 -18.49
CA GLN D 356 41.46 -18.79 -17.47
C GLN D 356 41.50 -17.71 -16.40
N SER D 357 40.34 -17.44 -15.81
CA SER D 357 40.20 -16.46 -14.75
C SER D 357 38.87 -16.61 -14.01
N VAL D 362 37.75 -16.63 -4.65
CA VAL D 362 36.43 -16.41 -5.22
C VAL D 362 35.44 -15.98 -4.13
N ASP D 363 34.44 -15.19 -4.53
CA ASP D 363 33.46 -14.67 -3.57
C ASP D 363 32.49 -15.74 -3.07
N SER D 364 31.86 -15.45 -1.94
CA SER D 364 30.91 -16.37 -1.32
C SER D 364 29.53 -16.27 -1.94
N SER D 365 29.25 -15.16 -2.60
CA SER D 365 27.99 -14.97 -3.30
C SER D 365 27.87 -15.91 -4.49
N SER D 366 29.01 -16.44 -4.93
CA SER D 366 29.07 -17.35 -6.06
C SER D 366 28.63 -18.76 -5.68
N ILE D 367 28.60 -19.04 -4.39
CA ILE D 367 28.28 -20.38 -3.90
C ILE D 367 26.99 -20.42 -3.08
N PHE D 368 26.68 -19.33 -2.40
CA PHE D 368 25.47 -19.25 -1.58
C PHE D 368 24.36 -18.46 -2.25
N ASN D 369 24.66 -17.90 -3.42
CA ASN D 369 23.69 -17.12 -4.16
C ASN D 369 22.98 -16.06 -3.31
N GLY D 370 23.74 -15.09 -2.82
CA GLY D 370 23.18 -14.01 -2.04
C GLY D 370 23.95 -13.67 -0.78
N ILE D 371 25.06 -14.37 -0.55
CA ILE D 371 25.88 -14.10 0.64
C ILE D 371 27.22 -13.49 0.24
N GLU D 372 27.31 -12.16 0.31
CA GLU D 372 28.50 -11.44 -0.10
C GLU D 372 29.38 -11.04 1.09
N GLY D 373 30.60 -10.60 0.79
CA GLY D 373 31.51 -10.12 1.82
C GLY D 373 32.38 -11.20 2.42
N ALA D 374 32.75 -12.20 1.61
CA ALA D 374 33.61 -13.27 2.09
C ALA D 374 34.18 -14.08 0.93
N GLU D 375 35.49 -13.96 0.73
CA GLU D 375 36.17 -14.72 -0.30
C GLU D 375 36.71 -16.03 0.25
N MET D 376 36.67 -17.09 -0.55
CA MET D 376 37.10 -18.41 -0.11
C MET D 376 37.51 -19.29 -1.28
N SER D 377 38.39 -20.25 -1.02
CA SER D 377 38.86 -21.16 -2.05
C SER D 377 39.20 -22.50 -1.43
N ASN D 378 39.62 -23.45 -2.27
CA ASN D 378 40.07 -24.75 -1.79
C ASN D 378 41.33 -24.61 -0.94
N LYS D 379 41.57 -25.57 -0.07
CA LYS D 379 42.76 -25.56 0.79
C LYS D 379 43.64 -26.76 0.47
N GLY D 380 44.89 -26.48 0.09
CA GLY D 380 45.82 -27.53 -0.26
C GLY D 380 45.24 -28.57 -1.19
N LYS D 381 45.23 -29.83 -0.74
CA LYS D 381 44.66 -30.91 -1.53
C LYS D 381 43.53 -31.60 -0.77
N ASP D 382 42.29 -31.23 -1.10
CA ASP D 382 41.12 -31.81 -0.46
C ASP D 382 41.19 -31.70 1.06
N GLN D 383 41.51 -30.51 1.55
CA GLN D 383 41.58 -30.26 2.98
C GLN D 383 40.45 -29.34 3.45
N GLY D 384 39.46 -29.15 2.58
CA GLY D 384 38.31 -28.32 2.89
C GLY D 384 38.32 -27.00 2.15
N VAL D 385 37.35 -26.15 2.47
CA VAL D 385 37.25 -24.83 1.84
C VAL D 385 37.62 -23.74 2.83
N VAL D 386 38.83 -23.21 2.69
CA VAL D 386 39.31 -22.15 3.57
C VAL D 386 38.83 -20.78 3.12
N VAL D 387 38.48 -19.94 4.10
CA VAL D 387 38.03 -18.58 3.82
C VAL D 387 39.22 -17.63 3.79
N ASN D 388 39.44 -17.00 2.63
CA ASN D 388 40.60 -16.13 2.43
C ASN D 388 40.47 -14.79 3.15
N ASN D 389 39.38 -14.07 2.88
CA ASN D 389 39.18 -12.75 3.46
C ASN D 389 37.70 -12.44 3.70
N VAL D 390 37.43 -11.65 4.74
CA VAL D 390 36.06 -11.29 5.07
C VAL D 390 35.91 -9.77 5.21
N LYS D 391 34.83 -9.24 4.64
CA LYS D 391 34.53 -7.81 4.73
C LYS D 391 33.53 -7.56 5.87
N THR D 392 33.68 -6.41 6.52
CA THR D 392 32.82 -6.05 7.65
C THR D 392 31.48 -5.52 7.15
N GLY D 393 30.42 -5.75 7.92
CA GLY D 393 29.10 -5.27 7.58
C GLY D 393 28.54 -5.94 6.33
N THR D 394 28.73 -7.26 6.25
CA THR D 394 28.26 -8.02 5.09
C THR D 394 27.43 -9.23 5.54
N PRO D 395 26.55 -9.74 4.65
CA PRO D 395 25.67 -10.87 4.96
C PRO D 395 26.42 -12.08 5.49
N ALA D 396 27.66 -12.27 5.05
CA ALA D 396 28.47 -13.41 5.48
C ALA D 396 28.87 -13.31 6.94
N ALA D 397 29.45 -12.18 7.32
CA ALA D 397 29.91 -11.96 8.69
C ALA D 397 28.74 -11.87 9.67
N GLN D 398 27.53 -11.70 9.14
CA GLN D 398 26.34 -11.59 9.95
C GLN D 398 25.95 -12.93 10.58
N ILE D 399 26.48 -14.02 10.03
CA ILE D 399 26.21 -15.35 10.55
C ILE D 399 27.40 -15.87 11.36
N GLY D 400 28.47 -15.09 11.40
CA GLY D 400 29.63 -15.45 12.18
C GLY D 400 30.92 -15.57 11.38
N LEU D 401 30.80 -16.05 10.14
CA LEU D 401 31.95 -16.30 9.29
C LEU D 401 33.11 -15.31 9.47
N LYS D 402 34.30 -15.86 9.67
CA LYS D 402 35.51 -15.05 9.80
C LYS D 402 36.65 -15.64 8.96
N LYS D 403 37.54 -14.79 8.47
CA LYS D 403 38.65 -15.25 7.64
C LYS D 403 39.57 -16.18 8.43
N GLY D 404 40.02 -17.25 7.76
CA GLY D 404 40.88 -18.23 8.40
C GLY D 404 40.15 -19.53 8.70
N ASP D 405 38.83 -19.49 8.65
CA ASP D 405 38.03 -20.69 8.90
C ASP D 405 38.23 -21.69 7.78
N VAL D 406 38.08 -22.98 8.11
CA VAL D 406 38.24 -24.05 7.14
C VAL D 406 37.06 -25.01 7.21
N ILE D 407 36.20 -24.97 6.20
CA ILE D 407 35.00 -25.81 6.19
C ILE D 407 35.32 -27.29 6.01
N ILE D 408 35.16 -28.07 7.07
CA ILE D 408 35.42 -29.51 7.04
C ILE D 408 34.25 -30.27 6.42
N GLY D 409 33.03 -29.83 6.73
CA GLY D 409 31.84 -30.48 6.22
C GLY D 409 30.56 -29.67 6.44
N ALA D 410 29.46 -30.16 5.89
CA ALA D 410 28.17 -29.51 6.02
C ALA D 410 27.04 -30.52 6.05
N ASN D 411 26.15 -30.38 7.04
CA ASN D 411 25.03 -31.30 7.21
C ASN D 411 25.44 -32.77 7.26
N GLN D 412 26.50 -33.04 8.03
CA GLN D 412 26.98 -34.41 8.23
C GLN D 412 27.63 -35.03 6.99
N GLN D 413 27.85 -34.21 5.98
CA GLN D 413 28.55 -34.66 4.77
C GLN D 413 29.94 -34.03 4.72
N ALA D 414 30.95 -34.86 4.48
CA ALA D 414 32.32 -34.37 4.43
C ALA D 414 32.54 -33.43 3.25
N VAL D 415 33.31 -32.36 3.49
CA VAL D 415 33.63 -31.39 2.44
C VAL D 415 35.14 -31.29 2.25
N LYS D 416 35.61 -31.69 1.06
CA LYS D 416 37.03 -31.64 0.75
C LYS D 416 37.35 -30.43 -0.12
N ASN D 417 36.44 -30.09 -1.03
CA ASN D 417 36.62 -28.96 -1.92
C ASN D 417 35.30 -28.24 -2.19
N ILE D 418 35.34 -27.24 -3.06
CA ILE D 418 34.16 -26.44 -3.37
C ILE D 418 33.09 -27.23 -4.11
N ALA D 419 33.52 -28.26 -4.83
CA ALA D 419 32.59 -29.10 -5.58
C ALA D 419 31.68 -29.88 -4.63
N GLU D 420 32.27 -30.47 -3.60
CA GLU D 420 31.50 -31.24 -2.62
C GLU D 420 30.54 -30.35 -1.84
N LEU D 421 31.00 -29.15 -1.50
CA LEU D 421 30.18 -28.17 -0.80
C LEU D 421 28.97 -27.79 -1.64
N ARG D 422 29.23 -27.51 -2.92
CA ARG D 422 28.17 -27.13 -3.85
C ARG D 422 27.17 -28.26 -4.04
N LYS D 423 27.62 -29.50 -3.82
CA LYS D 423 26.76 -30.68 -3.96
C LYS D 423 25.78 -30.84 -2.82
N VAL D 424 26.13 -30.26 -1.68
CA VAL D 424 25.24 -30.24 -0.53
C VAL D 424 24.19 -29.16 -0.73
N LEU D 425 24.59 -28.05 -1.35
CA LEU D 425 23.68 -26.94 -1.61
C LEU D 425 22.70 -27.26 -2.74
N ASP D 426 23.10 -28.17 -3.62
CA ASP D 426 22.23 -28.62 -4.71
C ASP D 426 21.03 -29.37 -4.13
N SER D 427 21.24 -30.00 -2.97
CA SER D 427 20.16 -30.67 -2.26
C SER D 427 19.15 -29.66 -1.75
N LYS D 428 19.62 -28.42 -1.58
CA LYS D 428 18.78 -27.32 -1.09
C LYS D 428 18.05 -27.66 0.21
N PRO D 429 18.80 -27.80 1.30
CA PRO D 429 18.21 -28.05 2.63
C PRO D 429 17.69 -26.75 3.25
N SER D 430 16.66 -26.86 4.07
CA SER D 430 16.06 -25.70 4.71
C SER D 430 17.07 -24.96 5.58
N VAL D 431 17.85 -25.74 6.34
CA VAL D 431 18.88 -25.18 7.21
C VAL D 431 20.26 -25.76 6.88
N LEU D 432 21.25 -24.89 6.77
CA LEU D 432 22.61 -25.32 6.47
C LEU D 432 23.48 -25.27 7.72
N ALA D 433 24.17 -26.36 7.99
CA ALA D 433 25.03 -26.46 9.17
C ALA D 433 26.48 -26.73 8.78
N LEU D 434 27.30 -25.68 8.79
CA LEU D 434 28.70 -25.79 8.40
C LEU D 434 29.58 -26.22 9.57
N ASN D 435 30.37 -27.26 9.34
CA ASN D 435 31.33 -27.72 10.34
C ASN D 435 32.73 -27.17 10.08
N ILE D 436 32.91 -25.88 10.37
CA ILE D 436 34.20 -25.23 10.16
C ILE D 436 35.11 -25.39 11.37
N GLN D 437 36.34 -24.90 11.26
CA GLN D 437 37.29 -24.98 12.36
C GLN D 437 38.16 -23.73 12.46
N ARG D 438 38.00 -23.01 13.56
CA ARG D 438 38.82 -21.83 13.84
C ARG D 438 39.96 -22.21 14.78
N GLY D 439 41.18 -22.06 14.28
CA GLY D 439 42.34 -22.47 15.03
C GLY D 439 42.24 -23.92 15.42
N ASP D 440 42.32 -24.16 16.72
CA ASP D 440 42.41 -25.50 17.28
C ASP D 440 41.02 -26.06 17.57
N SER D 441 40.00 -25.22 17.40
CA SER D 441 38.64 -25.59 17.79
C SER D 441 37.74 -25.93 16.62
N THR D 442 36.77 -26.80 16.87
CA THR D 442 35.75 -27.13 15.88
C THR D 442 34.41 -26.53 16.26
N ILE D 443 33.81 -25.79 15.34
CA ILE D 443 32.54 -25.13 15.60
C ILE D 443 31.53 -25.39 14.47
N TYR D 444 30.33 -24.84 14.62
CA TYR D 444 29.29 -24.95 13.61
C TYR D 444 28.69 -23.59 13.30
N LEU D 445 28.28 -23.41 12.05
CA LEU D 445 27.57 -22.20 11.64
C LEU D 445 26.25 -22.60 10.99
N LEU D 446 25.17 -22.00 11.47
CA LEU D 446 23.84 -22.34 10.98
C LEU D 446 23.28 -21.25 10.07
N MET D 447 22.54 -21.68 9.04
CA MET D 447 21.97 -20.77 8.06
C MET D 447 20.49 -21.06 7.83
N GLN D 448 19.68 -20.00 7.81
CA GLN D 448 18.23 -20.11 7.59
C GLN D 448 17.52 -20.72 8.80
N GLN E 11 22.78 17.81 -55.79
CA GLN E 11 21.36 17.53 -55.90
C GLN E 11 20.90 16.58 -54.80
N MET E 12 20.03 17.07 -53.91
CA MET E 12 19.59 16.31 -52.76
C MET E 12 18.16 15.79 -52.88
N PRO E 13 17.92 14.55 -52.40
CA PRO E 13 16.59 13.96 -52.30
C PRO E 13 15.73 14.73 -51.31
N SER E 14 14.46 14.95 -51.64
CA SER E 14 13.59 15.71 -50.77
C SER E 14 12.12 15.41 -50.99
N LEU E 15 11.34 15.53 -49.93
CA LEU E 15 9.89 15.35 -50.02
C LEU E 15 9.24 16.65 -50.46
N ALA E 16 9.98 17.74 -50.35
CA ALA E 16 9.48 19.08 -50.67
C ALA E 16 8.66 19.13 -51.97
N PRO E 17 9.21 18.58 -53.06
CA PRO E 17 8.47 18.60 -54.33
C PRO E 17 7.06 18.04 -54.17
N MET E 18 6.97 16.86 -53.56
CA MET E 18 5.68 16.19 -53.38
C MET E 18 4.76 16.96 -52.44
N LEU E 19 5.34 17.54 -51.39
CA LEU E 19 4.55 18.18 -50.35
C LEU E 19 3.89 19.49 -50.78
N GLU E 20 4.60 20.28 -51.59
CA GLU E 20 4.05 21.56 -52.00
C GLU E 20 2.74 21.38 -52.76
N LYS E 21 2.57 20.20 -53.37
CA LYS E 21 1.34 19.89 -54.10
C LYS E 21 0.25 19.36 -53.17
N VAL E 22 0.66 18.60 -52.16
CA VAL E 22 -0.28 17.89 -51.30
C VAL E 22 -0.76 18.69 -50.09
N MET E 23 0.17 19.38 -49.44
CA MET E 23 -0.16 20.27 -48.31
C MET E 23 -1.39 21.19 -48.41
N PRO E 24 -1.62 21.89 -49.55
CA PRO E 24 -2.90 22.62 -49.58
C PRO E 24 -4.11 21.75 -49.32
N SER E 25 -3.97 20.45 -49.54
CA SER E 25 -5.07 19.51 -49.40
C SER E 25 -5.41 19.24 -47.93
N VAL E 26 -4.45 19.45 -47.05
CA VAL E 26 -4.67 19.24 -45.62
C VAL E 26 -5.04 20.53 -44.91
N VAL E 27 -6.18 20.51 -44.22
CA VAL E 27 -6.63 21.69 -43.48
C VAL E 27 -6.59 21.40 -41.99
N SER E 28 -6.75 22.44 -41.19
CA SER E 28 -6.85 22.27 -39.75
C SER E 28 -8.20 22.77 -39.24
N ILE E 29 -8.77 22.03 -38.28
CA ILE E 29 -10.13 22.26 -37.83
C ILE E 29 -10.21 22.80 -36.40
N ASN E 30 -10.90 23.93 -36.23
CA ASN E 30 -11.16 24.49 -34.91
C ASN E 30 -12.62 24.35 -34.53
N VAL E 31 -12.88 23.89 -33.32
CA VAL E 31 -14.22 23.53 -32.91
C VAL E 31 -14.63 24.11 -31.56
N GLU E 32 -15.86 24.61 -31.49
CA GLU E 32 -16.45 25.05 -30.23
C GLU E 32 -17.74 24.27 -29.98
N GLY E 33 -17.94 23.83 -28.74
CA GLY E 33 -19.11 23.03 -28.42
C GLY E 33 -19.52 23.05 -26.97
N SER E 34 -20.39 22.12 -26.59
CA SER E 34 -20.90 22.03 -25.23
C SER E 34 -21.41 20.63 -24.92
N THR E 35 -21.34 20.24 -23.66
CA THR E 35 -21.79 18.92 -23.23
C THR E 35 -22.25 18.90 -21.77
N GLN E 82 -21.53 23.99 -19.98
CA GLN E 82 -20.22 23.37 -20.06
C GLN E 82 -19.63 23.47 -21.47
N LYS E 83 -19.02 24.61 -21.77
CA LYS E 83 -18.42 24.84 -23.08
C LYS E 83 -17.00 24.30 -23.14
N PHE E 84 -16.63 23.77 -24.30
CA PHE E 84 -15.27 23.27 -24.51
C PHE E 84 -14.71 23.72 -25.85
N MET E 85 -13.39 23.64 -26.00
CA MET E 85 -12.74 23.97 -27.26
C MET E 85 -11.74 22.89 -27.66
N ALA E 86 -11.81 22.48 -28.91
CA ALA E 86 -10.91 21.45 -29.44
C ALA E 86 -10.38 21.82 -30.81
N LEU E 87 -9.32 21.14 -31.23
CA LEU E 87 -8.76 21.38 -32.56
C LEU E 87 -8.10 20.12 -33.09
N GLY E 88 -8.14 19.95 -34.41
CA GLY E 88 -7.57 18.79 -35.06
C GLY E 88 -7.22 19.08 -36.49
N SER E 89 -7.27 18.04 -37.33
CA SER E 89 -6.95 18.18 -38.75
C SER E 89 -8.02 17.56 -39.63
N GLY E 90 -7.97 17.88 -40.92
CA GLY E 90 -8.90 17.34 -41.90
C GLY E 90 -8.27 17.25 -43.27
N VAL E 91 -8.93 16.51 -44.16
CA VAL E 91 -8.43 16.34 -45.51
C VAL E 91 -9.51 16.65 -46.54
N ILE E 92 -9.20 17.52 -47.49
CA ILE E 92 -10.13 17.86 -48.55
C ILE E 92 -10.32 16.69 -49.52
N ILE E 93 -11.53 16.14 -49.55
CA ILE E 93 -11.83 15.01 -50.42
C ILE E 93 -12.42 15.47 -51.75
N ASP E 94 -13.28 16.48 -51.69
CA ASP E 94 -13.89 17.04 -52.89
C ASP E 94 -13.66 18.55 -52.90
N ALA E 95 -12.68 18.98 -53.69
CA ALA E 95 -12.30 20.40 -53.76
C ALA E 95 -13.49 21.26 -54.16
N ASP E 96 -14.33 20.74 -55.04
CA ASP E 96 -15.46 21.48 -55.57
C ASP E 96 -16.58 21.61 -54.54
N LYS E 97 -17.01 20.47 -53.98
CA LYS E 97 -18.09 20.46 -53.01
C LYS E 97 -17.64 20.94 -51.65
N GLY E 98 -16.32 20.98 -51.44
CA GLY E 98 -15.75 21.41 -50.18
C GLY E 98 -15.91 20.37 -49.09
N TYR E 99 -15.91 19.10 -49.48
CA TYR E 99 -16.02 18.01 -48.53
C TYR E 99 -14.70 17.78 -47.81
N VAL E 100 -14.77 17.68 -46.48
CA VAL E 100 -13.58 17.43 -45.68
C VAL E 100 -13.79 16.31 -44.67
N VAL E 101 -12.98 15.27 -44.78
CA VAL E 101 -13.05 14.14 -43.85
C VAL E 101 -12.21 14.43 -42.62
N THR E 102 -12.56 13.79 -41.51
CA THR E 102 -11.85 13.96 -40.25
C THR E 102 -12.30 12.92 -39.26
N ASN E 103 -11.70 12.92 -38.07
CA ASN E 103 -12.11 12.01 -37.01
C ASN E 103 -13.39 12.47 -36.35
N ASN E 104 -14.29 11.52 -36.10
CA ASN E 104 -15.55 11.83 -35.46
C ASN E 104 -15.37 12.42 -34.06
N HIS E 105 -14.28 12.03 -33.40
CA HIS E 105 -14.02 12.49 -32.04
C HIS E 105 -13.44 13.89 -32.02
N VAL E 106 -13.21 14.46 -33.19
CA VAL E 106 -12.68 15.82 -33.30
C VAL E 106 -13.81 16.82 -33.43
N VAL E 107 -14.89 16.39 -34.07
CA VAL E 107 -16.00 17.27 -34.38
C VAL E 107 -17.27 16.86 -33.62
N ASP E 108 -17.13 15.89 -32.73
CA ASP E 108 -18.26 15.41 -31.93
C ASP E 108 -18.78 16.50 -31.00
N ASN E 109 -20.10 16.57 -30.85
CA ASN E 109 -20.75 17.58 -30.02
C ASN E 109 -20.26 18.99 -30.34
N ALA E 110 -20.25 19.32 -31.63
CA ALA E 110 -19.73 20.61 -32.07
C ALA E 110 -20.86 21.59 -32.44
N THR E 111 -20.80 22.78 -31.85
CA THR E 111 -21.76 23.84 -32.17
C THR E 111 -21.21 24.72 -33.29
N VAL E 112 -19.90 24.97 -33.25
CA VAL E 112 -19.24 25.77 -34.27
C VAL E 112 -18.03 25.06 -34.86
N ILE E 113 -17.98 25.01 -36.20
CA ILE E 113 -16.89 24.37 -36.90
C ILE E 113 -16.25 25.30 -37.93
N LYS E 114 -14.99 25.63 -37.73
CA LYS E 114 -14.27 26.47 -38.68
C LYS E 114 -12.99 25.81 -39.19
N VAL E 115 -12.79 25.88 -40.51
CA VAL E 115 -11.64 25.26 -41.14
C VAL E 115 -10.65 26.32 -41.61
N GLN E 116 -9.36 26.08 -41.38
CA GLN E 116 -8.32 27.00 -41.83
C GLN E 116 -7.39 26.31 -42.82
N LEU E 117 -7.27 26.87 -44.02
CA LEU E 117 -6.43 26.28 -45.06
C LEU E 117 -4.95 26.50 -44.80
N SER E 118 -4.12 25.92 -45.66
CA SER E 118 -2.66 26.05 -45.54
C SER E 118 -2.20 27.48 -45.79
N ASP E 119 -2.93 28.20 -46.64
CA ASP E 119 -2.58 29.57 -46.98
C ASP E 119 -3.11 30.58 -45.97
N GLY E 120 -3.85 30.09 -44.97
CA GLY E 120 -4.34 30.94 -43.89
C GLY E 120 -5.80 31.35 -44.01
N ARG E 121 -6.43 31.01 -45.13
CA ARG E 121 -7.84 31.33 -45.33
C ARG E 121 -8.74 30.58 -44.36
N LYS E 122 -9.73 31.28 -43.80
CA LYS E 122 -10.70 30.65 -42.90
C LYS E 122 -12.05 30.43 -43.58
N PHE E 123 -12.72 29.35 -43.21
CA PHE E 123 -14.05 29.05 -43.71
C PHE E 123 -14.91 28.51 -42.57
N ASP E 124 -16.22 28.53 -42.76
CA ASP E 124 -17.13 27.87 -41.82
C ASP E 124 -17.63 26.57 -42.43
N ALA E 125 -17.72 25.53 -41.61
CA ALA E 125 -18.13 24.22 -42.10
C ALA E 125 -19.31 23.66 -41.32
N LYS E 126 -20.15 22.91 -42.01
CA LYS E 126 -21.30 22.27 -41.39
C LYS E 126 -21.17 20.76 -41.47
N MET E 127 -21.64 20.08 -40.42
CA MET E 127 -21.60 18.63 -40.37
C MET E 127 -22.35 18.03 -41.55
N VAL E 128 -21.82 16.94 -42.09
CA VAL E 128 -22.49 16.22 -43.17
C VAL E 128 -22.86 14.80 -42.75
N GLY E 129 -21.89 14.10 -42.17
CA GLY E 129 -22.10 12.76 -41.67
C GLY E 129 -21.11 12.45 -40.55
N LYS E 130 -21.42 11.44 -39.74
CA LYS E 130 -20.55 11.05 -38.64
C LYS E 130 -20.81 9.60 -38.24
N ASP E 131 -19.73 8.86 -38.00
CA ASP E 131 -19.84 7.45 -37.65
C ASP E 131 -18.91 7.06 -36.50
N PRO E 132 -19.41 7.13 -35.26
CA PRO E 132 -18.63 6.90 -34.04
C PRO E 132 -17.96 5.53 -34.02
N ARG E 133 -18.64 4.53 -34.58
CA ARG E 133 -18.10 3.17 -34.60
C ARG E 133 -16.76 3.09 -35.32
N SER E 134 -16.60 3.89 -36.37
CA SER E 134 -15.36 3.88 -37.15
C SER E 134 -14.57 5.16 -36.95
N ASP E 135 -15.09 6.07 -36.14
CA ASP E 135 -14.41 7.32 -35.82
C ASP E 135 -14.10 8.14 -37.09
N ILE E 136 -15.00 8.08 -38.06
CA ILE E 136 -14.86 8.88 -39.27
C ILE E 136 -16.04 9.82 -39.41
N ALA E 137 -15.75 11.10 -39.59
CA ALA E 137 -16.80 12.10 -39.79
C ALA E 137 -16.53 12.89 -41.06
N LEU E 138 -17.58 13.43 -41.65
CA LEU E 138 -17.45 14.21 -42.86
C LEU E 138 -18.10 15.58 -42.69
N ILE E 139 -17.34 16.64 -42.97
CA ILE E 139 -17.90 17.99 -42.93
C ILE E 139 -17.80 18.64 -44.30
N GLN E 140 -18.50 19.75 -44.46
CA GLN E 140 -18.50 20.45 -45.74
C GLN E 140 -18.23 21.93 -45.56
N ILE E 141 -17.25 22.43 -46.29
CA ILE E 141 -16.89 23.84 -46.24
C ILE E 141 -17.99 24.68 -46.88
N GLN E 142 -18.40 25.73 -46.18
CA GLN E 142 -19.40 26.65 -46.69
C GLN E 142 -18.73 27.68 -47.60
N ASN E 143 -19.32 27.89 -48.77
CA ASN E 143 -18.74 28.77 -49.77
C ASN E 143 -17.33 28.34 -50.17
N PRO E 144 -17.22 27.13 -50.76
CA PRO E 144 -15.93 26.59 -51.19
C PRO E 144 -15.36 27.40 -52.34
N LYS E 145 -14.19 27.97 -52.15
CA LYS E 145 -13.55 28.77 -53.20
C LYS E 145 -12.10 28.38 -53.41
N ASN E 146 -11.79 27.87 -54.59
CA ASN E 146 -10.41 27.60 -54.98
C ASN E 146 -9.72 26.63 -54.02
N LEU E 147 -10.28 25.44 -53.87
CA LEU E 147 -9.72 24.44 -52.97
C LEU E 147 -8.84 23.44 -53.71
N THR E 148 -8.15 22.60 -52.95
CA THR E 148 -7.36 21.52 -53.53
C THR E 148 -7.62 20.19 -52.81
N ALA E 149 -8.09 19.21 -53.57
CA ALA E 149 -8.40 17.90 -53.02
C ALA E 149 -7.21 16.96 -53.16
N ILE E 150 -7.20 15.90 -52.36
CA ILE E 150 -6.13 14.92 -52.40
C ILE E 150 -6.58 13.67 -53.14
N LYS E 151 -5.63 13.04 -53.84
CA LYS E 151 -5.94 11.78 -54.53
C LYS E 151 -5.69 10.62 -53.58
N MET E 152 -6.67 9.73 -53.49
CA MET E 152 -6.57 8.58 -52.59
C MET E 152 -5.92 7.39 -53.27
N ALA E 153 -5.11 6.65 -52.51
CA ALA E 153 -4.50 5.43 -53.02
C ALA E 153 -5.24 4.20 -52.48
N ASP E 154 -4.96 3.03 -53.07
CA ASP E 154 -5.58 1.80 -52.63
C ASP E 154 -4.83 1.18 -51.44
N SER E 155 -5.36 1.40 -50.24
CA SER E 155 -4.68 0.98 -49.01
C SER E 155 -4.38 -0.52 -49.00
N ASP E 156 -5.10 -1.28 -49.82
CA ASP E 156 -4.87 -2.72 -49.92
C ASP E 156 -3.55 -3.04 -50.59
N ALA E 157 -2.84 -2.00 -51.04
CA ALA E 157 -1.54 -2.17 -51.68
C ALA E 157 -0.42 -1.91 -50.70
N LEU E 158 -0.78 -1.39 -49.53
CA LEU E 158 0.20 -1.07 -48.50
C LEU E 158 0.93 -2.32 -48.00
N ARG E 159 2.22 -2.16 -47.76
CA ARG E 159 3.06 -3.23 -47.24
C ARG E 159 3.96 -2.69 -46.13
N VAL E 160 4.07 -3.43 -45.04
CA VAL E 160 4.97 -3.03 -43.96
C VAL E 160 6.35 -2.75 -44.52
N GLY E 161 6.80 -1.51 -44.37
CA GLY E 161 8.09 -1.11 -44.89
C GLY E 161 7.98 0.07 -45.83
N ASP E 162 6.81 0.25 -46.43
CA ASP E 162 6.56 1.41 -47.27
C ASP E 162 6.75 2.68 -46.46
N TYR E 163 7.21 3.75 -47.12
CA TYR E 163 7.44 5.02 -46.43
C TYR E 163 6.17 5.87 -46.33
N THR E 164 5.97 6.48 -45.17
CA THR E 164 4.76 7.27 -44.92
C THR E 164 5.07 8.70 -44.46
N VAL E 165 4.20 9.62 -44.85
CA VAL E 165 4.32 11.02 -44.44
C VAL E 165 3.04 11.50 -43.77
N ALA E 166 3.17 12.03 -42.57
CA ALA E 166 2.03 12.50 -41.79
C ALA E 166 1.91 14.02 -41.85
N ILE E 167 0.69 14.49 -42.03
CA ILE E 167 0.43 15.92 -42.14
C ILE E 167 -0.74 16.32 -41.24
N GLY E 168 -0.52 17.28 -40.36
CA GLY E 168 -1.56 17.69 -39.44
C GLY E 168 -1.24 18.96 -38.67
N ASN E 169 -1.97 19.20 -37.59
CA ASN E 169 -1.81 20.40 -36.79
C ASN E 169 -1.60 20.11 -35.31
N PRO E 170 -0.42 19.58 -34.95
CA PRO E 170 -0.08 19.20 -33.58
C PRO E 170 -0.04 20.42 -32.65
N PHE E 171 -0.82 20.37 -31.58
CA PHE E 171 -0.84 21.45 -30.59
C PHE E 171 -1.18 22.80 -31.22
N GLY E 172 -1.87 22.76 -32.36
CA GLY E 172 -2.27 23.98 -33.03
C GLY E 172 -1.12 24.82 -33.57
N LEU E 173 0.06 24.20 -33.67
CA LEU E 173 1.23 24.90 -34.17
C LEU E 173 1.06 25.36 -35.61
N GLY E 174 0.23 24.64 -36.36
CA GLY E 174 0.08 24.89 -37.78
C GLY E 174 0.43 23.63 -38.55
N GLU E 175 0.16 23.63 -39.85
CA GLU E 175 0.41 22.46 -40.68
C GLU E 175 1.84 21.94 -40.49
N THR E 176 1.96 20.76 -39.88
CA THR E 176 3.26 20.16 -39.59
C THR E 176 3.43 18.82 -40.28
N VAL E 177 4.55 18.64 -40.96
CA VAL E 177 4.82 17.41 -41.69
C VAL E 177 5.89 16.57 -41.01
N THR E 178 5.59 15.28 -40.84
CA THR E 178 6.54 14.32 -40.29
C THR E 178 6.53 13.07 -41.15
N SER E 179 7.60 12.28 -41.08
CA SER E 179 7.69 11.09 -41.91
C SER E 179 7.93 9.84 -41.07
N GLY E 180 7.85 8.68 -41.72
CA GLY E 180 8.07 7.41 -41.07
C GLY E 180 7.83 6.27 -42.03
N ILE E 181 7.55 5.09 -41.49
CA ILE E 181 7.23 3.93 -42.32
C ILE E 181 6.01 3.20 -41.78
N VAL E 182 5.47 2.31 -42.58
CA VAL E 182 4.39 1.43 -42.13
C VAL E 182 4.97 0.41 -41.16
N SER E 183 4.65 0.58 -39.88
CA SER E 183 5.15 -0.32 -38.84
C SER E 183 4.43 -1.66 -38.87
N ALA E 184 3.12 -1.61 -39.07
CA ALA E 184 2.32 -2.83 -39.15
C ALA E 184 0.96 -2.51 -39.77
N LEU E 185 0.22 -3.57 -40.11
CA LEU E 185 -1.09 -3.40 -40.73
C LEU E 185 -2.15 -4.21 -39.99
N GLY E 186 -3.41 -3.81 -40.14
CA GLY E 186 -4.52 -4.55 -39.58
C GLY E 186 -4.56 -4.57 -38.06
N ARG E 187 -3.90 -3.60 -37.45
CA ARG E 187 -3.90 -3.49 -35.99
C ARG E 187 -5.26 -3.08 -35.45
N SER E 188 -5.66 -3.73 -34.35
CA SER E 188 -6.96 -3.47 -33.74
C SER E 188 -6.97 -3.93 -32.29
N GLY E 189 -7.92 -3.42 -31.52
CA GLY E 189 -8.04 -3.81 -30.12
C GLY E 189 -8.09 -2.63 -29.18
N LEU E 190 -7.89 -1.44 -29.72
CA LEU E 190 -7.93 -0.21 -28.92
C LEU E 190 -9.33 -0.02 -28.34
N ASN E 191 -10.34 -0.41 -29.10
CA ASN E 191 -11.72 -0.39 -28.63
C ASN E 191 -12.51 -1.49 -29.33
N ALA E 192 -12.77 -2.58 -28.61
CA ALA E 192 -13.33 -3.79 -29.21
C ALA E 192 -14.69 -3.59 -29.90
N GLU E 193 -15.39 -2.52 -29.56
CA GLU E 193 -16.70 -2.27 -30.16
C GLU E 193 -16.61 -1.49 -31.47
N ASN E 194 -15.45 -0.87 -31.71
CA ASN E 194 -15.23 -0.07 -32.92
C ASN E 194 -14.73 -0.90 -34.10
N TYR E 195 -15.03 -0.44 -35.31
CA TYR E 195 -14.50 -1.06 -36.51
C TYR E 195 -13.09 -0.50 -36.76
N GLU E 196 -12.09 -1.27 -36.40
CA GLU E 196 -10.71 -0.80 -36.52
C GLU E 196 -9.79 -1.76 -37.27
N ASN E 197 -9.22 -1.25 -38.36
CA ASN E 197 -8.28 -2.01 -39.17
C ASN E 197 -7.04 -1.16 -39.39
N PHE E 198 -6.57 -0.55 -38.32
CA PHE E 198 -5.55 0.50 -38.39
C PHE E 198 -4.29 0.17 -39.20
N ILE E 199 -3.66 1.23 -39.69
CA ILE E 199 -2.29 1.15 -40.15
C ILE E 199 -1.46 1.70 -39.00
N GLN E 200 -0.31 1.08 -38.76
CA GLN E 200 0.59 1.55 -37.72
C GLN E 200 1.80 2.20 -38.37
N THR E 201 2.22 3.34 -37.84
CA THR E 201 3.40 4.04 -38.35
C THR E 201 4.21 4.67 -37.22
N ASP E 202 5.52 4.77 -37.45
CA ASP E 202 6.41 5.41 -36.49
C ASP E 202 6.52 6.90 -36.76
N ALA E 203 5.75 7.38 -37.73
CA ALA E 203 5.74 8.80 -38.07
C ALA E 203 5.17 9.62 -36.91
N ALA E 204 5.82 10.75 -36.63
CA ALA E 204 5.47 11.58 -35.48
C ALA E 204 4.02 12.09 -35.50
N ILE E 205 3.24 11.65 -34.53
CA ILE E 205 1.84 12.06 -34.43
C ILE E 205 1.49 12.41 -32.98
N ASN E 206 0.91 13.59 -32.79
CA ASN E 206 0.49 14.03 -31.47
C ASN E 206 -0.88 14.66 -31.48
N ARG E 207 -1.30 15.17 -30.32
CA ARG E 207 -2.58 15.85 -30.20
C ARG E 207 -2.72 16.94 -31.25
N GLY E 208 -3.71 16.79 -32.13
CA GLY E 208 -3.93 17.74 -33.20
C GLY E 208 -3.87 17.07 -34.55
N ASN E 209 -3.03 16.07 -34.67
CA ASN E 209 -2.87 15.33 -35.92
C ASN E 209 -4.13 14.57 -36.33
N ALA E 210 -5.08 14.44 -35.41
CA ALA E 210 -6.29 13.67 -35.65
C ALA E 210 -7.08 14.19 -36.85
N GLY E 211 -7.50 13.29 -37.72
CA GLY E 211 -8.20 13.66 -38.93
C GLY E 211 -7.20 14.00 -40.02
N GLY E 212 -5.94 14.08 -39.63
CA GLY E 212 -4.87 14.42 -40.56
C GLY E 212 -4.72 13.40 -41.65
N ALA E 213 -3.83 13.68 -42.60
CA ALA E 213 -3.59 12.79 -43.72
C ALA E 213 -2.32 11.98 -43.53
N LEU E 214 -2.38 10.72 -43.90
CA LEU E 214 -1.18 9.89 -43.99
C LEU E 214 -1.04 9.48 -45.46
N VAL E 215 0.02 9.95 -46.09
CA VAL E 215 0.21 9.72 -47.52
C VAL E 215 1.51 8.98 -47.82
N ASN E 216 1.60 8.41 -49.02
CA ASN E 216 2.81 7.78 -49.47
C ASN E 216 3.68 8.77 -50.23
N LEU E 217 4.80 8.29 -50.75
CA LEU E 217 5.78 9.18 -51.38
C LEU E 217 5.24 9.89 -52.62
N ASN E 218 4.11 9.41 -53.14
CA ASN E 218 3.48 10.06 -54.30
C ASN E 218 2.41 11.07 -53.91
N GLY E 219 2.28 11.31 -52.61
CA GLY E 219 1.33 12.28 -52.11
C GLY E 219 -0.10 11.79 -52.13
N GLU E 220 -0.28 10.48 -52.17
CA GLU E 220 -1.62 9.89 -52.18
C GLU E 220 -2.02 9.48 -50.77
N LEU E 221 -3.27 9.77 -50.41
CA LEU E 221 -3.78 9.44 -49.09
C LEU E 221 -3.87 7.94 -48.90
N ILE E 222 -3.21 7.42 -47.88
CA ILE E 222 -3.26 6.00 -47.57
C ILE E 222 -4.08 5.75 -46.30
N GLY E 223 -4.21 6.78 -45.47
CA GLY E 223 -4.95 6.65 -44.23
C GLY E 223 -5.22 7.95 -43.51
N ILE E 224 -6.08 7.88 -42.50
CA ILE E 224 -6.38 9.04 -41.67
C ILE E 224 -5.89 8.82 -40.23
N ASN E 225 -4.85 9.55 -39.86
CA ASN E 225 -4.31 9.49 -38.51
C ASN E 225 -5.41 9.66 -37.47
N THR E 226 -5.56 8.68 -36.59
CA THR E 226 -6.65 8.69 -35.63
C THR E 226 -6.22 8.69 -34.16
N ALA E 227 -5.36 7.75 -33.77
CA ALA E 227 -4.90 7.68 -32.38
C ALA E 227 -3.48 7.18 -32.23
N ILE E 228 -2.91 7.41 -31.04
CA ILE E 228 -1.54 7.00 -30.76
C ILE E 228 -1.48 6.22 -29.45
N LEU E 229 -0.40 5.47 -29.27
CA LEU E 229 -0.17 4.73 -28.04
C LEU E 229 0.89 5.46 -27.23
N ALA E 230 0.46 6.24 -26.24
CA ALA E 230 1.37 7.06 -25.47
C ALA E 230 0.99 7.11 -24.00
N PRO E 231 1.89 6.68 -23.12
CA PRO E 231 1.69 6.67 -21.67
C PRO E 231 1.81 8.06 -21.07
N ASP E 232 2.33 9.02 -21.84
CA ASP E 232 2.58 10.37 -21.31
C ASP E 232 1.90 11.46 -22.13
N GLY E 233 1.02 11.08 -23.05
CA GLY E 233 0.34 12.04 -23.91
C GLY E 233 1.26 12.61 -24.98
N GLY E 234 2.41 11.96 -25.17
CA GLY E 234 3.35 12.36 -26.19
C GLY E 234 3.77 11.18 -27.04
N ASN E 235 3.80 11.38 -28.36
CA ASN E 235 4.17 10.32 -29.28
C ASN E 235 5.44 9.58 -28.85
N ILE E 236 5.43 8.27 -29.00
CA ILE E 236 6.61 7.46 -28.72
C ILE E 236 6.92 6.54 -29.89
N GLY E 237 6.40 6.89 -31.06
CA GLY E 237 6.68 6.15 -32.27
C GLY E 237 5.60 5.16 -32.66
N ILE E 238 4.46 5.24 -31.98
CA ILE E 238 3.35 4.34 -32.30
C ILE E 238 2.06 5.10 -32.58
N GLY E 239 1.76 5.27 -33.86
CA GLY E 239 0.54 5.94 -34.27
C GLY E 239 -0.33 5.05 -35.13
N PHE E 240 -1.63 5.34 -35.15
CA PHE E 240 -2.58 4.53 -35.90
C PHE E 240 -3.44 5.39 -36.83
N ALA E 241 -3.64 4.91 -38.05
CA ALA E 241 -4.47 5.61 -39.02
C ALA E 241 -5.43 4.68 -39.71
N ILE E 242 -6.62 5.19 -40.03
CA ILE E 242 -7.65 4.42 -40.70
C ILE E 242 -7.36 4.34 -42.20
N PRO E 243 -7.28 3.10 -42.73
CA PRO E 243 -6.97 2.86 -44.14
C PRO E 243 -7.83 3.71 -45.06
N SER E 244 -7.25 4.11 -46.19
CA SER E 244 -7.91 4.99 -47.13
C SER E 244 -9.20 4.37 -47.67
N ASN E 245 -9.14 3.08 -47.98
CA ASN E 245 -10.29 2.37 -48.54
C ASN E 245 -11.53 2.43 -47.65
N MET E 246 -11.31 2.26 -46.34
CA MET E 246 -12.41 2.37 -45.38
C MET E 246 -13.03 3.77 -45.43
N VAL E 247 -12.16 4.77 -45.49
CA VAL E 247 -12.59 6.17 -45.58
C VAL E 247 -13.34 6.43 -46.88
N LYS E 248 -12.80 5.91 -47.98
CA LYS E 248 -13.46 5.98 -49.27
C LYS E 248 -14.90 5.49 -49.14
N ASN E 249 -15.06 4.32 -48.53
CA ASN E 249 -16.39 3.71 -48.37
C ASN E 249 -17.33 4.48 -47.44
N LEU E 250 -16.81 4.88 -46.29
CA LEU E 250 -17.64 5.55 -45.29
C LEU E 250 -18.13 6.90 -45.77
N THR E 251 -17.22 7.71 -46.32
CA THR E 251 -17.55 9.05 -46.74
C THR E 251 -18.56 9.05 -47.87
N SER E 252 -18.30 8.22 -48.88
CA SER E 252 -19.18 8.15 -50.04
C SER E 252 -20.64 7.92 -49.65
N GLN E 253 -20.84 7.20 -48.56
CA GLN E 253 -22.18 6.99 -48.04
C GLN E 253 -22.72 8.27 -47.40
N MET E 254 -21.93 8.86 -46.51
CA MET E 254 -22.32 10.08 -45.81
C MET E 254 -22.70 11.18 -46.80
N VAL E 255 -22.07 11.17 -47.96
CA VAL E 255 -22.34 12.16 -48.99
C VAL E 255 -23.76 12.01 -49.53
N GLU E 256 -24.20 10.77 -49.65
CA GLU E 256 -25.51 10.47 -50.22
C GLU E 256 -26.62 10.34 -49.18
N TYR E 257 -26.32 9.69 -48.06
CA TYR E 257 -27.34 9.34 -47.09
C TYR E 257 -27.29 10.18 -45.82
N GLY E 258 -26.13 10.77 -45.55
CA GLY E 258 -25.95 11.53 -44.33
C GLY E 258 -25.59 10.61 -43.18
N GLN E 259 -25.65 9.31 -43.44
CA GLN E 259 -25.20 8.31 -42.48
C GLN E 259 -24.73 7.08 -43.25
N VAL E 260 -24.33 6.05 -42.52
CA VAL E 260 -23.87 4.82 -43.15
C VAL E 260 -24.86 3.67 -43.01
N LYS E 261 -25.24 3.09 -44.15
CA LYS E 261 -26.11 1.92 -44.16
C LYS E 261 -25.33 0.67 -43.82
N ARG E 262 -25.39 0.27 -42.55
CA ARG E 262 -24.58 -0.84 -42.04
C ARG E 262 -25.17 -2.22 -42.40
N GLY E 263 -24.37 -3.05 -43.07
CA GLY E 263 -24.80 -4.37 -43.48
C GLY E 263 -23.96 -5.49 -42.88
N GLU E 264 -24.29 -6.75 -43.21
CA GLU E 264 -23.63 -7.90 -42.57
C GLU E 264 -23.74 -9.23 -43.34
N LEU E 265 -22.84 -10.15 -43.00
CA LEU E 265 -22.87 -11.51 -43.55
C LEU E 265 -23.78 -12.38 -42.71
N GLY E 266 -23.94 -11.99 -41.45
CA GLY E 266 -24.76 -12.74 -40.51
C GLY E 266 -24.07 -14.00 -40.03
N ILE E 267 -22.87 -13.83 -39.49
CA ILE E 267 -22.12 -14.97 -38.96
C ILE E 267 -21.50 -14.62 -37.59
N MET E 268 -21.48 -15.60 -36.69
CA MET E 268 -20.82 -15.44 -35.41
C MET E 268 -19.46 -16.12 -35.48
N GLY E 269 -18.49 -15.59 -34.75
CA GLY E 269 -17.16 -16.17 -34.78
C GLY E 269 -16.18 -15.51 -33.82
N THR E 270 -14.93 -15.90 -33.90
CA THR E 270 -13.90 -15.35 -33.05
C THR E 270 -12.52 -15.53 -33.67
N GLU E 271 -11.51 -14.97 -33.00
CA GLU E 271 -10.13 -15.02 -33.50
C GLU E 271 -9.59 -16.45 -33.53
N LEU E 272 -8.99 -16.81 -34.65
CA LEU E 272 -8.38 -18.13 -34.80
C LEU E 272 -6.93 -18.13 -34.33
N ASN E 273 -6.71 -18.57 -33.09
CA ASN E 273 -5.36 -18.67 -32.56
C ASN E 273 -4.77 -20.07 -32.73
N SER E 274 -3.49 -20.23 -32.38
CA SER E 274 -2.82 -21.51 -32.55
C SER E 274 -3.51 -22.62 -31.78
N GLU E 275 -3.94 -22.31 -30.55
CA GLU E 275 -4.64 -23.28 -29.72
C GLU E 275 -5.87 -23.82 -30.41
N LEU E 276 -6.75 -22.92 -30.84
CA LEU E 276 -8.01 -23.31 -31.49
C LEU E 276 -7.75 -24.06 -32.77
N ALA E 277 -6.65 -23.74 -33.45
CA ALA E 277 -6.27 -24.44 -34.67
C ALA E 277 -6.01 -25.91 -34.38
N LYS E 278 -5.28 -26.17 -33.30
CA LYS E 278 -4.97 -27.54 -32.90
C LYS E 278 -6.24 -28.34 -32.68
N ALA E 279 -7.18 -27.75 -31.96
CA ALA E 279 -8.44 -28.43 -31.65
C ALA E 279 -9.22 -28.75 -32.91
N MET E 280 -9.27 -27.80 -33.83
CA MET E 280 -10.05 -27.95 -35.05
C MET E 280 -9.27 -28.55 -36.21
N LYS E 281 -8.08 -29.07 -35.91
CA LYS E 281 -7.22 -29.70 -36.91
C LYS E 281 -7.02 -28.80 -38.11
N VAL E 282 -6.87 -27.50 -37.86
CA VAL E 282 -6.70 -26.52 -38.92
C VAL E 282 -5.25 -26.10 -39.06
N ASP E 283 -4.82 -25.84 -40.29
CA ASP E 283 -3.45 -25.43 -40.57
C ASP E 283 -3.18 -23.98 -40.16
N ALA E 284 -3.97 -23.07 -40.71
CA ALA E 284 -3.77 -21.64 -40.48
C ALA E 284 -3.84 -21.26 -39.01
N GLN E 285 -2.84 -20.52 -38.56
CA GLN E 285 -2.80 -20.07 -37.16
C GLN E 285 -3.47 -18.71 -36.97
N ARG E 286 -4.17 -18.25 -38.01
CA ARG E 286 -4.80 -16.94 -37.94
C ARG E 286 -5.92 -16.80 -38.97
N GLY E 287 -6.95 -16.06 -38.61
CA GLY E 287 -8.09 -15.87 -39.49
C GLY E 287 -9.38 -15.77 -38.71
N ALA E 288 -10.50 -15.85 -39.42
CA ALA E 288 -11.82 -15.76 -38.80
C ALA E 288 -12.46 -17.14 -38.68
N PHE E 289 -12.72 -17.54 -37.43
CA PHE E 289 -13.37 -18.83 -37.17
C PHE E 289 -14.88 -18.66 -37.05
N VAL E 290 -15.62 -19.39 -37.87
CA VAL E 290 -17.07 -19.30 -37.90
C VAL E 290 -17.70 -20.12 -36.79
N SER E 291 -18.21 -19.44 -35.77
CA SER E 291 -18.88 -20.11 -34.66
C SER E 291 -20.22 -20.68 -35.11
N GLN E 292 -20.95 -19.90 -35.90
CA GLN E 292 -22.26 -20.29 -36.37
C GLN E 292 -22.76 -19.29 -37.41
N VAL E 293 -23.64 -19.75 -38.31
CA VAL E 293 -24.24 -18.86 -39.29
C VAL E 293 -25.72 -18.68 -38.98
N LEU E 294 -26.18 -17.43 -39.06
CA LEU E 294 -27.58 -17.12 -38.81
C LEU E 294 -28.43 -17.59 -39.98
N PRO E 295 -29.62 -18.14 -39.68
CA PRO E 295 -30.56 -18.58 -40.72
C PRO E 295 -31.04 -17.38 -41.53
N ASN E 296 -31.26 -17.59 -42.83
CA ASN E 296 -31.74 -16.54 -43.71
C ASN E 296 -30.75 -15.39 -43.87
N SER E 297 -29.46 -15.69 -43.66
CA SER E 297 -28.41 -14.69 -43.85
C SER E 297 -27.68 -14.95 -45.17
N SER E 298 -27.12 -13.91 -45.74
CA SER E 298 -26.39 -14.03 -46.99
C SER E 298 -25.39 -15.19 -46.93
N ALA E 299 -24.66 -15.27 -45.82
CA ALA E 299 -23.66 -16.31 -45.65
C ALA E 299 -24.29 -17.70 -45.75
N ALA E 300 -25.41 -17.89 -45.06
CA ALA E 300 -26.13 -19.15 -45.11
C ALA E 300 -26.52 -19.50 -46.54
N LYS E 301 -27.10 -18.53 -47.25
CA LYS E 301 -27.51 -18.71 -48.63
C LYS E 301 -26.31 -19.02 -49.51
N ALA E 302 -25.13 -18.58 -49.08
CA ALA E 302 -23.92 -18.77 -49.85
C ALA E 302 -23.36 -20.18 -49.69
N GLY E 303 -23.67 -20.83 -48.57
CA GLY E 303 -23.19 -22.17 -48.30
C GLY E 303 -22.10 -22.23 -47.25
N ILE E 304 -22.03 -21.19 -46.40
CA ILE E 304 -21.05 -21.16 -45.33
C ILE E 304 -21.57 -21.92 -44.12
N LYS E 305 -20.76 -22.87 -43.64
CA LYS E 305 -21.12 -23.67 -42.48
C LYS E 305 -20.22 -23.35 -41.28
N ALA E 306 -20.74 -23.58 -40.08
CA ALA E 306 -19.95 -23.35 -38.87
C ALA E 306 -18.71 -24.25 -38.87
N GLY E 307 -17.71 -23.86 -38.10
CA GLY E 307 -16.46 -24.60 -38.05
C GLY E 307 -15.56 -24.26 -39.22
N ASP E 308 -16.01 -23.34 -40.07
CA ASP E 308 -15.22 -22.89 -41.20
C ASP E 308 -14.25 -21.80 -40.79
N VAL E 309 -13.14 -21.70 -41.51
CA VAL E 309 -12.15 -20.67 -41.26
C VAL E 309 -11.96 -19.78 -42.48
N ILE E 310 -12.28 -18.50 -42.33
CA ILE E 310 -12.13 -17.55 -43.42
C ILE E 310 -10.68 -17.08 -43.49
N THR E 311 -10.10 -17.18 -44.68
CA THR E 311 -8.67 -16.87 -44.86
C THR E 311 -8.43 -15.66 -45.75
N SER E 312 -9.38 -15.33 -46.62
CA SER E 312 -9.21 -14.22 -47.54
C SER E 312 -10.52 -13.50 -47.84
N LEU E 313 -10.40 -12.25 -48.30
CA LEU E 313 -11.56 -11.46 -48.70
C LEU E 313 -11.29 -10.73 -50.01
N ASN E 314 -11.98 -11.15 -51.07
CA ASN E 314 -11.77 -10.59 -52.40
C ASN E 314 -10.33 -10.80 -52.88
N GLY E 315 -9.75 -11.92 -52.47
CA GLY E 315 -8.37 -12.24 -52.79
C GLY E 315 -7.43 -11.85 -51.66
N LYS E 316 -7.72 -10.72 -51.02
CA LYS E 316 -6.89 -10.19 -49.96
C LYS E 316 -6.88 -11.07 -48.71
N PRO E 317 -5.71 -11.60 -48.35
CA PRO E 317 -5.62 -12.41 -47.13
C PRO E 317 -6.16 -11.64 -45.94
N ILE E 318 -6.63 -12.39 -44.93
CA ILE E 318 -7.24 -11.78 -43.76
C ILE E 318 -6.29 -11.88 -42.58
N SER E 319 -6.07 -10.77 -41.89
CA SER E 319 -5.17 -10.76 -40.74
C SER E 319 -5.87 -11.35 -39.53
N SER E 320 -7.13 -10.97 -39.34
CA SER E 320 -7.90 -11.44 -38.19
C SER E 320 -9.39 -11.31 -38.40
N PHE E 321 -10.15 -11.92 -37.49
CA PHE E 321 -11.60 -11.79 -37.50
C PHE E 321 -11.97 -10.32 -37.33
N ALA E 322 -11.28 -9.66 -36.41
CA ALA E 322 -11.52 -8.25 -36.12
C ALA E 322 -11.31 -7.39 -37.36
N ALA E 323 -10.31 -7.73 -38.16
CA ALA E 323 -10.04 -7.00 -39.39
C ALA E 323 -11.17 -7.23 -40.38
N LEU E 324 -11.54 -8.50 -40.57
CA LEU E 324 -12.63 -8.87 -41.46
C LEU E 324 -13.91 -8.14 -41.07
N ARG E 325 -14.14 -8.03 -39.77
CA ARG E 325 -15.30 -7.32 -39.26
C ARG E 325 -15.28 -5.89 -39.76
N ALA E 326 -14.11 -5.27 -39.64
CA ALA E 326 -13.93 -3.88 -40.02
C ALA E 326 -14.03 -3.68 -41.52
N GLN E 327 -13.50 -4.65 -42.28
CA GLN E 327 -13.55 -4.59 -43.73
C GLN E 327 -14.98 -4.46 -44.23
N VAL E 328 -15.78 -5.48 -43.98
CA VAL E 328 -17.16 -5.52 -44.45
C VAL E 328 -18.04 -4.49 -43.75
N GLY E 329 -17.67 -4.14 -42.53
CA GLY E 329 -18.42 -3.17 -41.75
C GLY E 329 -18.45 -1.79 -42.38
N THR E 330 -17.61 -1.59 -43.40
CA THR E 330 -17.55 -0.30 -44.10
C THR E 330 -18.13 -0.40 -45.50
N MET E 331 -18.34 -1.63 -45.97
CA MET E 331 -18.93 -1.84 -47.29
C MET E 331 -20.43 -1.59 -47.27
N PRO E 332 -20.96 -0.97 -48.34
CA PRO E 332 -22.38 -0.63 -48.47
C PRO E 332 -23.25 -1.87 -48.68
N VAL E 333 -24.52 -1.79 -48.32
CA VAL E 333 -25.43 -2.91 -48.48
C VAL E 333 -25.49 -3.33 -49.94
N GLY E 334 -25.54 -4.64 -50.19
CA GLY E 334 -25.66 -5.16 -51.53
C GLY E 334 -24.34 -5.37 -52.23
N SER E 335 -23.25 -5.00 -51.56
CA SER E 335 -21.91 -5.16 -52.13
C SER E 335 -21.61 -6.63 -52.42
N LYS E 336 -21.26 -6.91 -53.67
CA LYS E 336 -20.90 -8.26 -54.08
C LYS E 336 -19.43 -8.54 -53.77
N LEU E 337 -19.19 -9.53 -52.90
CA LEU E 337 -17.84 -9.89 -52.51
C LEU E 337 -17.63 -11.40 -52.54
N THR E 338 -16.37 -11.82 -52.41
CA THR E 338 -16.04 -13.24 -52.41
C THR E 338 -15.11 -13.58 -51.25
N LEU E 339 -15.36 -14.70 -50.60
CA LEU E 339 -14.57 -15.12 -49.45
C LEU E 339 -13.79 -16.41 -49.73
N GLY E 340 -12.62 -16.52 -49.09
CA GLY E 340 -11.83 -17.74 -49.15
C GLY E 340 -11.96 -18.51 -47.85
N LEU E 341 -12.61 -19.66 -47.91
CA LEU E 341 -12.86 -20.46 -46.71
C LEU E 341 -11.95 -21.67 -46.62
N LEU E 342 -11.87 -22.26 -45.43
CA LEU E 342 -11.07 -23.45 -45.20
C LEU E 342 -11.84 -24.40 -44.29
N ARG E 343 -12.45 -25.42 -44.89
CA ARG E 343 -13.17 -26.44 -44.14
C ARG E 343 -12.58 -27.82 -44.39
N ASP E 344 -12.17 -28.49 -43.33
CA ASP E 344 -11.57 -29.82 -43.45
C ASP E 344 -10.34 -29.81 -44.34
N GLY E 345 -9.50 -28.80 -44.15
CA GLY E 345 -8.25 -28.69 -44.90
C GLY E 345 -8.45 -28.49 -46.39
N LYS E 346 -9.65 -28.09 -46.78
CA LYS E 346 -9.97 -27.87 -48.19
C LYS E 346 -10.31 -26.43 -48.49
N GLN E 347 -9.64 -25.87 -49.50
CA GLN E 347 -9.87 -24.50 -49.91
C GLN E 347 -11.23 -24.34 -50.60
N VAL E 348 -12.00 -23.35 -50.16
CA VAL E 348 -13.32 -23.11 -50.72
C VAL E 348 -13.50 -21.64 -51.09
N ASN E 349 -14.18 -21.40 -52.20
CA ASN E 349 -14.52 -20.04 -52.59
C ASN E 349 -16.03 -19.85 -52.66
N VAL E 350 -16.49 -18.68 -52.24
CA VAL E 350 -17.92 -18.41 -52.19
C VAL E 350 -18.24 -16.97 -52.60
N ASN E 351 -19.37 -16.79 -53.28
CA ASN E 351 -19.82 -15.46 -53.67
C ASN E 351 -20.93 -14.96 -52.75
N LEU E 352 -20.73 -13.79 -52.17
CA LEU E 352 -21.67 -13.24 -51.20
C LEU E 352 -22.23 -11.87 -51.61
N GLU E 353 -23.34 -11.50 -50.97
CA GLU E 353 -23.93 -10.17 -51.17
C GLU E 353 -24.43 -9.68 -49.82
N LEU E 354 -23.81 -8.63 -49.31
CA LEU E 354 -24.21 -8.07 -48.02
C LEU E 354 -25.71 -7.82 -47.97
N GLN E 355 -26.28 -7.84 -46.78
CA GLN E 355 -27.71 -7.63 -46.61
C GLN E 355 -27.99 -6.52 -45.60
N GLN E 356 -29.26 -6.41 -45.20
CA GLN E 356 -29.71 -5.35 -44.31
C GLN E 356 -29.79 -5.83 -42.87
N SER E 357 -28.87 -5.37 -42.03
CA SER E 357 -28.90 -5.69 -40.61
C SER E 357 -30.06 -4.99 -39.94
N SER E 358 -30.54 -3.90 -40.56
CA SER E 358 -31.65 -3.11 -40.04
C SER E 358 -31.36 -2.59 -38.65
N GLN E 359 -30.18 -2.00 -38.46
CA GLN E 359 -29.76 -1.45 -37.18
C GLN E 359 -29.58 -2.54 -36.12
N SER E 364 -28.94 9.05 -31.32
CA SER E 364 -29.73 10.26 -31.12
C SER E 364 -28.90 11.53 -31.33
N SER E 365 -27.58 11.41 -31.14
CA SER E 365 -26.69 12.54 -31.33
C SER E 365 -26.64 12.92 -32.80
N SER E 366 -27.17 12.05 -33.65
CA SER E 366 -27.19 12.29 -35.09
C SER E 366 -28.35 13.19 -35.49
N ILE E 367 -29.30 13.37 -34.57
CA ILE E 367 -30.50 14.15 -34.87
C ILE E 367 -30.61 15.39 -33.99
N PHE E 368 -30.11 15.31 -32.76
CA PHE E 368 -30.18 16.43 -31.84
C PHE E 368 -28.86 17.17 -31.70
N ASN E 369 -27.84 16.69 -32.41
CA ASN E 369 -26.52 17.30 -32.39
C ASN E 369 -26.04 17.62 -30.98
N GLY E 370 -25.82 16.58 -30.18
CA GLY E 370 -25.31 16.74 -28.83
C GLY E 370 -25.99 15.90 -27.78
N ILE E 371 -26.99 15.12 -28.19
CA ILE E 371 -27.71 14.26 -27.26
C ILE E 371 -27.43 12.79 -27.52
N GLU E 372 -26.51 12.22 -26.75
CA GLU E 372 -26.10 10.84 -26.94
C GLU E 372 -26.73 9.91 -25.90
N GLY E 373 -26.60 8.61 -26.13
CA GLY E 373 -27.09 7.61 -25.18
C GLY E 373 -28.49 7.13 -25.47
N ALA E 374 -28.87 7.14 -26.73
CA ALA E 374 -30.21 6.71 -27.13
C ALA E 374 -30.30 6.46 -28.63
N GLU E 375 -30.50 5.20 -29.01
CA GLU E 375 -30.65 4.85 -30.41
C GLU E 375 -32.13 4.81 -30.78
N MET E 376 -32.45 5.25 -31.99
CA MET E 376 -33.83 5.29 -32.45
C MET E 376 -33.94 5.19 -33.97
N SER E 377 -35.08 4.71 -34.44
CA SER E 377 -35.32 4.54 -35.88
C SER E 377 -36.81 4.70 -36.19
N ASN E 378 -37.14 4.66 -37.46
CA ASN E 378 -38.54 4.69 -37.89
C ASN E 378 -39.29 3.47 -37.36
N LYS E 379 -40.61 3.58 -37.29
CA LYS E 379 -41.44 2.48 -36.81
C LYS E 379 -42.44 2.06 -37.88
N GLY E 380 -42.46 0.77 -38.20
CA GLY E 380 -43.34 0.25 -39.22
C GLY E 380 -43.38 1.13 -40.46
N LYS E 381 -44.55 1.65 -40.77
CA LYS E 381 -44.72 2.54 -41.92
C LYS E 381 -45.34 3.86 -41.50
N ASP E 382 -44.50 4.88 -41.35
CA ASP E 382 -44.96 6.22 -40.96
C ASP E 382 -45.76 6.16 -39.66
N GLN E 383 -45.24 5.42 -38.67
CA GLN E 383 -45.90 5.29 -37.39
C GLN E 383 -45.14 6.03 -36.30
N GLY E 384 -44.20 6.88 -36.71
CA GLY E 384 -43.41 7.67 -35.79
C GLY E 384 -41.98 7.17 -35.66
N VAL E 385 -41.24 7.78 -34.74
CA VAL E 385 -39.85 7.41 -34.49
C VAL E 385 -39.71 6.69 -33.16
N VAL E 386 -39.61 5.36 -33.21
CA VAL E 386 -39.47 4.56 -32.00
C VAL E 386 -38.05 4.56 -31.49
N VAL E 387 -37.88 4.56 -30.17
CA VAL E 387 -36.57 4.50 -29.55
C VAL E 387 -36.19 3.04 -29.27
N ASN E 388 -35.10 2.60 -29.89
CA ASN E 388 -34.65 1.21 -29.80
C ASN E 388 -34.01 0.88 -28.45
N ASN E 389 -33.00 1.65 -28.07
CA ASN E 389 -32.27 1.40 -26.83
C ASN E 389 -31.74 2.68 -26.17
N VAL E 390 -31.67 2.68 -24.85
CA VAL E 390 -31.18 3.82 -24.09
C VAL E 390 -30.09 3.44 -23.11
N LYS E 391 -29.01 4.21 -23.09
CA LYS E 391 -27.92 3.99 -22.16
C LYS E 391 -28.12 4.84 -20.90
N THR E 392 -27.66 4.33 -19.77
CA THR E 392 -27.80 5.03 -18.50
C THR E 392 -26.71 6.09 -18.33
N GLY E 393 -27.04 7.16 -17.62
CA GLY E 393 -26.09 8.24 -17.37
C GLY E 393 -25.70 8.99 -18.63
N THR E 394 -26.70 9.27 -19.48
CA THR E 394 -26.46 9.95 -20.74
C THR E 394 -27.39 11.15 -20.90
N PRO E 395 -26.97 12.14 -21.71
CA PRO E 395 -27.74 13.37 -21.94
C PRO E 395 -29.19 13.11 -22.33
N ALA E 396 -29.44 11.99 -23.01
CA ALA E 396 -30.79 11.64 -23.46
C ALA E 396 -31.69 11.26 -22.30
N ALA E 397 -31.23 10.30 -21.48
CA ALA E 397 -32.00 9.82 -20.35
C ALA E 397 -32.14 10.89 -19.27
N GLN E 398 -31.38 11.97 -19.40
CA GLN E 398 -31.42 13.08 -18.46
C GLN E 398 -32.68 13.93 -18.63
N ILE E 399 -33.35 13.79 -19.77
CA ILE E 399 -34.58 14.53 -20.02
C ILE E 399 -35.80 13.62 -19.88
N GLY E 400 -35.56 12.33 -19.65
CA GLY E 400 -36.64 11.40 -19.42
C GLY E 400 -36.66 10.23 -20.39
N LEU E 401 -36.23 10.48 -21.62
CA LEU E 401 -36.27 9.46 -22.67
C LEU E 401 -35.95 8.04 -22.20
N LYS E 402 -36.84 7.11 -22.55
CA LYS E 402 -36.67 5.70 -22.21
C LYS E 402 -36.95 4.83 -23.43
N LYS E 403 -36.29 3.70 -23.52
CA LYS E 403 -36.46 2.78 -24.65
C LYS E 403 -37.91 2.29 -24.75
N GLY E 404 -38.42 2.23 -25.97
CA GLY E 404 -39.78 1.78 -26.21
C GLY E 404 -40.72 2.93 -26.53
N ASP E 405 -40.25 4.16 -26.31
CA ASP E 405 -41.06 5.35 -26.59
C ASP E 405 -41.22 5.54 -28.09
N VAL E 406 -42.34 6.14 -28.48
CA VAL E 406 -42.65 6.35 -29.88
C VAL E 406 -43.07 7.80 -30.13
N ILE E 407 -42.17 8.59 -30.72
CA ILE E 407 -42.47 9.99 -30.97
C ILE E 407 -43.57 10.18 -32.00
N ILE E 408 -44.74 10.63 -31.55
CA ILE E 408 -45.87 10.87 -32.44
C ILE E 408 -45.73 12.21 -33.17
N GLY E 409 -45.30 13.23 -32.45
CA GLY E 409 -45.15 14.56 -33.01
C GLY E 409 -44.29 15.46 -32.15
N ALA E 410 -44.03 16.67 -32.64
CA ALA E 410 -43.21 17.63 -31.91
C ALA E 410 -43.61 19.06 -32.22
N ASN E 411 -43.85 19.84 -31.18
CA ASN E 411 -44.29 21.23 -31.33
C ASN E 411 -45.55 21.37 -32.18
N GLN E 412 -46.52 20.50 -31.92
CA GLN E 412 -47.82 20.53 -32.60
C GLN E 412 -47.74 20.13 -34.07
N GLN E 413 -46.59 19.59 -34.48
CA GLN E 413 -46.43 19.09 -35.84
C GLN E 413 -46.32 17.57 -35.83
N ALA E 414 -47.13 16.91 -36.64
CA ALA E 414 -47.16 15.45 -36.70
C ALA E 414 -45.81 14.91 -37.13
N VAL E 415 -45.38 13.80 -36.51
CA VAL E 415 -44.13 13.14 -36.88
C VAL E 415 -44.39 11.69 -37.28
N LYS E 416 -44.10 11.37 -38.53
CA LYS E 416 -44.31 10.03 -39.06
C LYS E 416 -42.98 9.28 -39.16
N ASN E 417 -41.93 10.01 -39.54
CA ASN E 417 -40.59 9.43 -39.68
C ASN E 417 -39.50 10.42 -39.26
N ILE E 418 -38.24 9.99 -39.38
CA ILE E 418 -37.10 10.81 -38.95
C ILE E 418 -36.94 12.07 -39.80
N ALA E 419 -37.37 12.00 -41.06
CA ALA E 419 -37.30 13.16 -41.96
C ALA E 419 -38.21 14.26 -41.45
N GLU E 420 -39.41 13.85 -41.07
CA GLU E 420 -40.43 14.74 -40.55
C GLU E 420 -39.97 15.42 -39.26
N LEU E 421 -39.32 14.64 -38.40
CA LEU E 421 -38.80 15.13 -37.13
C LEU E 421 -37.64 16.12 -37.33
N ARG E 422 -36.71 15.76 -38.19
CA ARG E 422 -35.56 16.60 -38.50
C ARG E 422 -36.04 17.91 -39.13
N LYS E 423 -37.23 17.86 -39.72
CA LYS E 423 -37.82 19.00 -40.40
C LYS E 423 -38.27 20.06 -39.38
N VAL E 424 -38.59 19.59 -38.18
CA VAL E 424 -38.99 20.48 -37.09
C VAL E 424 -37.76 21.11 -36.43
N LEU E 425 -36.69 20.33 -36.35
CA LEU E 425 -35.44 20.79 -35.76
C LEU E 425 -34.74 21.79 -36.66
N ASP E 426 -35.02 21.72 -37.95
CA ASP E 426 -34.48 22.67 -38.92
C ASP E 426 -35.02 24.07 -38.62
N SER E 427 -36.22 24.13 -38.05
CA SER E 427 -36.82 25.39 -37.64
C SER E 427 -36.05 25.98 -36.46
N LYS E 428 -35.34 25.12 -35.75
CA LYS E 428 -34.55 25.53 -34.58
C LYS E 428 -35.36 26.36 -33.58
N PRO E 429 -36.35 25.73 -32.93
CA PRO E 429 -37.14 26.39 -31.89
C PRO E 429 -36.38 26.46 -30.57
N SER E 430 -36.69 27.43 -29.74
CA SER E 430 -36.01 27.59 -28.45
C SER E 430 -36.26 26.40 -27.53
N VAL E 431 -37.51 25.95 -27.47
CA VAL E 431 -37.88 24.78 -26.68
C VAL E 431 -38.55 23.71 -27.52
N LEU E 432 -38.11 22.46 -27.36
CA LEU E 432 -38.67 21.35 -28.12
C LEU E 432 -39.60 20.53 -27.26
N ALA E 433 -40.82 20.32 -27.74
CA ALA E 433 -41.81 19.54 -27.01
C ALA E 433 -42.17 18.26 -27.76
N LEU E 434 -41.64 17.13 -27.30
CA LEU E 434 -41.89 15.86 -27.95
C LEU E 434 -43.15 15.18 -27.44
N ASN E 435 -44.04 14.83 -28.35
CA ASN E 435 -45.27 14.13 -28.00
C ASN E 435 -45.11 12.62 -28.18
N ILE E 436 -44.39 11.99 -27.25
CA ILE E 436 -44.14 10.56 -27.33
C ILE E 436 -45.22 9.78 -26.59
N GLN E 437 -45.20 8.46 -26.72
CA GLN E 437 -46.19 7.61 -26.06
C GLN E 437 -45.56 6.36 -25.45
N ARG E 438 -45.61 6.27 -24.13
CA ARG E 438 -45.15 5.10 -23.41
C ARG E 438 -46.34 4.22 -23.04
N GLY E 439 -46.34 2.99 -23.53
CA GLY E 439 -47.47 2.11 -23.32
C GLY E 439 -48.71 2.73 -23.93
N ASP E 440 -49.84 2.64 -23.24
CA ASP E 440 -51.07 3.20 -23.76
C ASP E 440 -51.23 4.66 -23.33
N SER E 441 -50.18 5.23 -22.75
CA SER E 441 -50.22 6.60 -22.28
C SER E 441 -49.52 7.56 -23.24
N THR E 442 -50.02 8.79 -23.30
CA THR E 442 -49.40 9.85 -24.09
C THR E 442 -48.77 10.90 -23.18
N ILE E 443 -47.50 11.20 -23.40
CA ILE E 443 -46.79 12.17 -22.57
C ILE E 443 -46.04 13.18 -23.42
N TYR E 444 -45.33 14.09 -22.76
CA TYR E 444 -44.50 15.07 -23.44
C TYR E 444 -43.12 15.15 -22.78
N LEU E 445 -42.11 15.46 -23.59
CA LEU E 445 -40.78 15.71 -23.08
C LEU E 445 -40.30 17.06 -23.59
N LEU E 446 -39.83 17.90 -22.68
CA LEU E 446 -39.42 19.25 -23.04
C LEU E 446 -37.90 19.38 -23.07
N MET E 447 -37.40 20.20 -23.99
CA MET E 447 -35.97 20.41 -24.16
C MET E 447 -35.63 21.89 -24.17
N GLN E 448 -34.52 22.24 -23.52
CA GLN E 448 -34.05 23.62 -23.46
C GLN E 448 -35.01 24.50 -22.66
N GLN F 11 25.42 -2.42 -52.62
CA GLN F 11 25.73 -1.03 -52.31
C GLN F 11 24.53 -0.33 -51.68
N MET F 12 24.69 0.08 -50.42
CA MET F 12 23.60 0.68 -49.65
C MET F 12 23.80 2.18 -49.46
N PRO F 13 22.68 2.93 -49.44
CA PRO F 13 22.69 4.38 -49.18
C PRO F 13 23.08 4.63 -47.73
N SER F 14 23.85 5.69 -47.47
CA SER F 14 24.29 5.98 -46.11
C SER F 14 24.72 7.43 -45.90
N LEU F 15 24.46 7.95 -44.70
CA LEU F 15 24.86 9.30 -44.33
C LEU F 15 26.30 9.32 -43.85
N ALA F 16 26.82 8.13 -43.54
CA ALA F 16 28.20 7.99 -43.05
C ALA F 16 29.23 8.78 -43.85
N PRO F 17 29.20 8.68 -45.18
CA PRO F 17 30.17 9.43 -46.00
C PRO F 17 30.17 10.93 -45.67
N MET F 18 28.98 11.51 -45.57
CA MET F 18 28.82 12.93 -45.30
C MET F 18 29.20 13.27 -43.86
N LEU F 19 28.80 12.41 -42.93
CA LEU F 19 28.99 12.68 -41.51
C LEU F 19 30.45 12.67 -41.10
N GLU F 20 31.23 11.71 -41.62
CA GLU F 20 32.63 11.58 -41.22
C GLU F 20 33.39 12.87 -41.49
N LYS F 21 32.89 13.67 -42.42
CA LYS F 21 33.50 14.96 -42.73
C LYS F 21 32.96 16.07 -41.84
N VAL F 22 31.69 15.97 -41.46
CA VAL F 22 31.01 17.05 -40.74
C VAL F 22 31.13 16.93 -39.21
N MET F 23 30.90 15.73 -38.68
CA MET F 23 31.10 15.46 -37.26
C MET F 23 32.29 16.13 -36.52
N PRO F 24 33.51 16.12 -37.10
CA PRO F 24 34.54 16.87 -36.38
C PRO F 24 34.17 18.31 -36.07
N SER F 25 33.32 18.90 -36.92
CA SER F 25 32.93 20.30 -36.78
C SER F 25 31.99 20.54 -35.60
N VAL F 26 31.37 19.47 -35.09
CA VAL F 26 30.47 19.58 -33.95
C VAL F 26 31.18 19.18 -32.65
N VAL F 27 31.14 20.09 -31.67
CA VAL F 27 31.76 19.86 -30.37
C VAL F 27 30.71 19.78 -29.29
N SER F 28 31.12 19.34 -28.11
CA SER F 28 30.24 19.32 -26.95
C SER F 28 30.79 20.23 -25.86
N ILE F 29 29.90 20.99 -25.24
CA ILE F 29 30.31 22.00 -24.27
C ILE F 29 29.96 21.60 -22.84
N ASN F 30 30.95 21.71 -21.95
CA ASN F 30 30.72 21.51 -20.53
C ASN F 30 30.89 22.81 -19.75
N VAL F 31 29.97 23.08 -18.84
CA VAL F 31 29.96 24.37 -18.16
C VAL F 31 29.80 24.25 -16.65
N GLU F 32 30.44 25.17 -15.93
CA GLU F 32 30.29 25.28 -14.49
C GLU F 32 29.89 26.70 -14.10
N GLN F 82 25.62 29.09 -4.73
CA GLN F 82 24.73 28.28 -5.55
C GLN F 82 25.40 27.88 -6.86
N LYS F 83 26.20 26.83 -6.82
CA LYS F 83 26.90 26.34 -8.00
C LYS F 83 26.03 25.37 -8.80
N PHE F 84 26.16 25.42 -10.12
CA PHE F 84 25.41 24.52 -11.01
C PHE F 84 26.32 23.95 -12.10
N MET F 85 25.89 22.85 -12.69
CA MET F 85 26.61 22.26 -13.81
C MET F 85 25.67 21.97 -14.98
N ALA F 86 26.11 22.31 -16.18
CA ALA F 86 25.29 22.12 -17.38
C ALA F 86 26.13 21.63 -18.54
N LEU F 87 25.47 21.09 -19.57
CA LEU F 87 26.15 20.62 -20.76
C LEU F 87 25.24 20.69 -21.99
N GLY F 88 25.86 20.97 -23.14
CA GLY F 88 25.13 21.07 -24.39
C GLY F 88 26.06 20.80 -25.56
N SER F 89 25.83 21.50 -26.67
CA SER F 89 26.68 21.32 -27.84
C SER F 89 27.02 22.65 -28.50
N GLY F 90 27.93 22.60 -29.48
CA GLY F 90 28.35 23.77 -30.21
C GLY F 90 28.85 23.40 -31.60
N VAL F 91 29.06 24.41 -32.43
CA VAL F 91 29.54 24.18 -33.79
C VAL F 91 30.70 25.12 -34.12
N ILE F 92 31.76 24.57 -34.68
CA ILE F 92 32.93 25.36 -35.05
C ILE F 92 32.65 26.20 -36.29
N ILE F 93 32.66 27.50 -36.13
CA ILE F 93 32.40 28.42 -37.23
C ILE F 93 33.67 28.89 -37.92
N ASP F 94 34.75 29.02 -37.14
CA ASP F 94 36.05 29.40 -37.70
C ASP F 94 37.15 28.52 -37.11
N ALA F 95 37.60 27.55 -37.91
CA ALA F 95 38.58 26.58 -37.45
C ALA F 95 39.85 27.24 -36.92
N ASP F 96 40.23 28.36 -37.54
CA ASP F 96 41.47 29.02 -37.20
C ASP F 96 41.37 29.80 -35.89
N LYS F 97 40.36 30.67 -35.80
CA LYS F 97 40.17 31.50 -34.63
C LYS F 97 39.57 30.72 -33.48
N GLY F 98 39.08 29.52 -33.78
CA GLY F 98 38.48 28.66 -32.77
C GLY F 98 37.14 29.19 -32.29
N TYR F 99 36.41 29.85 -33.18
CA TYR F 99 35.08 30.36 -32.86
C TYR F 99 34.07 29.24 -32.83
N VAL F 100 33.27 29.19 -31.78
CA VAL F 100 32.22 28.18 -31.66
C VAL F 100 30.90 28.81 -31.26
N VAL F 101 29.87 28.57 -32.07
CA VAL F 101 28.54 29.09 -31.79
C VAL F 101 27.76 28.09 -30.93
N THR F 102 26.83 28.61 -30.14
CA THR F 102 26.02 27.77 -29.26
C THR F 102 24.82 28.56 -28.73
N ASN F 103 23.96 27.91 -27.97
CA ASN F 103 22.81 28.58 -27.37
C ASN F 103 23.19 29.41 -26.17
N ASN F 104 22.66 30.63 -26.11
CA ASN F 104 22.96 31.52 -24.99
C ASN F 104 22.57 30.90 -23.65
N HIS F 105 21.55 30.05 -23.66
CA HIS F 105 21.06 29.44 -22.43
C HIS F 105 21.89 28.24 -22.01
N VAL F 106 22.92 27.94 -22.78
CA VAL F 106 23.82 26.83 -22.45
C VAL F 106 25.04 27.35 -21.73
N VAL F 107 25.44 28.59 -22.05
CA VAL F 107 26.67 29.15 -21.53
C VAL F 107 26.38 30.39 -20.66
N ASP F 108 25.10 30.62 -20.38
CA ASP F 108 24.70 31.75 -19.56
C ASP F 108 25.15 31.57 -18.11
N ASN F 109 25.66 32.64 -17.51
CA ASN F 109 26.17 32.60 -16.13
C ASN F 109 27.20 31.50 -15.94
N ALA F 110 28.18 31.45 -16.84
CA ALA F 110 29.20 30.42 -16.81
C ALA F 110 30.53 30.97 -16.30
N THR F 111 31.10 30.30 -15.31
CA THR F 111 32.40 30.67 -14.77
C THR F 111 33.50 29.91 -15.52
N VAL F 112 33.21 28.66 -15.84
CA VAL F 112 34.16 27.82 -16.56
C VAL F 112 33.51 27.17 -17.78
N ILE F 113 34.19 27.26 -18.93
CA ILE F 113 33.69 26.69 -20.17
C ILE F 113 34.74 25.82 -20.83
N LYS F 114 34.47 24.53 -20.92
CA LYS F 114 35.39 23.60 -21.58
C LYS F 114 34.72 22.88 -22.75
N VAL F 115 35.44 22.82 -23.86
CA VAL F 115 34.94 22.23 -25.10
C VAL F 115 35.63 20.90 -25.41
N GLN F 116 34.85 19.89 -25.73
CA GLN F 116 35.40 18.59 -26.10
C GLN F 116 35.07 18.22 -27.55
N LEU F 117 36.13 18.03 -28.35
CA LEU F 117 35.98 17.72 -29.76
C LEU F 117 35.50 16.30 -29.97
N SER F 118 35.34 15.92 -31.24
CA SER F 118 34.86 14.60 -31.59
C SER F 118 35.92 13.53 -31.29
N ASP F 119 37.18 13.92 -31.43
CA ASP F 119 38.28 12.99 -31.22
C ASP F 119 38.65 12.83 -29.74
N GLY F 120 37.96 13.55 -28.88
CA GLY F 120 38.17 13.43 -27.44
C GLY F 120 38.98 14.56 -26.84
N ARG F 121 39.61 15.36 -27.70
CA ARG F 121 40.43 16.48 -27.25
C ARG F 121 39.64 17.53 -26.46
N LYS F 122 40.21 17.97 -25.34
CA LYS F 122 39.58 19.03 -24.55
C LYS F 122 40.28 20.36 -24.73
N PHE F 123 39.51 21.44 -24.61
CA PHE F 123 40.04 22.78 -24.65
C PHE F 123 39.30 23.65 -23.64
N ASP F 124 39.85 24.81 -23.33
CA ASP F 124 39.15 25.80 -22.51
C ASP F 124 38.70 26.93 -23.39
N ALA F 125 37.49 27.42 -23.17
CA ALA F 125 36.93 28.46 -24.02
C ALA F 125 36.53 29.67 -23.20
N LYS F 126 36.56 30.83 -23.84
CA LYS F 126 36.14 32.06 -23.20
C LYS F 126 34.97 32.67 -23.96
N MET F 127 34.09 33.36 -23.25
CA MET F 127 32.95 34.02 -23.87
C MET F 127 33.41 35.10 -24.83
N VAL F 128 32.73 35.22 -25.97
CA VAL F 128 33.03 36.26 -26.94
C VAL F 128 31.85 37.22 -27.08
N GLY F 129 30.65 36.64 -27.13
CA GLY F 129 29.43 37.42 -27.25
C GLY F 129 28.23 36.59 -26.87
N LYS F 130 27.11 37.26 -26.57
CA LYS F 130 25.89 36.57 -26.19
C LYS F 130 24.68 37.46 -26.47
N ASP F 131 23.60 36.84 -26.95
CA ASP F 131 22.37 37.57 -27.22
C ASP F 131 21.15 36.78 -26.76
N PRO F 132 20.69 37.06 -25.54
CA PRO F 132 19.56 36.38 -24.91
C PRO F 132 18.28 36.47 -25.74
N ARG F 133 18.07 37.60 -26.40
CA ARG F 133 16.88 37.80 -27.22
C ARG F 133 16.74 36.78 -28.33
N SER F 134 17.87 36.32 -28.86
CA SER F 134 17.87 35.34 -29.96
C SER F 134 18.35 33.97 -29.49
N ASP F 135 18.88 33.93 -28.26
CA ASP F 135 19.38 32.69 -27.67
C ASP F 135 20.62 32.17 -28.39
N ILE F 136 21.41 33.10 -28.93
CA ILE F 136 22.64 32.73 -29.61
C ILE F 136 23.85 33.32 -28.89
N ALA F 137 24.83 32.48 -28.61
CA ALA F 137 26.06 32.92 -27.98
C ALA F 137 27.27 32.40 -28.74
N LEU F 138 28.34 33.18 -28.72
CA LEU F 138 29.58 32.79 -29.39
C LEU F 138 30.73 32.70 -28.39
N ILE F 139 31.43 31.57 -28.41
CA ILE F 139 32.61 31.40 -27.56
C ILE F 139 33.83 31.19 -28.44
N GLN F 140 35.01 31.19 -27.82
CA GLN F 140 36.25 31.03 -28.57
C GLN F 140 37.18 30.05 -27.88
N ILE F 141 37.57 29.01 -28.60
CA ILE F 141 38.49 28.03 -28.06
C ILE F 141 39.86 28.66 -27.83
N GLN F 142 40.42 28.41 -26.64
CA GLN F 142 41.76 28.90 -26.33
C GLN F 142 42.79 27.93 -26.85
N ASN F 143 43.83 28.46 -27.49
CA ASN F 143 44.85 27.64 -28.14
C ASN F 143 44.26 26.67 -29.17
N PRO F 144 43.61 27.22 -30.21
CA PRO F 144 43.00 26.43 -31.27
C PRO F 144 44.05 25.67 -32.06
N LYS F 145 43.94 24.36 -32.09
CA LYS F 145 44.91 23.53 -32.82
C LYS F 145 44.22 22.48 -33.70
N ASN F 146 44.39 22.62 -35.01
CA ASN F 146 43.92 21.61 -35.93
C ASN F 146 42.42 21.36 -35.80
N LEU F 147 41.63 22.41 -36.02
CA LEU F 147 40.18 22.32 -35.92
C LEU F 147 39.52 22.17 -37.28
N THR F 148 38.24 21.82 -37.27
CA THR F 148 37.48 21.69 -38.51
C THR F 148 36.18 22.49 -38.45
N ALA F 149 36.07 23.48 -39.33
CA ALA F 149 34.89 24.33 -39.37
C ALA F 149 33.84 23.77 -40.31
N ILE F 150 32.58 24.13 -40.08
CA ILE F 150 31.49 23.68 -40.92
C ILE F 150 31.11 24.76 -41.91
N LYS F 151 30.63 24.35 -43.08
CA LYS F 151 30.17 25.29 -44.08
C LYS F 151 28.69 25.56 -43.86
N MET F 152 28.32 26.84 -43.87
CA MET F 152 26.93 27.22 -43.68
C MET F 152 26.18 27.32 -45.01
N ALA F 153 24.93 26.87 -45.01
CA ALA F 153 24.09 26.96 -46.20
C ALA F 153 23.08 28.10 -46.01
N ASP F 154 22.50 28.58 -47.10
CA ASP F 154 21.52 29.64 -47.01
C ASP F 154 20.17 29.08 -46.58
N SER F 155 19.81 29.29 -45.33
CA SER F 155 18.57 28.76 -44.78
C SER F 155 17.35 29.22 -45.57
N ASP F 156 17.50 30.32 -46.32
CA ASP F 156 16.40 30.85 -47.11
C ASP F 156 16.03 29.94 -48.28
N ALA F 157 16.79 28.87 -48.46
CA ALA F 157 16.52 27.93 -49.53
C ALA F 157 15.75 26.72 -49.02
N LEU F 158 15.64 26.60 -47.70
CA LEU F 158 14.95 25.48 -47.08
C LEU F 158 13.48 25.41 -47.46
N ARG F 159 12.98 24.19 -47.60
CA ARG F 159 11.59 23.97 -47.95
C ARG F 159 11.08 22.79 -47.12
N VAL F 160 9.86 22.90 -46.61
CA VAL F 160 9.27 21.80 -45.85
C VAL F 160 9.34 20.53 -46.67
N GLY F 161 9.97 19.50 -46.11
CA GLY F 161 10.14 18.25 -46.81
C GLY F 161 11.60 17.89 -46.98
N ASP F 162 12.47 18.89 -46.94
CA ASP F 162 13.91 18.65 -47.03
C ASP F 162 14.37 17.80 -45.87
N TYR F 163 15.34 16.93 -46.13
CA TYR F 163 15.85 16.02 -45.11
C TYR F 163 16.87 16.70 -44.22
N THR F 164 16.76 16.45 -42.90
CA THR F 164 17.68 17.07 -41.95
C THR F 164 18.43 16.04 -41.10
N VAL F 165 19.61 16.42 -40.62
CA VAL F 165 20.38 15.58 -39.73
C VAL F 165 20.87 16.38 -38.53
N ALA F 166 20.55 15.90 -37.34
CA ALA F 166 20.89 16.60 -36.10
C ALA F 166 22.10 15.98 -35.42
N ILE F 167 22.98 16.82 -34.91
CA ILE F 167 24.19 16.37 -34.25
C ILE F 167 24.36 17.12 -32.95
N GLY F 168 24.46 16.39 -31.85
CA GLY F 168 24.57 17.00 -30.53
C GLY F 168 25.04 16.04 -29.46
N ASN F 169 24.89 16.45 -28.21
CA ASN F 169 25.33 15.63 -27.09
C ASN F 169 24.22 15.40 -26.09
N PRO F 170 23.24 14.56 -26.45
CA PRO F 170 22.08 14.29 -25.60
C PRO F 170 22.49 13.62 -24.30
N PHE F 171 22.10 14.20 -23.17
CA PHE F 171 22.37 13.62 -21.86
C PHE F 171 23.86 13.33 -21.66
N GLY F 172 24.71 14.06 -22.37
CA GLY F 172 26.14 13.92 -22.24
C GLY F 172 26.68 12.59 -22.72
N LEU F 173 25.85 11.84 -23.46
CA LEU F 173 26.24 10.53 -23.97
C LEU F 173 27.45 10.61 -24.91
N GLY F 174 27.58 11.73 -25.60
CA GLY F 174 28.62 11.91 -26.60
C GLY F 174 27.98 12.33 -27.92
N GLU F 175 28.81 12.60 -28.92
CA GLU F 175 28.31 13.06 -30.20
C GLU F 175 27.31 12.05 -30.79
N THR F 176 26.05 12.45 -30.82
CA THR F 176 24.98 11.59 -31.31
C THR F 176 24.32 12.18 -32.55
N VAL F 177 24.12 11.35 -33.56
CA VAL F 177 23.51 11.78 -34.81
C VAL F 177 22.12 11.19 -35.01
N THR F 178 21.16 12.06 -35.29
CA THR F 178 19.80 11.65 -35.60
C THR F 178 19.32 12.36 -36.87
N SER F 179 18.29 11.81 -37.51
CA SER F 179 17.82 12.35 -38.78
C SER F 179 16.33 12.69 -38.73
N GLY F 180 15.85 13.33 -39.79
CA GLY F 180 14.46 13.73 -39.89
C GLY F 180 14.22 14.60 -41.10
N ILE F 181 13.16 15.40 -41.05
CA ILE F 181 12.85 16.32 -42.13
C ILE F 181 12.38 17.66 -41.60
N VAL F 182 12.34 18.66 -42.48
CA VAL F 182 11.81 19.96 -42.13
C VAL F 182 10.28 19.86 -42.00
N SER F 183 9.80 19.84 -40.77
CA SER F 183 8.37 19.77 -40.53
C SER F 183 7.69 21.07 -40.95
N ALA F 184 8.28 22.19 -40.55
CA ALA F 184 7.72 23.49 -40.85
C ALA F 184 8.78 24.58 -40.74
N LEU F 185 8.43 25.78 -41.22
CA LEU F 185 9.36 26.89 -41.20
C LEU F 185 8.71 28.14 -40.60
N GLY F 186 9.54 29.04 -40.06
CA GLY F 186 9.05 30.30 -39.53
C GLY F 186 8.17 30.14 -38.31
N ARG F 187 8.40 29.07 -37.55
CA ARG F 187 7.65 28.84 -36.33
C ARG F 187 8.11 29.76 -35.21
N SER F 188 7.14 30.32 -34.49
CA SER F 188 7.44 31.25 -33.40
C SER F 188 6.29 31.26 -32.39
N GLY F 189 6.55 31.83 -31.21
CA GLY F 189 5.53 31.95 -30.19
C GLY F 189 5.93 31.33 -28.86
N LEU F 190 7.07 30.66 -28.84
CA LEU F 190 7.56 30.01 -27.62
C LEU F 190 7.90 31.05 -26.56
N ASN F 191 8.39 32.20 -27.00
CA ASN F 191 8.65 33.35 -26.13
C ASN F 191 8.49 34.65 -26.91
N ALA F 192 7.34 35.29 -26.76
CA ALA F 192 6.96 36.45 -27.58
C ALA F 192 7.96 37.61 -27.56
N GLU F 193 8.83 37.64 -26.55
CA GLU F 193 9.81 38.72 -26.44
C GLU F 193 11.10 38.37 -27.18
N ASN F 194 11.26 37.11 -27.54
CA ASN F 194 12.46 36.67 -28.24
C ASN F 194 12.33 36.76 -29.75
N TYR F 195 13.46 36.91 -30.43
CA TYR F 195 13.50 36.88 -31.89
C TYR F 195 13.58 35.43 -32.35
N GLU F 196 12.45 34.90 -32.81
CA GLU F 196 12.37 33.49 -33.18
C GLU F 196 11.73 33.27 -34.55
N ASN F 197 12.48 32.62 -35.42
CA ASN F 197 12.03 32.28 -36.76
C ASN F 197 12.37 30.81 -36.99
N PHE F 198 11.99 29.98 -36.03
CA PHE F 198 12.45 28.59 -35.96
C PHE F 198 12.22 27.73 -37.21
N ILE F 199 13.13 26.78 -37.39
CA ILE F 199 12.93 25.67 -38.31
C ILE F 199 12.44 24.54 -37.43
N GLN F 200 11.40 23.85 -37.86
CA GLN F 200 10.88 22.72 -37.09
C GLN F 200 11.27 21.41 -37.76
N THR F 201 11.70 20.45 -36.94
CA THR F 201 12.10 19.15 -37.45
C THR F 201 11.66 18.01 -36.53
N ASP F 202 11.42 16.84 -37.13
CA ASP F 202 11.02 15.67 -36.37
C ASP F 202 12.25 14.86 -35.99
N ALA F 203 13.42 15.37 -36.32
CA ALA F 203 14.66 14.71 -35.95
C ALA F 203 14.81 14.68 -34.43
N ALA F 204 15.27 13.54 -33.92
CA ALA F 204 15.40 13.35 -32.48
C ALA F 204 16.29 14.39 -31.82
N ILE F 205 15.70 15.21 -30.96
CA ILE F 205 16.46 16.20 -30.19
C ILE F 205 16.06 16.15 -28.73
N ASN F 206 17.06 16.12 -27.85
CA ASN F 206 16.81 16.10 -26.41
C ASN F 206 17.79 16.97 -25.63
N ARG F 207 17.63 16.98 -24.30
CA ARG F 207 18.51 17.73 -23.44
C ARG F 207 19.97 17.45 -23.77
N GLY F 208 20.67 18.49 -24.23
CA GLY F 208 22.06 18.36 -24.60
C GLY F 208 22.31 18.72 -26.05
N ASN F 209 21.31 18.53 -26.89
CA ASN F 209 21.42 18.86 -28.31
C ASN F 209 21.53 20.36 -28.55
N ALA F 210 21.18 21.15 -27.54
CA ALA F 210 21.18 22.60 -27.66
C ALA F 210 22.56 23.11 -28.10
N GLY F 211 22.55 24.07 -29.02
CA GLY F 211 23.77 24.60 -29.58
C GLY F 211 24.29 23.70 -30.67
N GLY F 212 23.65 22.54 -30.82
CA GLY F 212 24.06 21.54 -31.79
C GLY F 212 23.80 21.94 -33.22
N ALA F 213 24.27 21.12 -34.15
CA ALA F 213 24.14 21.41 -35.57
C ALA F 213 22.96 20.69 -36.23
N LEU F 214 22.26 21.43 -37.08
CA LEU F 214 21.24 20.83 -37.94
C LEU F 214 21.68 21.11 -39.37
N VAL F 215 22.01 20.04 -40.10
CA VAL F 215 22.58 20.16 -41.42
C VAL F 215 21.71 19.47 -42.45
N ASN F 216 21.93 19.81 -43.72
CA ASN F 216 21.26 19.12 -44.82
C ASN F 216 22.10 17.95 -45.27
N LEU F 217 21.62 17.23 -46.29
CA LEU F 217 22.30 16.01 -46.72
C LEU F 217 23.71 16.28 -47.25
N ASN F 218 24.03 17.54 -47.52
CA ASN F 218 25.36 17.91 -47.97
C ASN F 218 26.28 18.32 -46.82
N GLY F 219 25.80 18.13 -45.60
CA GLY F 219 26.59 18.44 -44.42
C GLY F 219 26.72 19.92 -44.14
N GLU F 220 25.88 20.72 -44.79
CA GLU F 220 25.89 22.16 -44.61
C GLU F 220 24.97 22.58 -43.47
N LEU F 221 25.45 23.49 -42.62
CA LEU F 221 24.67 23.93 -41.48
C LEU F 221 23.48 24.76 -41.94
N ILE F 222 22.28 24.31 -41.55
CA ILE F 222 21.05 25.02 -41.89
C ILE F 222 20.41 25.64 -40.66
N GLY F 223 20.78 25.14 -39.49
CA GLY F 223 20.23 25.67 -38.25
C GLY F 223 20.97 25.23 -37.00
N ILE F 224 20.63 25.85 -35.88
CA ILE F 224 21.17 25.48 -34.59
C ILE F 224 20.06 25.04 -33.64
N ASN F 225 20.01 23.74 -33.36
CA ASN F 225 18.99 23.18 -32.48
C ASN F 225 18.91 23.92 -31.15
N THR F 226 17.74 24.47 -30.85
CA THR F 226 17.56 25.30 -29.67
C THR F 226 16.62 24.73 -28.62
N ALA F 227 15.38 24.47 -29.02
CA ALA F 227 14.39 23.96 -28.07
C ALA F 227 13.46 22.90 -28.64
N ILE F 228 12.72 22.26 -27.74
CA ILE F 228 11.77 21.22 -28.13
C ILE F 228 10.44 21.40 -27.42
N LEU F 229 9.39 20.83 -28.00
CA LEU F 229 8.08 20.84 -27.39
C LEU F 229 7.81 19.47 -26.77
N ALA F 230 8.07 19.33 -25.47
CA ALA F 230 7.94 18.05 -24.81
C ALA F 230 7.31 18.18 -23.43
N PRO F 231 6.12 17.60 -23.25
CA PRO F 231 5.40 17.60 -21.97
C PRO F 231 6.11 16.79 -20.90
N ASP F 232 7.03 15.91 -21.30
CA ASP F 232 7.67 14.98 -20.37
C ASP F 232 9.18 15.16 -20.30
N GLY F 233 9.68 16.22 -20.92
CA GLY F 233 11.12 16.44 -20.97
C GLY F 233 11.79 15.42 -21.88
N GLY F 234 10.99 14.81 -22.76
CA GLY F 234 11.51 13.85 -23.72
C GLY F 234 10.99 14.15 -25.12
N ASN F 235 11.87 14.05 -26.12
CA ASN F 235 11.49 14.35 -27.50
C ASN F 235 10.24 13.59 -27.93
N ILE F 236 9.36 14.30 -28.63
CA ILE F 236 8.16 13.68 -29.17
C ILE F 236 7.99 14.01 -30.65
N GLY F 237 9.09 14.38 -31.30
CA GLY F 237 9.09 14.64 -32.73
C GLY F 237 8.94 16.10 -33.09
N ILE F 238 9.02 16.97 -32.10
CA ILE F 238 8.91 18.40 -32.37
C ILE F 238 10.10 19.14 -31.79
N GLY F 239 11.05 19.48 -32.67
CA GLY F 239 12.23 20.24 -32.29
C GLY F 239 12.34 21.52 -33.10
N PHE F 240 13.03 22.51 -32.54
CA PHE F 240 13.18 23.80 -33.21
C PHE F 240 14.63 24.22 -33.31
N ALA F 241 15.01 24.82 -34.44
CA ALA F 241 16.38 25.26 -34.63
C ALA F 241 16.42 26.64 -35.27
N ILE F 242 17.35 27.47 -34.79
CA ILE F 242 17.53 28.80 -35.34
C ILE F 242 18.19 28.71 -36.70
N PRO F 243 17.54 29.30 -37.72
CA PRO F 243 18.03 29.31 -39.10
C PRO F 243 19.48 29.78 -39.20
N SER F 244 20.24 29.16 -40.09
CA SER F 244 21.67 29.45 -40.22
C SER F 244 21.90 30.91 -40.55
N ASN F 245 21.05 31.48 -41.40
CA ASN F 245 21.20 32.88 -41.78
C ASN F 245 21.22 33.80 -40.56
N MET F 246 20.34 33.55 -39.61
CA MET F 246 20.27 34.36 -38.41
C MET F 246 21.55 34.21 -37.60
N VAL F 247 22.09 33.01 -37.57
CA VAL F 247 23.35 32.75 -36.87
C VAL F 247 24.50 33.48 -37.56
N LYS F 248 24.55 33.38 -38.88
CA LYS F 248 25.54 34.10 -39.68
C LYS F 248 25.57 35.56 -39.24
N ASN F 249 24.39 36.19 -39.25
CA ASN F 249 24.27 37.61 -38.92
C ASN F 249 24.67 37.95 -37.50
N LEU F 250 24.19 37.15 -36.55
CA LEU F 250 24.42 37.42 -35.14
C LEU F 250 25.88 37.25 -34.75
N THR F 251 26.46 36.12 -35.14
CA THR F 251 27.84 35.81 -34.77
C THR F 251 28.81 36.81 -35.36
N SER F 252 28.69 37.10 -36.66
CA SER F 252 29.59 38.02 -37.33
C SER F 252 29.68 39.36 -36.60
N GLN F 253 28.62 39.71 -35.88
CA GLN F 253 28.61 40.92 -35.08
C GLN F 253 29.40 40.73 -33.79
N MET F 254 29.11 39.64 -33.09
CA MET F 254 29.79 39.31 -31.84
C MET F 254 31.30 39.22 -32.05
N VAL F 255 31.71 38.82 -33.25
CA VAL F 255 33.13 38.69 -33.57
C VAL F 255 33.80 40.07 -33.62
N GLU F 256 33.06 41.06 -34.08
CA GLU F 256 33.60 42.40 -34.27
C GLU F 256 33.33 43.34 -33.09
N TYR F 257 32.12 43.31 -32.55
CA TYR F 257 31.72 44.26 -31.53
C TYR F 257 31.64 43.67 -30.11
N GLY F 258 31.48 42.35 -30.03
CA GLY F 258 31.32 41.69 -28.74
C GLY F 258 29.87 41.62 -28.34
N GLN F 259 29.02 42.27 -29.13
CA GLN F 259 27.57 42.21 -28.94
C GLN F 259 26.89 42.47 -30.27
N VAL F 260 25.57 42.65 -30.23
CA VAL F 260 24.81 42.91 -31.44
C VAL F 260 24.25 44.33 -31.48
N LYS F 261 24.61 45.09 -32.50
CA LYS F 261 24.03 46.40 -32.72
C LYS F 261 22.63 46.24 -33.26
N ARG F 262 21.63 46.36 -32.38
CA ARG F 262 20.24 46.11 -32.75
C ARG F 262 19.59 47.30 -33.44
N GLY F 263 19.15 47.10 -34.67
CA GLY F 263 18.45 48.13 -35.40
C GLY F 263 16.97 47.84 -35.45
N GLU F 264 16.15 48.88 -35.40
CA GLU F 264 14.71 48.71 -35.48
C GLU F 264 14.12 49.60 -36.56
N LEU F 265 12.95 49.21 -37.07
CA LEU F 265 12.26 50.00 -38.07
C LEU F 265 11.45 51.09 -37.39
N GLY F 266 11.12 50.85 -36.13
CA GLY F 266 10.34 51.80 -35.35
C GLY F 266 8.88 51.78 -35.74
N ILE F 267 8.29 50.59 -35.78
CA ILE F 267 6.88 50.45 -36.09
C ILE F 267 6.19 49.51 -35.09
N MET F 268 4.95 49.83 -34.77
CA MET F 268 4.14 48.96 -33.93
C MET F 268 3.19 48.19 -34.85
N GLY F 269 2.84 46.97 -34.46
CA GLY F 269 1.96 46.16 -35.29
C GLY F 269 1.56 44.84 -34.67
N THR F 270 0.89 44.00 -35.45
CA THR F 270 0.44 42.70 -34.98
C THR F 270 0.22 41.74 -36.14
N GLU F 271 -0.07 40.49 -35.81
CA GLU F 271 -0.26 39.44 -36.81
C GLU F 271 -1.50 39.71 -37.67
N LEU F 272 -1.35 39.57 -38.97
CA LEU F 272 -2.48 39.75 -39.88
C LEU F 272 -3.23 38.45 -40.09
N ASN F 273 -4.36 38.30 -39.41
CA ASN F 273 -5.19 37.11 -39.58
C ASN F 273 -6.33 37.38 -40.55
N SER F 274 -7.10 36.33 -40.86
CA SER F 274 -8.18 36.44 -41.82
C SER F 274 -9.23 37.47 -41.39
N GLU F 275 -9.53 37.47 -40.09
CA GLU F 275 -10.50 38.41 -39.53
C GLU F 275 -10.09 39.86 -39.79
N LEU F 276 -8.86 40.20 -39.41
CA LEU F 276 -8.34 41.54 -39.56
C LEU F 276 -8.25 41.93 -41.03
N ALA F 277 -8.01 40.95 -41.89
CA ALA F 277 -7.96 41.18 -43.32
C ALA F 277 -9.32 41.64 -43.85
N LYS F 278 -10.38 41.02 -43.34
CA LYS F 278 -11.75 41.39 -43.74
C LYS F 278 -12.04 42.84 -43.42
N ALA F 279 -11.78 43.24 -42.18
CA ALA F 279 -12.06 44.60 -41.74
C ALA F 279 -11.30 45.65 -42.54
N MET F 280 -10.02 45.37 -42.82
CA MET F 280 -9.16 46.31 -43.51
C MET F 280 -9.21 46.16 -45.03
N LYS F 281 -10.15 45.35 -45.51
CA LYS F 281 -10.30 45.10 -46.95
C LYS F 281 -8.98 44.69 -47.58
N VAL F 282 -8.28 43.76 -46.94
CA VAL F 282 -6.97 43.30 -47.41
C VAL F 282 -7.03 41.87 -47.96
N ASP F 283 -6.28 41.63 -49.04
CA ASP F 283 -6.24 40.32 -49.68
C ASP F 283 -5.52 39.28 -48.83
N ALA F 284 -4.26 39.56 -48.51
CA ALA F 284 -3.40 38.61 -47.81
C ALA F 284 -3.95 38.23 -46.44
N GLN F 285 -4.00 36.92 -46.18
CA GLN F 285 -4.48 36.42 -44.89
C GLN F 285 -3.34 36.28 -43.88
N ARG F 286 -2.17 36.80 -44.24
CA ARG F 286 -1.00 36.66 -43.39
C ARG F 286 0.06 37.69 -43.70
N GLY F 287 0.73 38.19 -42.65
CA GLY F 287 1.74 39.21 -42.80
C GLY F 287 1.80 40.12 -41.58
N ALA F 288 2.60 41.17 -41.68
CA ALA F 288 2.73 42.12 -40.58
C ALA F 288 1.84 43.32 -40.79
N PHE F 289 0.92 43.56 -39.85
CA PHE F 289 0.03 44.72 -39.93
C PHE F 289 0.58 45.88 -39.13
N VAL F 290 0.79 47.00 -39.80
CA VAL F 290 1.36 48.19 -39.16
C VAL F 290 0.30 48.96 -38.37
N SER F 291 0.40 48.88 -37.04
CA SER F 291 -0.50 49.62 -36.17
C SER F 291 -0.19 51.11 -36.20
N GLN F 292 1.10 51.43 -36.21
CA GLN F 292 1.55 52.82 -36.22
C GLN F 292 3.05 52.90 -36.43
N VAL F 293 3.52 54.02 -36.98
CA VAL F 293 4.94 54.22 -37.18
C VAL F 293 5.42 55.32 -36.22
N LEU F 294 6.57 55.09 -35.60
CA LEU F 294 7.12 56.06 -34.68
C LEU F 294 7.70 57.23 -35.45
N PRO F 295 7.53 58.46 -34.93
CA PRO F 295 8.10 59.65 -35.56
C PRO F 295 9.62 59.63 -35.49
N ASN F 296 10.28 60.12 -36.53
CA ASN F 296 11.74 60.12 -36.59
C ASN F 296 12.35 58.73 -36.64
N SER F 297 11.57 57.78 -37.15
CA SER F 297 12.05 56.41 -37.31
C SER F 297 12.34 56.15 -38.79
N SER F 298 13.27 55.24 -39.05
CA SER F 298 13.64 54.91 -40.41
C SER F 298 12.39 54.65 -41.25
N ALA F 299 11.48 53.85 -40.70
CA ALA F 299 10.23 53.53 -41.39
C ALA F 299 9.50 54.81 -41.80
N ALA F 300 9.34 55.72 -40.85
CA ALA F 300 8.68 57.00 -41.11
C ALA F 300 9.37 57.70 -42.27
N LYS F 301 10.69 57.79 -42.20
CA LYS F 301 11.48 58.44 -43.22
C LYS F 301 11.31 57.75 -44.56
N ALA F 302 11.03 56.45 -44.52
CA ALA F 302 10.90 55.65 -45.73
C ALA F 302 9.56 55.85 -46.40
N GLY F 303 8.57 56.30 -45.63
CA GLY F 303 7.25 56.55 -46.17
C GLY F 303 6.24 55.47 -45.84
N ILE F 304 6.53 54.72 -44.78
CA ILE F 304 5.61 53.69 -44.32
C ILE F 304 4.52 54.32 -43.47
N LYS F 305 3.27 54.05 -43.82
CA LYS F 305 2.13 54.60 -43.08
C LYS F 305 1.36 53.50 -42.37
N ALA F 306 0.68 53.86 -41.29
CA ALA F 306 -0.14 52.92 -40.55
C ALA F 306 -1.20 52.30 -41.45
N GLY F 307 -1.70 51.14 -41.07
CA GLY F 307 -2.70 50.45 -41.86
C GLY F 307 -2.09 49.72 -43.04
N ASP F 308 -0.76 49.75 -43.11
CA ASP F 308 -0.03 49.04 -44.16
C ASP F 308 0.21 47.59 -43.76
N VAL F 309 0.31 46.73 -44.75
CA VAL F 309 0.60 45.32 -44.51
C VAL F 309 1.89 44.92 -45.21
N ILE F 310 2.87 44.49 -44.42
CA ILE F 310 4.15 44.06 -44.96
C ILE F 310 4.05 42.62 -45.44
N THR F 311 4.48 42.37 -46.67
CA THR F 311 4.33 41.06 -47.29
C THR F 311 5.66 40.37 -47.62
N SER F 312 6.72 41.15 -47.78
CA SER F 312 8.03 40.58 -48.11
C SER F 312 9.19 41.37 -47.51
N LEU F 313 10.33 40.70 -47.39
CA LEU F 313 11.54 41.32 -46.88
C LEU F 313 12.74 40.95 -47.75
N ASN F 314 13.28 41.95 -48.45
CA ASN F 314 14.38 41.73 -49.38
C ASN F 314 13.98 40.74 -50.46
N GLY F 315 12.69 40.72 -50.78
CA GLY F 315 12.17 39.81 -51.77
C GLY F 315 11.50 38.60 -51.15
N LYS F 316 12.11 38.05 -50.10
CA LYS F 316 11.58 36.87 -49.43
C LYS F 316 10.24 37.16 -48.77
N PRO F 317 9.22 36.35 -49.09
CA PRO F 317 7.88 36.53 -48.51
C PRO F 317 7.93 36.44 -46.98
N ILE F 318 6.98 37.08 -46.33
CA ILE F 318 6.94 37.10 -44.87
C ILE F 318 5.85 36.16 -44.34
N SER F 319 6.23 35.27 -43.42
CA SER F 319 5.30 34.32 -42.85
C SER F 319 4.38 35.00 -41.85
N SER F 320 4.96 35.86 -41.01
CA SER F 320 4.21 36.55 -39.98
C SER F 320 4.94 37.77 -39.46
N PHE F 321 4.27 38.55 -38.62
CA PHE F 321 4.88 39.72 -37.99
C PHE F 321 5.99 39.25 -37.06
N ALA F 322 5.73 38.18 -36.33
CA ALA F 322 6.71 37.64 -35.40
C ALA F 322 8.00 37.24 -36.11
N ALA F 323 7.86 36.70 -37.32
CA ALA F 323 9.01 36.30 -38.11
C ALA F 323 9.80 37.53 -38.55
N LEU F 324 9.10 38.50 -39.13
CA LEU F 324 9.73 39.75 -39.55
C LEU F 324 10.46 40.40 -38.38
N ARG F 325 9.87 40.29 -37.20
CA ARG F 325 10.49 40.85 -36.00
C ARG F 325 11.84 40.17 -35.76
N ALA F 326 11.86 38.85 -35.90
CA ALA F 326 13.06 38.06 -35.69
C ALA F 326 14.12 38.32 -36.75
N GLN F 327 13.67 38.46 -37.99
CA GLN F 327 14.57 38.73 -39.11
C GLN F 327 15.42 39.98 -38.85
N VAL F 328 14.77 41.13 -38.82
CA VAL F 328 15.46 42.41 -38.65
C VAL F 328 16.14 42.50 -37.30
N GLY F 329 15.61 41.77 -36.31
CA GLY F 329 16.15 41.80 -34.97
C GLY F 329 17.56 41.24 -34.90
N THR F 330 17.95 40.51 -35.94
CA THR F 330 19.28 39.91 -35.99
C THR F 330 20.21 40.68 -36.93
N MET F 331 19.65 41.60 -37.69
CA MET F 331 20.43 42.41 -38.61
C MET F 331 21.09 43.57 -37.88
N PRO F 332 22.33 43.93 -38.30
CA PRO F 332 23.11 44.99 -37.67
C PRO F 332 22.55 46.38 -37.97
N VAL F 333 22.82 47.33 -37.09
CA VAL F 333 22.40 48.72 -37.31
C VAL F 333 22.95 49.21 -38.63
N GLY F 334 22.14 49.98 -39.35
CA GLY F 334 22.60 50.60 -40.58
C GLY F 334 22.42 49.73 -41.80
N SER F 335 22.02 48.49 -41.57
CA SER F 335 21.75 47.54 -42.66
C SER F 335 20.72 48.06 -43.66
N LYS F 336 21.11 48.09 -44.94
CA LYS F 336 20.17 48.52 -45.95
C LYS F 336 19.27 47.36 -46.35
N LEU F 337 17.95 47.57 -46.28
CA LEU F 337 16.97 46.52 -46.62
C LEU F 337 15.76 47.09 -47.35
N THR F 338 15.01 46.23 -48.03
CA THR F 338 13.83 46.66 -48.79
C THR F 338 12.60 45.87 -48.41
N LEU F 339 11.48 46.55 -48.21
CA LEU F 339 10.25 45.89 -47.78
C LEU F 339 9.17 45.92 -48.86
N GLY F 340 8.32 44.90 -48.87
CA GLY F 340 7.19 44.85 -49.76
C GLY F 340 5.90 45.13 -49.00
N LEU F 341 5.29 46.27 -49.26
CA LEU F 341 4.09 46.68 -48.54
C LEU F 341 2.83 46.50 -49.36
N LEU F 342 1.68 46.55 -48.68
CA LEU F 342 0.39 46.45 -49.33
C LEU F 342 -0.58 47.43 -48.69
N ARG F 343 -0.81 48.55 -49.37
CA ARG F 343 -1.75 49.55 -48.89
C ARG F 343 -2.82 49.81 -49.94
N ASP F 344 -4.09 49.69 -49.53
CA ASP F 344 -5.21 49.88 -50.44
C ASP F 344 -5.09 48.97 -51.67
N GLY F 345 -4.76 47.71 -51.43
CA GLY F 345 -4.66 46.73 -52.49
C GLY F 345 -3.63 47.09 -53.55
N LYS F 346 -2.67 47.90 -53.18
CA LYS F 346 -1.60 48.28 -54.09
C LYS F 346 -0.23 47.88 -53.57
N GLN F 347 0.57 47.27 -54.44
CA GLN F 347 1.90 46.82 -54.07
C GLN F 347 2.88 47.99 -54.00
N VAL F 348 3.61 48.06 -52.89
CA VAL F 348 4.57 49.14 -52.68
C VAL F 348 5.93 48.59 -52.28
N ASN F 349 7.00 49.21 -52.79
CA ASN F 349 8.35 48.84 -52.39
C ASN F 349 9.07 50.00 -51.74
N VAL F 350 9.82 49.73 -50.68
CA VAL F 350 10.50 50.78 -49.95
C VAL F 350 11.92 50.41 -49.54
N ASN F 351 12.82 51.40 -49.54
CA ASN F 351 14.18 51.21 -49.08
C ASN F 351 14.38 51.76 -47.67
N LEU F 352 14.93 50.92 -46.80
CA LEU F 352 15.09 51.29 -45.39
C LEU F 352 16.53 51.18 -44.90
N GLU F 353 16.77 51.74 -43.72
CA GLU F 353 18.07 51.61 -43.06
C GLU F 353 17.84 51.53 -41.55
N LEU F 354 18.29 50.43 -40.93
CA LEU F 354 18.06 50.22 -39.51
C LEU F 354 18.64 51.32 -38.63
N GLN F 355 17.97 51.59 -37.51
CA GLN F 355 18.40 52.62 -36.57
C GLN F 355 18.33 52.11 -35.13
N GLN F 356 18.98 52.84 -34.21
CA GLN F 356 18.98 52.47 -32.80
C GLN F 356 17.60 52.63 -32.17
N SER F 357 17.29 51.76 -31.21
CA SER F 357 16.02 51.83 -30.49
C SER F 357 15.98 53.04 -29.56
N PHE F 368 30.20 67.61 -33.74
CA PHE F 368 29.35 67.54 -32.55
C PHE F 368 29.66 66.28 -31.74
N ASN F 369 29.12 66.22 -30.53
CA ASN F 369 29.34 65.08 -29.64
C ASN F 369 28.27 64.97 -28.56
N GLY F 370 27.87 63.74 -28.26
CA GLY F 370 26.85 63.48 -27.25
C GLY F 370 27.35 62.61 -26.12
N ILE F 371 27.10 63.04 -24.89
CA ILE F 371 27.58 62.34 -23.70
C ILE F 371 26.44 62.03 -22.71
N GLU F 372 26.33 60.77 -22.31
CA GLU F 372 25.39 60.37 -21.28
C GLU F 372 23.94 60.73 -21.61
N GLY F 373 23.55 60.51 -22.87
CA GLY F 373 22.20 60.81 -23.30
C GLY F 373 21.96 62.29 -23.49
N ALA F 374 23.05 63.05 -23.56
CA ALA F 374 22.97 64.50 -23.74
C ALA F 374 23.74 64.96 -24.97
N GLU F 375 23.06 65.68 -25.85
CA GLU F 375 23.67 66.13 -27.11
C GLU F 375 24.16 67.57 -27.03
N MET F 376 25.46 67.76 -27.25
CA MET F 376 26.06 69.09 -27.20
C MET F 376 26.92 69.36 -28.43
N SER F 377 27.51 70.55 -28.47
CA SER F 377 28.39 70.94 -29.56
C SER F 377 29.35 72.02 -29.07
N ASN F 378 30.10 72.62 -29.99
CA ASN F 378 30.98 73.72 -29.65
C ASN F 378 30.28 75.06 -29.83
N LYS F 379 30.81 76.09 -29.18
CA LYS F 379 30.23 77.42 -29.28
C LYS F 379 31.22 78.41 -29.88
N GLY F 380 30.81 79.08 -30.95
CA GLY F 380 31.66 80.04 -31.62
C GLY F 380 33.07 79.51 -31.82
N LYS F 381 34.05 80.18 -31.23
CA LYS F 381 35.44 79.76 -31.33
C LYS F 381 36.04 79.57 -29.94
N ASP F 382 36.14 78.32 -29.51
CA ASP F 382 36.69 78.00 -28.20
C ASP F 382 35.99 78.75 -27.07
N GLN F 383 34.67 78.80 -27.15
CA GLN F 383 33.87 79.49 -26.14
C GLN F 383 33.12 78.49 -25.26
N GLY F 384 33.61 77.26 -25.21
CA GLY F 384 33.02 76.24 -24.38
C GLY F 384 32.09 75.31 -25.15
N VAL F 385 31.48 74.37 -24.41
CA VAL F 385 30.59 73.39 -25.02
C VAL F 385 29.13 73.69 -24.69
N VAL F 386 28.44 74.32 -25.62
CA VAL F 386 27.03 74.69 -25.41
C VAL F 386 26.10 73.50 -25.60
N VAL F 387 25.03 73.46 -24.81
CA VAL F 387 24.04 72.40 -24.91
C VAL F 387 22.91 72.80 -25.86
N ASN F 388 22.72 72.03 -26.91
CA ASN F 388 21.75 72.35 -27.95
C ASN F 388 20.31 72.01 -27.55
N ASN F 389 20.08 70.75 -27.22
CA ASN F 389 18.76 70.30 -26.81
C ASN F 389 18.82 69.14 -25.82
N VAL F 390 17.87 69.12 -24.89
CA VAL F 390 17.85 68.11 -23.85
C VAL F 390 16.58 67.28 -23.92
N LYS F 391 16.68 66.01 -23.53
CA LYS F 391 15.52 65.14 -23.45
C LYS F 391 15.10 65.00 -21.98
N THR F 392 13.80 65.06 -21.73
CA THR F 392 13.28 64.83 -20.39
C THR F 392 13.42 63.35 -20.08
N GLY F 393 13.27 62.95 -18.83
CA GLY F 393 13.33 61.54 -18.50
C GLY F 393 14.62 60.84 -18.88
N THR F 394 15.62 61.60 -19.31
CA THR F 394 16.94 61.05 -19.61
C THR F 394 17.88 61.37 -18.46
N PRO F 395 18.97 60.58 -18.29
CA PRO F 395 19.88 60.79 -17.17
C PRO F 395 20.50 62.18 -17.15
N ALA F 396 20.54 62.81 -18.31
CA ALA F 396 21.13 64.14 -18.44
C ALA F 396 20.35 65.18 -17.64
N ALA F 397 19.05 65.25 -17.89
CA ALA F 397 18.19 66.22 -17.21
C ALA F 397 17.93 65.82 -15.76
N GLN F 398 18.39 64.62 -15.39
CA GLN F 398 18.23 64.14 -14.03
C GLN F 398 19.29 64.73 -13.10
N ILE F 399 20.36 65.27 -13.70
CA ILE F 399 21.40 65.93 -12.93
C ILE F 399 21.31 67.44 -13.08
N LEU F 401 20.93 69.34 -16.16
CA LEU F 401 21.34 69.94 -17.42
C LEU F 401 20.16 70.49 -18.22
N LYS F 402 20.28 71.74 -18.67
CA LYS F 402 19.19 72.43 -19.36
C LYS F 402 19.56 72.96 -20.75
N LYS F 403 18.54 73.36 -21.50
CA LYS F 403 18.71 73.95 -22.82
C LYS F 403 19.43 75.29 -22.75
N GLY F 404 20.56 75.40 -23.46
CA GLY F 404 21.27 76.66 -23.56
C GLY F 404 22.49 76.80 -22.67
N ASP F 405 22.76 75.78 -21.85
CA ASP F 405 23.90 75.81 -20.93
C ASP F 405 25.22 75.82 -21.67
N VAL F 406 26.23 76.44 -21.09
CA VAL F 406 27.54 76.55 -21.72
C VAL F 406 28.66 76.18 -20.75
N ILE F 407 29.19 74.97 -20.91
CA ILE F 407 30.25 74.47 -20.03
C ILE F 407 31.55 75.26 -20.19
N ILE F 408 31.86 76.10 -19.21
CA ILE F 408 33.10 76.88 -19.23
C ILE F 408 34.29 76.00 -18.88
N GLY F 409 34.07 75.06 -17.96
CA GLY F 409 35.11 74.17 -17.52
C GLY F 409 34.59 73.05 -16.64
N ALA F 410 35.48 72.15 -16.24
CA ALA F 410 35.11 71.05 -15.36
C ALA F 410 36.31 70.59 -14.53
N ASN F 411 36.08 70.34 -13.25
CA ASN F 411 37.13 69.90 -12.34
C ASN F 411 38.35 70.83 -12.33
N GLN F 412 38.09 72.14 -12.30
CA GLN F 412 39.15 73.14 -12.27
C GLN F 412 40.03 73.12 -13.52
N GLN F 413 39.48 72.61 -14.61
CA GLN F 413 40.17 72.62 -15.90
C GLN F 413 39.33 73.35 -16.94
N ALA F 414 39.96 74.27 -17.67
CA ALA F 414 39.26 75.08 -18.66
C ALA F 414 38.77 74.26 -19.85
N VAL F 415 37.51 74.47 -20.24
CA VAL F 415 36.92 73.76 -21.37
C VAL F 415 36.58 74.72 -22.50
N LYS F 416 37.36 74.67 -23.57
CA LYS F 416 37.14 75.54 -24.73
C LYS F 416 36.27 74.83 -25.76
N ASN F 417 36.40 73.50 -25.81
CA ASN F 417 35.71 72.70 -26.81
C ASN F 417 35.47 71.27 -26.33
N ILE F 418 34.82 70.47 -27.17
CA ILE F 418 34.54 69.08 -26.84
C ILE F 418 35.81 68.25 -26.69
N ALA F 419 36.90 68.74 -27.28
CA ALA F 419 38.18 68.06 -27.20
C ALA F 419 38.78 68.14 -25.80
N GLU F 420 38.75 69.32 -25.21
CA GLU F 420 39.28 69.54 -23.87
C GLU F 420 38.37 68.92 -22.81
N LEU F 421 37.06 68.90 -23.07
CA LEU F 421 36.09 68.27 -22.19
C LEU F 421 36.33 66.78 -22.09
N ARG F 422 36.50 66.14 -23.25
CA ARG F 422 36.74 64.71 -23.31
C ARG F 422 38.07 64.35 -22.66
N LYS F 423 39.02 65.28 -22.71
CA LYS F 423 40.35 65.04 -22.15
C LYS F 423 40.29 64.97 -20.63
N VAL F 424 39.24 65.54 -20.05
CA VAL F 424 39.01 65.48 -18.62
C VAL F 424 38.32 64.18 -18.25
N LEU F 425 37.41 63.73 -19.12
CA LEU F 425 36.70 62.48 -18.91
C LEU F 425 37.62 61.28 -19.11
N ASP F 426 38.70 61.48 -19.86
CA ASP F 426 39.71 60.44 -20.04
C ASP F 426 40.43 60.18 -18.72
N SER F 427 40.48 61.21 -17.87
CA SER F 427 41.09 61.08 -16.55
C SER F 427 40.22 60.20 -15.65
N LYS F 428 38.94 60.05 -16.04
CA LYS F 428 37.99 59.24 -15.29
C LYS F 428 37.99 59.55 -13.80
N PRO F 429 37.45 60.72 -13.42
CA PRO F 429 37.36 61.10 -12.01
C PRO F 429 36.15 60.45 -11.35
N SER F 430 36.25 60.18 -10.05
CA SER F 430 35.16 59.58 -9.30
C SER F 430 33.90 60.43 -9.40
N VAL F 431 34.10 61.75 -9.38
CA VAL F 431 32.99 62.70 -9.46
C VAL F 431 33.30 63.81 -10.46
N LEU F 432 32.29 64.21 -11.21
CA LEU F 432 32.47 65.21 -12.26
C LEU F 432 31.73 66.51 -11.94
N ALA F 433 32.50 67.58 -11.78
CA ALA F 433 31.93 68.89 -11.47
C ALA F 433 32.00 69.81 -12.68
N LEU F 434 30.85 70.11 -13.26
CA LEU F 434 30.77 70.95 -14.45
C LEU F 434 30.55 72.42 -14.11
N ASN F 435 31.40 73.29 -14.65
CA ASN F 435 31.26 74.72 -14.45
C ASN F 435 30.54 75.38 -15.63
N ILE F 436 29.23 75.14 -15.70
CA ILE F 436 28.42 75.69 -16.78
C ILE F 436 27.94 77.09 -16.44
N GLN F 437 27.27 77.74 -17.39
CA GLN F 437 26.75 79.08 -17.16
C GLN F 437 25.39 79.29 -17.80
N ARG F 438 24.39 79.46 -16.95
CA ARG F 438 23.03 79.67 -17.41
C ARG F 438 22.67 81.14 -17.30
N GLY F 439 22.36 81.75 -18.44
CA GLY F 439 22.10 83.17 -18.50
C GLY F 439 23.30 83.95 -17.98
N ASP F 440 23.04 84.85 -17.06
CA ASP F 440 24.03 85.76 -16.53
C ASP F 440 24.71 85.16 -15.30
N SER F 441 24.35 83.92 -14.97
CA SER F 441 24.82 83.25 -13.76
C SER F 441 25.81 82.14 -14.08
N THR F 442 26.63 81.80 -13.08
CA THR F 442 27.56 80.67 -13.18
C THR F 442 27.22 79.63 -12.12
N ILE F 443 26.92 78.42 -12.56
CA ILE F 443 26.56 77.35 -11.65
C ILE F 443 27.45 76.11 -11.86
N TYR F 444 27.27 75.11 -11.01
CA TYR F 444 27.96 73.84 -11.16
C TYR F 444 26.97 72.68 -11.17
N LEU F 445 27.34 71.62 -11.86
CA LEU F 445 26.57 70.38 -11.82
C LEU F 445 27.50 69.23 -11.46
N LEU F 446 27.03 68.37 -10.57
CA LEU F 446 27.87 67.29 -10.07
C LEU F 446 27.40 65.94 -10.62
N MET F 447 28.35 65.03 -10.80
CA MET F 447 28.04 63.70 -11.32
C MET F 447 28.74 62.60 -10.54
N GLN F 448 27.99 61.54 -10.24
CA GLN F 448 28.56 60.36 -9.59
C GLN F 448 28.88 60.63 -8.13
N TRP G 14 -16.06 -6.39 16.54
CA TRP G 14 -17.11 -7.40 16.56
C TRP G 14 -16.53 -8.82 16.53
N VAL G 15 -17.25 -9.74 15.91
CA VAL G 15 -16.83 -11.13 15.84
C VAL G 15 -15.64 -11.32 14.90
N SER G 16 -14.66 -12.09 15.35
CA SER G 16 -13.48 -12.38 14.53
C SER G 16 -13.02 -13.83 14.71
N ALA G 17 -12.56 -14.43 13.62
CA ALA G 17 -12.02 -15.78 13.67
C ALA G 17 -10.78 -15.81 14.57
N ALA G 18 -10.41 -17.00 15.03
CA ALA G 18 -9.29 -17.13 15.94
C ALA G 18 -8.06 -17.72 15.26
N GLY G 40 -36.61 -12.95 8.81
CA GLY G 40 -36.45 -13.62 7.53
C GLY G 40 -36.65 -15.11 7.66
N ILE G 41 -37.30 -15.71 6.66
CA ILE G 41 -37.56 -17.14 6.66
C ILE G 41 -36.38 -17.92 6.08
N LEU G 42 -35.78 -18.78 6.90
CA LEU G 42 -34.65 -19.60 6.46
C LEU G 42 -35.10 -21.01 6.08
N GLN G 43 -34.27 -21.68 5.30
CA GLN G 43 -34.61 -23.01 4.79
C GLN G 43 -33.78 -24.10 5.46
N ILE G 44 -34.46 -25.08 6.04
CA ILE G 44 -33.81 -26.22 6.66
C ILE G 44 -33.99 -27.47 5.82
N TRP H 14 2.20 -6.14 21.14
CA TRP H 14 2.99 -7.31 21.48
C TRP H 14 3.25 -7.36 22.98
N VAL H 15 4.40 -7.92 23.37
CA VAL H 15 4.76 -8.07 24.77
C VAL H 15 5.13 -6.74 25.41
N SER H 16 4.65 -6.50 26.62
CA SER H 16 4.95 -5.27 27.35
C SER H 16 5.10 -5.52 28.86
N ALA H 17 6.04 -4.82 29.48
CA ALA H 17 6.25 -4.93 30.92
C ALA H 17 4.99 -4.49 31.66
N ALA H 18 4.85 -4.93 32.90
CA ALA H 18 3.65 -4.64 33.69
C ALA H 18 3.89 -3.55 34.74
N GLY H 40 20.48 -16.48 16.04
CA GLY H 40 21.70 -16.04 16.69
C GLY H 40 22.17 -17.01 17.77
N ILE H 41 23.48 -17.22 17.84
CA ILE H 41 24.05 -18.11 18.84
C ILE H 41 24.23 -17.39 20.17
N LEU H 42 23.52 -17.85 21.20
CA LEU H 42 23.64 -17.28 22.54
C LEU H 42 24.65 -18.06 23.39
N GLN H 43 25.09 -17.44 24.47
CA GLN H 43 26.11 -18.05 25.33
C GLN H 43 25.55 -18.45 26.69
N ILE H 44 25.75 -19.72 27.03
CA ILE H 44 25.31 -20.25 28.32
C ILE H 44 26.50 -20.52 29.23
N TRP I 14 -10.20 4.32 30.47
CA TRP I 14 -10.37 4.26 31.92
C TRP I 14 -11.66 3.54 32.30
N VAL I 15 -12.29 4.01 33.37
CA VAL I 15 -13.52 3.41 33.86
C VAL I 15 -14.68 3.69 32.91
N SER I 16 -15.53 2.68 32.69
CA SER I 16 -16.69 2.84 31.83
C SER I 16 -17.86 1.99 32.31
N ALA I 17 -19.07 2.54 32.19
CA ALA I 17 -20.27 1.81 32.55
C ALA I 17 -20.43 0.56 31.68
N ALA I 18 -21.22 -0.39 32.14
CA ALA I 18 -21.39 -1.65 31.42
C ALA I 18 -22.74 -1.72 30.72
N ASP I 34 -1.99 20.64 47.75
CA ASP I 34 -2.49 21.15 49.01
C ASP I 34 -3.46 20.17 49.65
N GLY I 35 -3.41 20.06 50.97
CA GLY I 35 -4.24 19.11 51.69
C GLY I 35 -3.82 17.68 51.39
N SER I 36 -4.34 16.73 52.15
CA SER I 36 -4.00 15.33 51.96
C SER I 36 -4.22 14.92 50.50
N THR I 37 -3.28 14.13 49.98
CA THR I 37 -3.31 13.78 48.57
C THR I 37 -4.46 12.84 48.22
N ASP I 38 -4.85 11.99 49.17
CA ASP I 38 -5.86 10.97 48.93
C ASP I 38 -7.23 11.49 48.51
N TYR I 39 -7.51 12.76 48.76
CA TYR I 39 -8.79 13.35 48.36
C TYR I 39 -8.98 14.80 48.82
N GLY I 40 -9.72 15.57 48.02
CA GLY I 40 -10.30 16.83 48.48
C GLY I 40 -11.36 16.48 49.50
N ILE I 41 -11.99 17.49 50.09
CA ILE I 41 -12.94 17.23 51.16
C ILE I 41 -14.33 16.87 50.64
N LEU I 42 -14.79 15.66 50.94
CA LEU I 42 -16.12 15.21 50.56
C LEU I 42 -17.07 15.26 51.74
N GLN I 43 -18.38 15.26 51.45
CA GLN I 43 -19.40 15.40 52.48
C GLN I 43 -20.19 14.12 52.71
N ILE I 44 -20.25 13.70 53.97
CA ILE I 44 -21.01 12.52 54.36
C ILE I 44 -22.23 12.88 55.20
N TRP J 14 15.94 7.69 -16.18
CA TRP J 14 17.22 7.38 -16.80
C TRP J 14 17.14 6.15 -17.70
N VAL J 15 18.23 5.39 -17.75
CA VAL J 15 18.27 4.19 -18.58
C VAL J 15 17.38 3.09 -18.00
N SER J 16 16.66 2.40 -18.88
CA SER J 16 15.79 1.30 -18.47
C SER J 16 15.76 0.20 -19.52
N ALA J 17 15.73 -1.05 -19.06
CA ALA J 17 15.62 -2.20 -19.94
C ALA J 17 14.33 -2.12 -20.74
N ALA J 18 14.28 -2.81 -21.87
CA ALA J 18 13.10 -2.76 -22.74
C ALA J 18 12.25 -4.02 -22.63
N GLY J 40 38.21 4.83 -12.15
CA GLY J 40 38.52 3.52 -11.58
C GLY J 40 39.18 2.61 -12.60
N ILE J 41 40.17 1.85 -12.13
CA ILE J 41 40.87 0.91 -13.00
C ILE J 41 40.09 -0.38 -13.16
N LEU J 42 39.70 -0.69 -14.39
CA LEU J 42 38.99 -1.92 -14.68
C LEU J 42 39.92 -3.01 -15.21
N GLN J 43 39.47 -4.25 -15.14
CA GLN J 43 40.31 -5.38 -15.53
C GLN J 43 39.82 -6.03 -16.83
N ILE J 44 40.72 -6.14 -17.79
CA ILE J 44 40.41 -6.78 -19.07
C ILE J 44 41.14 -8.12 -19.21
N TRP K 14 -1.82 4.54 -21.81
CA TRP K 14 -2.20 3.62 -22.88
C TRP K 14 -2.62 4.37 -24.14
N VAL K 15 -3.54 3.78 -24.89
CA VAL K 15 -4.03 4.37 -26.13
C VAL K 15 -4.88 5.60 -25.88
N SER K 16 -4.65 6.66 -26.64
CA SER K 16 -5.44 7.87 -26.52
C SER K 16 -5.69 8.52 -27.89
N ALA K 17 -6.87 9.12 -28.04
CA ALA K 17 -7.21 9.83 -29.27
C ALA K 17 -6.28 11.02 -29.46
N ALA K 18 -6.16 11.49 -30.69
CA ALA K 18 -5.25 12.59 -30.99
C ALA K 18 -5.98 13.91 -31.20
N GLY K 40 -14.86 -13.87 -26.57
CA GLY K 40 -16.22 -13.51 -26.92
C GLY K 40 -16.50 -13.66 -28.41
N ILE K 41 -17.71 -14.10 -28.73
CA ILE K 41 -18.11 -14.26 -30.12
C ILE K 41 -18.70 -12.97 -30.68
N LEU K 42 -18.03 -12.41 -31.69
CA LEU K 42 -18.49 -11.20 -32.33
C LEU K 42 -19.28 -11.51 -33.60
N GLN K 43 -20.04 -10.52 -34.08
CA GLN K 43 -20.90 -10.73 -35.23
C GLN K 43 -20.44 -9.94 -36.45
N ILE K 44 -20.22 -10.65 -37.55
CA ILE K 44 -19.82 -10.03 -38.80
C ILE K 44 -20.98 -10.03 -39.80
N TRP L 14 5.07 21.78 -21.68
CA TRP L 14 5.09 22.67 -22.83
C TRP L 14 6.50 22.82 -23.39
N VAL L 15 6.80 24.01 -23.94
CA VAL L 15 8.10 24.28 -24.53
C VAL L 15 9.19 24.37 -23.47
N SER L 16 10.35 23.77 -23.75
CA SER L 16 11.48 23.82 -22.85
C SER L 16 12.80 23.86 -23.62
N ALA L 17 13.76 24.64 -23.11
CA ALA L 17 15.09 24.71 -23.71
C ALA L 17 15.75 23.33 -23.68
N ALA L 18 16.75 23.14 -24.53
CA ALA L 18 17.40 21.84 -24.64
C ALA L 18 18.78 21.81 -23.98
N GLY L 40 -1.72 41.63 -28.57
CA GLY L 40 -0.84 42.70 -28.13
C GLY L 40 0.02 43.23 -29.26
N ILE L 41 0.29 44.53 -29.24
CA ILE L 41 1.11 45.17 -30.27
C ILE L 41 2.60 45.08 -29.95
N LEU L 42 3.34 44.39 -30.82
CA LEU L 42 4.79 44.26 -30.64
C LEU L 42 5.55 45.28 -31.47
N GLN L 43 6.81 45.51 -31.11
CA GLN L 43 7.61 46.53 -31.78
C GLN L 43 8.73 45.92 -32.64
N ILE L 44 8.77 46.33 -33.89
CA ILE L 44 9.79 45.86 -34.82
C ILE L 44 10.74 46.99 -35.19
#